data_4R6A
#
_entry.id   4R6A
#
_cell.length_a   71.143
_cell.length_b   122.211
_cell.length_c   107.778
_cell.angle_alpha   90.00
_cell.angle_beta   91.13
_cell.angle_gamma   90.00
#
_symmetry.space_group_name_H-M   'P 1 21 1'
#
loop_
_entity.id
_entity.type
_entity.pdbx_description
1 polymer 'Toll-like receptor 8'
2 branched alpha-D-mannopyranose-(1-3)-beta-D-mannopyranose-(1-4)-2-acetamido-2-deoxy-beta-D-glucopyranose-(1-4)-2-acetamido-2-deoxy-beta-D-glucopyranose
3 branched beta-D-mannopyranose-(1-4)-2-acetamido-2-deoxy-beta-D-glucopyranose-(1-4)-2-acetamido-2-deoxy-beta-D-glucopyranose
4 branched alpha-D-mannopyranose-(1-6)-beta-D-mannopyranose-(1-4)-2-acetamido-2-deoxy-beta-D-glucopyranose-(1-4)-2-acetamido-2-deoxy-beta-D-glucopyranose
5 non-polymer 2-acetamido-2-deoxy-beta-D-glucopyranose
6 non-polymer 1-(4-amino-2-butyl-1H-imidazo[4,5-c]quinolin-1-yl)-2-methylpropan-2-ol
7 water water
#
_entity_poly.entity_id   1
_entity_poly.type   'polypeptide(L)'
_entity_poly.pdbx_seq_one_letter_code
;RSPWEENFSRSYPCDEKKQNDSVIAECSNRRLQEVPQTVGKYVTELDLSDNFITHITNESFQGLQNLTKINLNHNPNVQH
QNGNPGIQSNGLNITDGAFLNLKNLRELLLEDNQLPQIPSGLPESLTELSLIQNNIYNITKEGISRLINLKNLYLAWNCY
FNKVCEKTNIEDGVFETLTNLELLSLSFNSLSHVPPKLPSSLRKLFLSNTQIKYISEEDFKGLINLTLLDLSGNCPRCFN
APFPCVPCDGGASINIDRFAFQNLTQLRYLNLSSTSLRKINAAWFKNMPHLKVLDLEFNYLVGEIASGAFLTMLPRLEIL
DLSFNYIKGSYPQHINISRNFSKLLSLRALHLRGYVFQELREDDFQPLMQLPNLSTINLGINFIKQIDFKLFQNFSNLEI
IYLSENRISPLVKDTRQSYANSSSFQRHIRKRRSTDFEFDPHSNFYHFTRPLIKPQCAAYGKALDLSLNSIFFIGPNQFE
NLPDIACLNLSANSNAQVLSGTEFSAIPHVKYLDLTNNRLDFDNASALTELSDLEVLDLSYNSHYFRIAGVTHHLEFIQN
FTNLKVLNLSHNNIYTLTDKYNLESKSLVELVFSGNRLDILWNDDDNRYISIFKGLKNLTRLDLSLNRLKHIPNEAFLNL
PASLTELHINDNMLKFFNWTLLQQFPRLELLDLRGNKLLFLTDSLSDFTSSLRTLLLSHNRISHLPSGFLSEVSSLKHLD
LSSNLLKTINKSALETKTTTKLSMLELHGNPFECTCDIGDFRRWMDEHLNVKIPRLVDVICASPGDQRGKSIVSLELTTC
VSDVTEFLVPR
;
_entity_poly.pdbx_strand_id   A,B
#
# COMPACT_ATOMS: atom_id res chain seq x y z
N SER A 9 -32.25 15.78 28.36
CA SER A 9 -31.70 16.24 27.05
C SER A 9 -31.12 15.03 26.32
N ARG A 10 -30.22 15.29 25.37
CA ARG A 10 -29.49 14.26 24.63
C ARG A 10 -28.28 13.90 25.50
N SER A 11 -28.09 12.61 25.81
CA SER A 11 -27.08 12.22 26.81
C SER A 11 -25.67 12.61 26.38
N TYR A 12 -24.80 12.88 27.35
CA TYR A 12 -23.50 13.47 27.05
C TYR A 12 -22.55 13.35 28.26
N PRO A 13 -21.27 13.05 28.02
CA PRO A 13 -20.72 12.80 26.68
C PRO A 13 -20.77 11.32 26.27
N CYS A 14 -21.42 10.48 27.04
CA CYS A 14 -21.52 9.08 26.67
C CYS A 14 -22.63 8.90 25.65
N ASP A 15 -22.69 7.72 25.04
CA ASP A 15 -23.78 7.35 24.15
C ASP A 15 -24.53 6.27 24.83
N GLU A 16 -25.71 6.55 25.34
CA GLU A 16 -26.51 5.50 25.97
C GLU A 16 -27.10 4.55 24.93
N LYS A 17 -27.57 3.39 25.39
CA LYS A 17 -27.96 2.27 24.53
C LYS A 17 -28.29 1.11 25.45
N LYS A 18 -29.38 0.39 25.21
CA LYS A 18 -29.86 -0.62 26.19
C LYS A 18 -30.00 -2.01 25.58
N GLN A 19 -29.88 -3.06 26.40
CA GLN A 19 -29.69 -4.43 25.89
C GLN A 19 -30.57 -5.54 26.47
N ASN A 20 -30.16 -6.09 27.61
CA ASN A 20 -30.68 -7.37 28.13
C ASN A 20 -31.65 -7.37 29.35
N ASP A 21 -32.42 -6.32 29.65
CA ASP A 21 -32.20 -4.94 29.19
C ASP A 21 -31.38 -4.22 30.24
N SER A 22 -30.07 -4.16 30.02
CA SER A 22 -29.19 -3.25 30.73
C SER A 22 -29.22 -1.93 29.98
N VAL A 23 -28.54 -0.93 30.54
CA VAL A 23 -28.44 0.38 29.91
C VAL A 23 -26.95 0.84 29.95
N ILE A 24 -26.24 0.54 28.85
CA ILE A 24 -24.81 0.80 28.71
C ILE A 24 -24.54 2.22 28.27
N ALA A 25 -23.67 2.90 29.00
CA ALA A 25 -23.12 4.18 28.55
C ALA A 25 -21.76 3.91 27.91
N GLU A 26 -21.73 3.88 26.58
CA GLU A 26 -20.48 3.81 25.88
C GLU A 26 -19.92 5.19 26.03
N CYS A 27 -18.80 5.29 26.71
CA CYS A 27 -18.20 6.56 27.02
C CYS A 27 -16.70 6.48 26.85
N SER A 28 -16.27 5.48 26.10
CA SER A 28 -14.86 5.18 25.94
C SER A 28 -14.24 6.09 24.91
N ASN A 29 -12.96 6.33 25.07
CA ASN A 29 -12.17 6.94 24.02
C ASN A 29 -12.68 8.30 23.59
N ARG A 30 -12.53 9.31 24.47
CA ARG A 30 -13.14 10.64 24.29
C ARG A 30 -12.35 11.80 24.84
N ARG A 31 -11.11 11.57 25.24
CA ARG A 31 -10.28 12.59 25.87
C ARG A 31 -10.85 13.11 27.21
N LEU A 32 -11.70 12.30 27.86
CA LEU A 32 -12.26 12.61 29.18
C LEU A 32 -11.17 12.63 30.20
N GLN A 33 -11.06 13.73 30.93
CA GLN A 33 -10.02 13.90 31.95
C GLN A 33 -10.48 13.53 33.37
N GLU A 34 -11.78 13.27 33.52
CA GLU A 34 -12.36 12.88 34.80
C GLU A 34 -13.66 12.13 34.53
N VAL A 35 -14.08 11.27 35.46
CA VAL A 35 -15.37 10.63 35.29
C VAL A 35 -16.38 11.76 35.14
N PRO A 36 -17.13 11.78 34.02
CA PRO A 36 -18.03 12.89 33.87
C PRO A 36 -19.14 12.68 34.86
N GLN A 37 -19.61 13.73 35.52
CA GLN A 37 -20.76 13.54 36.41
C GLN A 37 -22.08 14.01 35.79
N THR A 38 -22.04 14.41 34.51
CA THR A 38 -23.26 14.46 33.66
C THR A 38 -23.61 13.08 33.09
N VAL A 39 -22.95 12.05 33.62
CA VAL A 39 -23.13 10.68 33.13
C VAL A 39 -24.60 10.33 33.06
N GLY A 40 -25.41 10.93 33.92
CA GLY A 40 -26.81 10.64 33.91
C GLY A 40 -27.10 9.30 34.55
N LYS A 41 -28.25 9.27 35.20
CA LYS A 41 -28.48 8.46 36.40
C LYS A 41 -29.31 7.20 36.13
N TYR A 42 -29.44 6.82 34.87
CA TYR A 42 -30.18 5.62 34.57
C TYR A 42 -29.26 4.49 34.21
N VAL A 43 -27.98 4.84 34.06
CA VAL A 43 -27.02 3.92 33.47
C VAL A 43 -26.68 2.84 34.49
N THR A 44 -26.64 1.61 34.01
CA THR A 44 -26.05 0.52 34.76
C THR A 44 -24.58 0.48 34.32
N GLU A 45 -24.24 -0.47 33.44
CA GLU A 45 -22.88 -0.62 32.89
C GLU A 45 -22.30 0.64 32.22
N LEU A 46 -21.20 1.22 32.72
CA LEU A 46 -20.52 2.21 31.91
C LEU A 46 -19.09 1.90 31.55
N ASP A 47 -18.71 2.41 30.38
CA ASP A 47 -17.42 2.14 29.82
C ASP A 47 -16.70 3.45 29.65
N LEU A 48 -15.65 3.65 30.44
CA LEU A 48 -14.80 4.82 30.36
C LEU A 48 -13.38 4.46 29.95
N SER A 49 -13.21 3.34 29.25
CA SER A 49 -11.88 2.91 28.87
C SER A 49 -11.28 3.83 27.83
N ASP A 50 -9.96 3.88 27.85
CA ASP A 50 -9.21 4.69 26.90
C ASP A 50 -9.59 6.16 26.95
N ASN A 51 -9.55 6.75 28.14
CA ASN A 51 -9.77 8.18 28.32
C ASN A 51 -8.55 8.77 29.01
N PHE A 52 -8.60 10.04 29.41
CA PHE A 52 -7.43 10.65 30.06
C PHE A 52 -7.60 10.80 31.56
N ILE A 53 -8.44 9.94 32.15
CA ILE A 53 -8.71 9.96 33.58
C ILE A 53 -7.50 9.51 34.40
N THR A 54 -7.15 10.31 35.41
CA THR A 54 -6.00 10.04 36.27
C THR A 54 -6.34 9.95 37.78
N HIS A 55 -7.60 10.21 38.16
CA HIS A 55 -8.02 10.10 39.58
C HIS A 55 -9.37 9.44 39.68
N ILE A 56 -9.54 8.58 40.67
CA ILE A 56 -10.86 8.07 40.98
C ILE A 56 -11.07 8.32 42.47
N THR A 57 -12.32 8.48 42.86
CA THR A 57 -12.68 9.07 44.15
C THR A 57 -14.11 8.64 44.50
N ASN A 58 -14.47 8.66 45.78
CA ASN A 58 -15.85 8.27 46.17
C ASN A 58 -16.88 9.23 45.53
N GLU A 59 -16.46 10.46 45.25
CA GLU A 59 -17.22 11.40 44.38
C GLU A 59 -17.51 10.84 42.97
N SER A 60 -16.47 10.33 42.32
CA SER A 60 -16.52 9.93 40.92
C SER A 60 -17.81 9.21 40.50
N PHE A 61 -18.32 8.33 41.35
CA PHE A 61 -19.56 7.65 41.05
C PHE A 61 -20.61 7.91 42.12
N GLN A 62 -20.53 9.08 42.75
CA GLN A 62 -21.29 9.32 43.97
C GLN A 62 -22.79 9.35 43.74
N GLY A 63 -23.22 9.75 42.53
CA GLY A 63 -24.63 9.68 42.16
C GLY A 63 -24.96 8.66 41.08
N LEU A 64 -24.38 7.45 41.18
CA LEU A 64 -24.57 6.39 40.17
C LEU A 64 -24.41 4.99 40.78
N GLN A 65 -25.51 4.34 41.10
CA GLN A 65 -25.46 3.13 41.91
C GLN A 65 -26.44 2.09 41.42
N ASN A 66 -26.79 2.19 40.15
CA ASN A 66 -27.47 1.13 39.45
C ASN A 66 -26.38 0.33 38.69
N LEU A 67 -25.21 0.94 38.61
CA LEU A 67 -24.03 0.38 37.94
C LEU A 67 -23.71 -1.02 38.41
N THR A 68 -24.01 -2.02 37.56
CA THR A 68 -23.50 -3.38 37.77
C THR A 68 -22.02 -3.54 37.34
N LYS A 69 -21.56 -2.71 36.43
CA LYS A 69 -20.32 -2.98 35.74
C LYS A 69 -19.62 -1.66 35.41
N ILE A 70 -18.32 -1.59 35.66
CA ILE A 70 -17.53 -0.46 35.27
C ILE A 70 -16.25 -0.92 34.57
N ASN A 71 -15.92 -0.23 33.47
CA ASN A 71 -14.69 -0.47 32.72
C ASN A 71 -13.85 0.78 32.62
N LEU A 72 -12.75 0.78 33.35
CA LEU A 72 -11.79 1.89 33.33
C LEU A 72 -10.45 1.52 32.70
N ASN A 73 -10.45 0.46 31.91
CA ASN A 73 -9.23 0.03 31.22
C ASN A 73 -8.55 1.14 30.44
N HIS A 74 -7.22 1.20 30.52
CA HIS A 74 -6.41 2.08 29.67
C HIS A 74 -6.59 3.56 30.02
N ASN A 75 -6.70 3.85 31.30
CA ASN A 75 -6.69 5.23 31.80
C ASN A 75 -5.43 5.48 32.64
N PRO A 76 -4.85 6.67 32.57
CA PRO A 76 -5.08 7.63 31.52
C PRO A 76 -4.38 7.11 30.30
N ASN A 77 -4.88 7.46 29.11
CA ASN A 77 -4.30 6.98 27.86
C ASN A 77 -3.04 7.79 27.45
N VAL A 78 -2.04 7.76 28.34
CA VAL A 78 -0.78 8.54 28.26
C VAL A 78 -0.78 9.68 27.24
N ASN A 90 1.72 9.07 34.26
CA ASN A 90 1.24 9.26 35.62
C ASN A 90 0.78 7.95 36.23
N GLY A 91 -0.25 7.36 35.63
CA GLY A 91 -0.99 6.24 36.21
C GLY A 91 -2.41 6.63 36.63
N LEU A 92 -3.25 5.63 36.93
CA LEU A 92 -4.57 5.88 37.53
C LEU A 92 -4.48 5.81 39.06
N ASN A 93 -4.96 6.87 39.71
CA ASN A 93 -4.90 7.02 41.15
C ASN A 93 -6.29 6.74 41.66
N ILE A 94 -6.47 5.59 42.32
CA ILE A 94 -7.78 5.24 42.90
C ILE A 94 -7.75 5.23 44.44
N THR A 95 -8.51 6.12 45.05
CA THR A 95 -8.51 6.24 46.51
C THR A 95 -9.17 5.07 47.18
N ASP A 96 -8.76 4.82 48.41
CA ASP A 96 -9.38 3.78 49.22
C ASP A 96 -10.86 4.00 49.28
N GLY A 97 -11.62 2.93 49.07
CA GLY A 97 -13.07 2.97 49.25
C GLY A 97 -13.83 3.60 48.10
N ALA A 98 -13.12 4.23 47.16
CA ALA A 98 -13.73 4.85 46.00
C ALA A 98 -15.01 4.16 45.53
N PHE A 99 -15.01 2.84 45.42
CA PHE A 99 -16.11 2.09 44.84
C PHE A 99 -17.05 1.50 45.87
N LEU A 100 -16.71 1.71 47.15
CA LEU A 100 -17.33 0.96 48.23
C LEU A 100 -18.85 1.17 48.31
N ASN A 101 -19.32 2.35 47.90
CA ASN A 101 -20.75 2.64 47.92
C ASN A 101 -21.60 2.01 46.82
N LEU A 102 -20.96 1.45 45.80
CA LEU A 102 -21.73 0.78 44.74
C LEU A 102 -22.03 -0.66 45.18
N LYS A 103 -23.21 -0.87 45.77
CA LYS A 103 -23.54 -2.18 46.37
C LYS A 103 -24.01 -3.16 45.32
N ASN A 104 -24.17 -2.66 44.10
CA ASN A 104 -24.69 -3.42 42.98
C ASN A 104 -23.56 -3.93 42.09
N LEU A 105 -22.35 -3.45 42.35
CA LEU A 105 -21.22 -3.55 41.43
C LEU A 105 -20.71 -4.99 41.34
N ARG A 106 -20.92 -5.66 40.21
CA ARG A 106 -20.47 -7.06 40.06
C ARG A 106 -19.15 -7.20 39.27
N GLU A 107 -18.85 -6.22 38.40
CA GLU A 107 -17.78 -6.35 37.42
C GLU A 107 -16.97 -5.08 37.35
N LEU A 108 -15.69 -5.15 37.75
CA LEU A 108 -14.77 -4.02 37.71
C LEU A 108 -13.53 -4.34 36.88
N LEU A 109 -13.32 -3.55 35.83
CA LEU A 109 -12.25 -3.75 34.87
C LEU A 109 -11.30 -2.60 34.99
N LEU A 110 -10.06 -2.91 35.38
CA LEU A 110 -9.05 -1.95 35.76
C LEU A 110 -7.69 -2.27 35.12
N GLU A 111 -7.75 -2.62 33.84
CA GLU A 111 -6.60 -3.11 33.10
C GLU A 111 -5.78 -1.95 32.59
N ASP A 112 -4.46 -2.08 32.66
CA ASP A 112 -3.57 -1.18 31.95
C ASP A 112 -3.67 0.26 32.52
N ASN A 113 -3.70 0.33 33.84
CA ASN A 113 -3.84 1.59 34.56
C ASN A 113 -2.58 2.00 35.36
N GLN A 114 -1.51 1.23 35.19
CA GLN A 114 -0.29 1.40 35.97
C GLN A 114 -0.57 1.48 37.47
N LEU A 115 -1.50 0.65 37.96
CA LEU A 115 -1.74 0.48 39.38
C LEU A 115 -0.53 -0.15 40.07
N PRO A 116 -0.11 0.43 41.21
CA PRO A 116 0.96 -0.15 42.03
C PRO A 116 0.44 -1.14 43.05
N GLN A 117 -0.87 -1.18 43.24
CA GLN A 117 -1.45 -2.00 44.29
C GLN A 117 -2.88 -2.37 43.95
N ILE A 118 -3.38 -3.43 44.55
CA ILE A 118 -4.80 -3.67 44.49
C ILE A 118 -5.50 -2.54 45.26
N PRO A 119 -6.45 -1.87 44.62
CA PRO A 119 -7.12 -0.81 45.35
C PRO A 119 -7.75 -1.29 46.67
N SER A 120 -7.77 -0.43 47.67
CA SER A 120 -8.29 -0.77 48.99
C SER A 120 -9.77 -0.42 49.08
N GLY A 121 -10.53 -1.22 49.80
CA GLY A 121 -11.92 -0.90 50.08
C GLY A 121 -12.83 -1.08 48.89
N LEU A 122 -12.65 -2.22 48.22
CA LEU A 122 -13.50 -2.60 47.12
C LEU A 122 -14.76 -3.26 47.66
N PRO A 123 -15.89 -3.10 46.94
CA PRO A 123 -17.16 -3.64 47.38
C PRO A 123 -17.29 -5.16 47.39
N GLU A 124 -17.80 -5.68 48.50
CA GLU A 124 -18.02 -7.10 48.72
C GLU A 124 -18.94 -7.72 47.65
N SER A 125 -19.67 -6.88 46.92
CA SER A 125 -20.51 -7.33 45.81
C SER A 125 -19.76 -7.90 44.58
N LEU A 126 -18.49 -7.52 44.40
CA LEU A 126 -17.75 -7.86 43.18
C LEU A 126 -17.75 -9.35 42.87
N THR A 127 -18.15 -9.74 41.67
CA THR A 127 -17.99 -11.12 41.19
C THR A 127 -16.87 -11.29 40.13
N GLU A 128 -16.55 -10.19 39.47
CA GLU A 128 -15.49 -10.15 38.48
C GLU A 128 -14.56 -8.94 38.69
N LEU A 129 -13.26 -9.20 38.79
CA LEU A 129 -12.28 -8.14 39.00
C LEU A 129 -11.05 -8.32 38.09
N SER A 130 -10.81 -7.36 37.19
CA SER A 130 -9.66 -7.47 36.30
C SER A 130 -8.63 -6.36 36.49
N LEU A 131 -7.41 -6.83 36.75
CA LEU A 131 -6.27 -6.04 37.12
C LEU A 131 -5.08 -6.44 36.22
N ILE A 132 -5.40 -6.89 35.01
CA ILE A 132 -4.40 -7.27 34.02
C ILE A 132 -3.58 -6.04 33.62
N GLN A 133 -2.29 -6.24 33.37
CA GLN A 133 -1.41 -5.21 32.83
C GLN A 133 -1.34 -3.99 33.77
N ASN A 134 -0.99 -4.24 35.03
CA ASN A 134 -0.62 -3.17 35.93
C ASN A 134 0.79 -3.41 36.47
N ASN A 135 1.13 -2.73 37.55
CA ASN A 135 2.36 -2.93 38.31
C ASN A 135 2.08 -3.43 39.72
N ILE A 136 1.19 -4.40 39.84
CA ILE A 136 0.90 -5.01 41.14
C ILE A 136 1.79 -6.22 41.37
N TYR A 137 2.66 -6.10 42.36
CA TYR A 137 3.58 -7.16 42.77
C TYR A 137 3.31 -7.76 44.18
N ASN A 138 2.20 -7.36 44.80
CA ASN A 138 1.83 -7.88 46.08
C ASN A 138 0.35 -8.26 46.04
N ILE A 139 0.03 -9.54 46.31
CA ILE A 139 -1.36 -9.98 46.40
C ILE A 139 -1.72 -10.21 47.87
N THR A 140 -2.50 -9.28 48.43
CA THR A 140 -2.70 -9.18 49.88
C THR A 140 -4.07 -9.61 50.34
N LYS A 141 -4.12 -10.15 51.54
CA LYS A 141 -5.39 -10.40 52.21
C LYS A 141 -6.25 -9.15 52.33
N GLU A 142 -5.64 -8.04 52.68
CA GLU A 142 -6.39 -6.85 52.83
C GLU A 142 -6.98 -6.40 51.51
N GLY A 143 -6.25 -6.55 50.41
CA GLY A 143 -6.82 -6.26 49.10
C GLY A 143 -7.98 -7.15 48.62
N ILE A 144 -7.96 -8.44 48.97
CA ILE A 144 -8.72 -9.48 48.29
C ILE A 144 -9.68 -10.25 49.21
N SER A 145 -9.25 -10.56 50.42
CA SER A 145 -9.94 -11.59 51.19
C SER A 145 -11.37 -11.24 51.57
N ARG A 146 -11.71 -9.96 51.56
CA ARG A 146 -13.07 -9.51 51.80
C ARG A 146 -14.02 -9.76 50.60
N LEU A 147 -13.45 -10.01 49.41
CA LEU A 147 -14.23 -10.13 48.19
C LEU A 147 -14.74 -11.56 48.01
N ILE A 148 -15.42 -12.04 49.04
CA ILE A 148 -15.93 -13.40 49.12
C ILE A 148 -16.92 -13.76 48.02
N ASN A 149 -17.46 -12.77 47.33
CA ASN A 149 -18.28 -13.05 46.16
C ASN A 149 -17.53 -13.19 44.82
N LEU A 150 -16.22 -13.00 44.81
CA LEU A 150 -15.42 -13.11 43.56
C LEU A 150 -15.56 -14.51 42.91
N LYS A 151 -15.89 -14.49 41.62
CA LYS A 151 -15.88 -15.69 40.79
C LYS A 151 -14.70 -15.71 39.84
N ASN A 152 -14.38 -14.55 39.23
CA ASN A 152 -13.22 -14.41 38.33
C ASN A 152 -12.30 -13.28 38.74
N LEU A 153 -11.05 -13.65 38.99
CA LEU A 153 -10.00 -12.71 39.32
C LEU A 153 -8.84 -12.80 38.31
N TYR A 154 -8.63 -11.72 37.57
CA TYR A 154 -7.54 -11.61 36.61
C TYR A 154 -6.41 -10.70 37.12
N LEU A 155 -5.24 -11.31 37.35
CA LEU A 155 -4.04 -10.61 37.82
C LEU A 155 -2.84 -10.80 36.89
N ALA A 156 -3.08 -11.24 35.66
CA ALA A 156 -2.02 -11.55 34.73
C ALA A 156 -1.29 -10.28 34.20
N TRP A 157 -0.07 -10.50 33.73
CA TRP A 157 0.71 -9.48 32.99
C TRP A 157 1.10 -8.26 33.85
N ASN A 158 1.49 -8.51 35.10
CA ASN A 158 2.05 -7.46 35.89
C ASN A 158 3.58 -7.45 35.95
N CYS A 159 4.21 -8.63 35.79
CA CYS A 159 5.67 -8.71 35.79
C CYS A 159 6.19 -9.78 34.83
N TYR A 160 6.81 -9.30 33.76
CA TYR A 160 7.10 -10.16 32.62
C TYR A 160 8.19 -9.52 31.75
N PHE A 161 8.80 -10.35 30.92
CA PHE A 161 9.77 -9.91 29.91
C PHE A 161 10.87 -9.10 30.58
N ASN A 162 11.28 -7.96 30.03
CA ASN A 162 12.31 -7.12 30.64
C ASN A 162 11.71 -5.91 31.27
N LYS A 163 10.42 -5.97 31.60
CA LYS A 163 9.82 -4.97 32.47
C LYS A 163 10.65 -4.84 33.75
N VAL A 164 10.72 -3.63 34.29
CA VAL A 164 11.27 -3.42 35.60
C VAL A 164 10.13 -3.69 36.59
N CYS A 165 10.27 -4.73 37.41
CA CYS A 165 9.20 -5.15 38.32
C CYS A 165 9.74 -6.08 39.41
N GLU A 166 8.95 -6.32 40.46
CA GLU A 166 9.34 -7.31 41.49
C GLU A 166 8.71 -8.69 41.30
N LYS A 167 9.38 -9.66 41.89
CA LYS A 167 8.80 -10.96 42.13
C LYS A 167 7.46 -10.74 42.82
N THR A 168 6.51 -11.60 42.53
CA THR A 168 5.16 -11.45 43.03
C THR A 168 5.07 -12.10 44.38
N ASN A 169 4.58 -11.35 45.35
CA ASN A 169 4.38 -11.85 46.68
C ASN A 169 2.89 -12.06 46.90
N ILE A 170 2.55 -13.32 47.14
CA ILE A 170 1.17 -13.72 47.35
C ILE A 170 1.07 -14.03 48.81
N GLU A 171 0.31 -13.24 49.56
CA GLU A 171 0.11 -13.54 50.99
C GLU A 171 -0.43 -14.97 51.18
N ASP A 172 0.14 -15.71 52.12
CA ASP A 172 -0.26 -17.09 52.32
C ASP A 172 -1.71 -17.10 52.70
N GLY A 173 -2.49 -17.92 52.01
CA GLY A 173 -3.92 -18.06 52.25
C GLY A 173 -4.83 -17.00 51.64
N VAL A 174 -4.27 -16.05 50.88
CA VAL A 174 -5.08 -14.95 50.36
C VAL A 174 -6.30 -15.42 49.53
N PHE A 175 -6.20 -16.59 48.92
CA PHE A 175 -7.25 -17.07 48.03
C PHE A 175 -8.22 -18.00 48.79
N GLU A 176 -7.84 -18.43 49.99
CA GLU A 176 -8.70 -19.32 50.81
C GLU A 176 -10.12 -18.84 51.12
N THR A 177 -10.32 -17.54 51.34
CA THR A 177 -11.67 -17.07 51.74
C THR A 177 -12.61 -17.02 50.53
N LEU A 178 -12.01 -16.90 49.36
CA LEU A 178 -12.75 -16.84 48.11
C LEU A 178 -13.31 -18.21 47.72
N THR A 179 -14.37 -18.62 48.41
CA THR A 179 -14.89 -19.98 48.28
C THR A 179 -15.85 -20.14 47.13
N ASN A 180 -16.19 -19.02 46.46
CA ASN A 180 -16.84 -19.04 45.17
C ASN A 180 -15.92 -18.72 43.97
N LEU A 181 -14.60 -18.70 44.19
CA LEU A 181 -13.64 -18.43 43.11
C LEU A 181 -13.59 -19.57 42.10
N GLU A 182 -13.91 -19.25 40.84
CA GLU A 182 -13.93 -20.25 39.72
C GLU A 182 -12.83 -20.04 38.69
N LEU A 183 -12.42 -18.80 38.52
CA LEU A 183 -11.33 -18.47 37.59
C LEU A 183 -10.29 -17.62 38.27
N LEU A 184 -9.08 -18.15 38.29
CA LEU A 184 -7.92 -17.41 38.74
C LEU A 184 -6.86 -17.38 37.65
N SER A 185 -6.46 -16.16 37.30
CA SER A 185 -5.37 -15.97 36.34
C SER A 185 -4.22 -15.13 36.87
N LEU A 186 -3.06 -15.80 36.96
CA LEU A 186 -1.83 -15.18 37.50
C LEU A 186 -0.66 -15.23 36.48
N SER A 187 -0.95 -15.53 35.21
CA SER A 187 0.07 -15.65 34.19
C SER A 187 0.83 -14.33 33.95
N PHE A 188 2.05 -14.48 33.44
CA PHE A 188 2.97 -13.38 33.20
C PHE A 188 3.20 -12.54 34.47
N ASN A 189 3.47 -13.29 35.53
CA ASN A 189 3.98 -12.79 36.78
C ASN A 189 5.09 -13.71 37.20
N SER A 190 6.08 -13.16 37.89
CA SER A 190 7.10 -13.97 38.49
C SER A 190 6.64 -14.56 39.83
N LEU A 191 6.31 -15.84 39.84
CA LEU A 191 5.78 -16.53 41.03
C LEU A 191 6.68 -17.57 41.61
N SER A 192 7.41 -18.29 40.78
CA SER A 192 8.34 -19.31 41.24
C SER A 192 7.71 -20.57 41.77
N HIS A 193 6.63 -20.48 42.56
CA HIS A 193 5.85 -21.67 42.94
C HIS A 193 4.35 -21.46 42.76
N VAL A 194 3.59 -22.54 42.59
CA VAL A 194 2.13 -22.40 42.65
C VAL A 194 1.75 -22.00 44.04
N PRO A 195 0.87 -21.00 44.15
CA PRO A 195 0.65 -20.60 45.52
C PRO A 195 -0.10 -21.71 46.23
N PRO A 196 0.18 -21.92 47.53
CA PRO A 196 -0.61 -22.83 48.34
C PRO A 196 -1.97 -22.25 48.70
N LYS A 197 -2.86 -23.11 49.16
CA LYS A 197 -4.14 -22.67 49.73
C LYS A 197 -5.06 -22.05 48.67
N LEU A 198 -5.23 -22.82 47.61
CA LEU A 198 -6.12 -22.43 46.56
C LEU A 198 -7.50 -22.97 46.92
N PRO A 199 -8.57 -22.19 46.69
CA PRO A 199 -9.87 -22.76 47.03
C PRO A 199 -10.29 -23.79 45.99
N SER A 200 -10.95 -24.86 46.43
CA SER A 200 -11.30 -25.99 45.56
C SER A 200 -12.55 -25.75 44.72
N SER A 201 -13.10 -24.55 44.81
CA SER A 201 -14.12 -24.07 43.91
C SER A 201 -13.54 -23.86 42.47
N LEU A 202 -12.23 -23.65 42.37
CA LEU A 202 -11.63 -23.31 41.08
C LEU A 202 -11.96 -24.27 39.96
N ARG A 203 -12.36 -23.67 38.85
CA ARG A 203 -12.56 -24.38 37.57
C ARG A 203 -11.44 -24.11 36.59
N LYS A 204 -10.94 -22.88 36.55
CA LYS A 204 -9.87 -22.52 35.65
C LYS A 204 -8.71 -21.80 36.33
N LEU A 205 -7.54 -22.40 36.17
CA LEU A 205 -6.32 -21.82 36.72
C LEU A 205 -5.24 -21.59 35.68
N PHE A 206 -4.90 -20.32 35.49
CA PHE A 206 -3.88 -19.88 34.52
C PHE A 206 -2.58 -19.45 35.21
N LEU A 207 -1.51 -20.20 34.97
CA LEU A 207 -0.21 -19.91 35.53
C LEU A 207 0.86 -19.91 34.44
N SER A 208 0.57 -19.28 33.29
CA SER A 208 1.48 -19.31 32.18
C SER A 208 2.61 -18.33 32.47
N ASN A 209 3.85 -18.71 32.12
CA ASN A 209 4.96 -17.76 32.20
C ASN A 209 5.09 -17.14 33.59
N THR A 210 5.23 -17.99 34.61
CA THR A 210 5.24 -17.57 36.01
C THR A 210 6.53 -18.02 36.70
N GLN A 211 7.44 -18.57 35.90
CA GLN A 211 8.76 -19.04 36.34
C GLN A 211 8.70 -20.12 37.39
N ILE A 212 7.74 -21.02 37.23
CA ILE A 212 7.61 -22.21 38.01
C ILE A 212 8.30 -23.44 37.36
N LYS A 213 9.37 -23.90 38.01
CA LYS A 213 10.20 -24.98 37.49
C LYS A 213 9.70 -26.35 37.88
N TYR A 214 8.90 -26.41 38.92
CA TYR A 214 8.57 -27.67 39.62
C TYR A 214 7.11 -27.68 40.05
N ILE A 215 6.42 -28.76 39.75
CA ILE A 215 5.04 -28.96 40.23
C ILE A 215 5.00 -30.19 41.16
N SER A 216 4.73 -29.96 42.44
CA SER A 216 4.66 -31.09 43.39
C SER A 216 3.29 -31.72 43.33
N GLU A 217 3.21 -32.87 43.97
CA GLU A 217 1.95 -33.56 44.21
C GLU A 217 0.95 -32.69 44.96
N GLU A 218 1.45 -31.88 45.85
CA GLU A 218 0.60 -31.08 46.74
C GLU A 218 -0.01 -29.89 46.04
N ASP A 219 0.61 -29.37 44.98
CA ASP A 219 0.20 -28.08 44.40
C ASP A 219 -1.28 -28.03 43.94
N PHE A 220 -1.76 -29.10 43.32
CA PHE A 220 -3.17 -29.11 42.87
C PHE A 220 -4.03 -30.19 43.53
N LYS A 221 -3.61 -30.66 44.70
CA LYS A 221 -4.25 -31.80 45.39
C LYS A 221 -5.78 -31.67 45.56
N GLY A 222 -6.22 -30.53 46.09
CA GLY A 222 -7.64 -30.31 46.38
C GLY A 222 -8.58 -29.91 45.24
N LEU A 223 -8.04 -29.65 44.04
CA LEU A 223 -8.79 -28.96 43.00
C LEU A 223 -9.56 -29.94 42.10
N ILE A 224 -10.53 -30.61 42.71
CA ILE A 224 -11.35 -31.59 42.03
C ILE A 224 -12.32 -31.00 41.03
N ASN A 225 -12.54 -29.68 41.04
CA ASN A 225 -13.48 -29.10 40.11
C ASN A 225 -12.81 -28.50 38.87
N LEU A 226 -11.48 -28.54 38.83
CA LEU A 226 -10.72 -27.87 37.77
C LEU A 226 -11.01 -28.43 36.40
N THR A 227 -11.44 -27.58 35.47
CA THR A 227 -11.59 -27.99 34.06
C THR A 227 -10.46 -27.45 33.19
N LEU A 228 -9.81 -26.37 33.63
CA LEU A 228 -8.64 -25.88 32.90
C LEU A 228 -7.41 -25.62 33.76
N LEU A 229 -6.26 -26.05 33.23
CA LEU A 229 -4.96 -25.79 33.83
C LEU A 229 -3.96 -25.37 32.74
N ASP A 230 -3.33 -24.22 32.95
CA ASP A 230 -2.39 -23.60 32.01
C ASP A 230 -1.04 -23.38 32.71
N LEU A 231 -0.06 -24.22 32.39
CA LEU A 231 1.32 -24.13 32.90
C LEU A 231 2.30 -23.86 31.77
N SER A 232 1.81 -23.37 30.67
CA SER A 232 2.65 -23.06 29.53
C SER A 232 3.74 -22.04 29.90
N GLY A 233 4.87 -22.12 29.19
CA GLY A 233 5.93 -21.12 29.34
C GLY A 233 6.71 -21.14 30.66
N ASN A 234 6.59 -22.23 31.39
CA ASN A 234 7.38 -22.49 32.57
C ASN A 234 8.44 -23.47 32.16
N CYS A 235 9.71 -23.05 32.30
CA CYS A 235 10.84 -23.69 31.59
C CYS A 235 10.72 -23.57 30.05
N PRO A 236 10.59 -22.34 29.60
CA PRO A 236 10.34 -22.11 28.17
C PRO A 236 11.38 -22.67 27.21
N ARG A 237 10.94 -22.94 25.99
CA ARG A 237 11.87 -23.20 24.89
C ARG A 237 12.15 -21.85 24.29
N CYS A 238 13.33 -21.32 24.52
CA CYS A 238 13.59 -19.95 24.09
C CYS A 238 14.18 -19.75 22.73
N PHE A 239 14.63 -20.81 22.04
CA PHE A 239 15.22 -20.57 20.72
C PHE A 239 14.32 -19.76 19.81
N ASN A 240 14.88 -18.74 19.19
CA ASN A 240 14.10 -17.90 18.26
C ASN A 240 12.83 -17.24 18.84
N ALA A 241 12.78 -17.01 20.14
CA ALA A 241 11.60 -16.44 20.76
C ALA A 241 11.30 -15.01 20.30
N PRO A 242 10.00 -14.71 20.07
CA PRO A 242 9.65 -13.35 19.68
C PRO A 242 9.44 -12.40 20.85
N PHE A 243 10.02 -12.73 22.01
CA PHE A 243 9.92 -11.95 23.26
C PHE A 243 11.15 -12.34 24.10
N PRO A 244 11.50 -11.53 25.10
CA PRO A 244 12.65 -11.83 25.96
C PRO A 244 12.34 -13.04 26.79
N CYS A 245 13.15 -14.08 26.68
CA CYS A 245 12.78 -15.42 27.15
C CYS A 245 13.94 -15.97 27.99
N VAL A 246 13.61 -16.41 29.18
CA VAL A 246 14.57 -16.89 30.15
C VAL A 246 14.30 -18.37 30.35
N PRO A 247 15.16 -19.27 29.82
CA PRO A 247 14.95 -20.69 30.04
C PRO A 247 15.30 -21.18 31.47
N CYS A 248 14.90 -22.41 31.78
CA CYS A 248 15.38 -23.10 32.96
C CYS A 248 16.86 -23.45 32.75
N ASP A 249 17.57 -23.77 33.82
CA ASP A 249 19.01 -23.98 33.71
C ASP A 249 19.33 -25.09 32.75
N GLY A 250 20.25 -24.82 31.83
CA GLY A 250 20.55 -25.73 30.75
C GLY A 250 19.36 -26.01 29.82
N GLY A 251 18.36 -25.13 29.81
CA GLY A 251 17.17 -25.33 28.98
C GLY A 251 16.39 -26.58 29.28
N ALA A 252 16.42 -26.97 30.55
CA ALA A 252 15.78 -28.17 30.99
C ALA A 252 14.28 -28.01 30.97
N SER A 253 13.64 -29.17 31.11
CA SER A 253 12.21 -29.37 31.08
C SER A 253 11.59 -28.88 32.37
N ILE A 254 10.32 -28.49 32.32
CA ILE A 254 9.59 -28.30 33.55
C ILE A 254 9.59 -29.67 34.22
N ASN A 255 9.47 -29.66 35.54
CA ASN A 255 9.47 -30.88 36.32
C ASN A 255 8.15 -31.03 37.06
N ILE A 256 7.34 -31.96 36.58
CA ILE A 256 5.96 -32.18 37.10
C ILE A 256 5.89 -33.54 37.78
N ASP A 257 5.74 -33.55 39.09
CA ASP A 257 5.61 -34.78 39.84
C ASP A 257 4.65 -35.74 39.19
N ARG A 258 5.06 -36.99 39.10
CA ARG A 258 4.18 -38.08 38.63
C ARG A 258 2.72 -37.97 39.11
N PHE A 259 2.49 -37.60 40.37
CA PHE A 259 1.14 -37.56 40.94
C PHE A 259 0.49 -36.16 40.94
N ALA A 260 1.06 -35.21 40.20
CA ALA A 260 0.63 -33.81 40.34
C ALA A 260 -0.81 -33.61 39.90
N PHE A 261 -1.29 -34.42 38.97
CA PHE A 261 -2.66 -34.26 38.43
C PHE A 261 -3.62 -35.35 38.93
N GLN A 262 -3.31 -35.97 40.05
CA GLN A 262 -3.99 -37.21 40.36
C GLN A 262 -5.46 -36.98 40.73
N ASN A 263 -5.80 -35.79 41.22
CA ASN A 263 -7.20 -35.52 41.58
C ASN A 263 -7.85 -34.55 40.63
N LEU A 264 -7.28 -34.41 39.43
CA LEU A 264 -7.72 -33.44 38.42
C LEU A 264 -8.71 -34.08 37.44
N THR A 265 -9.70 -34.70 38.02
CA THR A 265 -10.56 -35.66 37.35
C THR A 265 -11.45 -35.03 36.34
N GLN A 266 -11.77 -33.76 36.58
CA GLN A 266 -12.62 -32.98 35.69
C GLN A 266 -11.84 -32.22 34.62
N LEU A 267 -10.56 -32.45 34.46
CA LEU A 267 -9.83 -31.59 33.53
C LEU A 267 -10.22 -31.89 32.10
N ARG A 268 -10.53 -30.83 31.38
CA ARG A 268 -10.80 -30.87 29.93
C ARG A 268 -9.72 -30.14 29.11
N TYR A 269 -9.07 -29.13 29.71
CA TYR A 269 -8.06 -28.31 29.03
C TYR A 269 -6.77 -28.31 29.81
N LEU A 270 -5.68 -28.58 29.10
CA LEU A 270 -4.34 -28.70 29.66
C LEU A 270 -3.36 -28.11 28.67
N ASN A 271 -2.81 -26.97 29.06
CA ASN A 271 -1.86 -26.27 28.28
C ASN A 271 -0.43 -26.40 28.86
N LEU A 272 0.39 -27.23 28.22
CA LEU A 272 1.80 -27.33 28.56
C LEU A 272 2.72 -26.79 27.41
N SER A 273 2.28 -25.78 26.69
CA SER A 273 3.15 -25.20 25.66
C SER A 273 4.45 -24.59 26.24
N SER A 274 5.57 -24.82 25.55
CA SER A 274 6.82 -24.18 25.84
C SER A 274 7.13 -24.46 27.31
N THR A 275 7.20 -25.75 27.62
CA THR A 275 7.68 -26.18 28.94
C THR A 275 8.91 -27.07 28.81
N SER A 276 9.56 -27.00 27.64
CA SER A 276 10.74 -27.74 27.31
C SER A 276 10.64 -29.24 27.53
N LEU A 277 9.46 -29.80 27.28
CA LEU A 277 9.25 -31.23 27.48
C LEU A 277 9.92 -32.08 26.41
N ARG A 278 10.62 -33.12 26.83
CA ARG A 278 11.12 -34.11 25.91
C ARG A 278 10.34 -35.39 26.07
N LYS A 279 9.70 -35.56 27.22
CA LYS A 279 8.93 -36.76 27.54
C LYS A 279 7.61 -36.33 28.12
N ILE A 280 6.59 -37.12 27.88
CA ILE A 280 5.31 -36.88 28.50
C ILE A 280 4.98 -38.09 29.36
N ASN A 281 4.75 -37.82 30.63
CA ASN A 281 4.55 -38.90 31.57
C ASN A 281 3.11 -39.41 31.41
N ALA A 282 2.93 -40.61 30.86
CA ALA A 282 1.59 -41.14 30.64
C ALA A 282 0.78 -41.13 31.93
N ALA A 283 1.45 -41.34 33.06
CA ALA A 283 0.76 -41.33 34.33
C ALA A 283 0.05 -40.02 34.64
N TRP A 284 0.52 -38.90 34.07
CA TRP A 284 -0.20 -37.64 34.21
C TRP A 284 -1.68 -37.78 33.83
N PHE A 285 -1.97 -38.70 32.93
CA PHE A 285 -3.32 -38.82 32.38
C PHE A 285 -4.17 -39.95 32.98
N LYS A 286 -3.65 -40.64 34.00
CA LYS A 286 -4.36 -41.78 34.62
C LYS A 286 -5.77 -41.49 35.03
N ASN A 287 -5.98 -40.33 35.65
CA ASN A 287 -7.25 -39.97 36.26
C ASN A 287 -7.80 -38.75 35.61
N MET A 288 -7.61 -38.67 34.30
CA MET A 288 -8.10 -37.55 33.53
C MET A 288 -9.01 -38.02 32.39
N PRO A 289 -10.17 -38.62 32.71
CA PRO A 289 -10.94 -39.32 31.66
C PRO A 289 -11.70 -38.39 30.69
N HIS A 290 -11.82 -37.11 31.05
CA HIS A 290 -12.51 -36.14 30.24
C HIS A 290 -11.54 -35.26 29.38
N LEU A 291 -10.20 -35.43 29.46
CA LEU A 291 -9.34 -34.47 28.76
C LEU A 291 -9.75 -34.35 27.32
N LYS A 292 -9.96 -33.10 26.91
CA LYS A 292 -10.49 -32.81 25.60
C LYS A 292 -9.57 -31.97 24.70
N VAL A 293 -8.80 -31.05 25.30
CA VAL A 293 -7.86 -30.19 24.58
C VAL A 293 -6.46 -30.28 25.26
N LEU A 294 -5.47 -30.69 24.49
CA LEU A 294 -4.11 -30.79 24.99
C LEU A 294 -3.19 -29.98 24.09
N ASP A 295 -2.56 -28.96 24.68
CA ASP A 295 -1.67 -28.04 24.00
C ASP A 295 -0.19 -28.29 24.42
N LEU A 296 0.59 -28.87 23.50
CA LEU A 296 1.99 -29.22 23.75
C LEU A 296 2.92 -28.54 22.70
N GLU A 297 2.60 -27.30 22.35
CA GLU A 297 3.37 -26.59 21.34
C GLU A 297 4.72 -26.17 21.94
N PHE A 298 5.71 -25.98 21.07
CA PHE A 298 6.95 -25.32 21.45
C PHE A 298 7.70 -26.12 22.53
N ASN A 299 7.87 -27.42 22.28
CA ASN A 299 8.52 -28.31 23.22
C ASN A 299 9.50 -29.13 22.37
N TYR A 300 9.99 -30.25 22.84
CA TYR A 300 10.94 -31.03 22.03
C TYR A 300 10.45 -32.43 21.87
N LEU A 301 9.27 -32.56 21.27
CA LEU A 301 8.53 -33.81 21.30
C LEU A 301 8.55 -34.67 20.02
N VAL A 302 9.48 -34.46 19.12
CA VAL A 302 9.55 -35.32 17.94
C VAL A 302 9.65 -36.82 18.38
N GLY A 303 10.44 -37.11 19.39
CA GLY A 303 10.53 -38.49 19.91
C GLY A 303 9.19 -39.04 20.36
N GLU A 304 8.47 -38.25 21.14
CA GLU A 304 7.17 -38.63 21.69
C GLU A 304 6.12 -38.72 20.62
N ILE A 305 6.21 -37.87 19.61
CA ILE A 305 5.29 -37.97 18.47
C ILE A 305 5.45 -39.31 17.75
N ALA A 306 6.68 -39.81 17.65
CA ALA A 306 6.97 -41.12 17.00
C ALA A 306 6.62 -42.31 17.83
N SER A 307 6.56 -42.15 19.13
CA SER A 307 6.71 -43.30 20.00
C SER A 307 6.00 -43.15 21.30
N GLY A 308 5.03 -42.24 21.40
CA GLY A 308 4.59 -41.80 22.71
C GLY A 308 3.48 -42.68 23.27
N ALA A 309 3.70 -43.18 24.48
CA ALA A 309 2.71 -43.97 25.20
C ALA A 309 1.57 -43.15 25.75
N PHE A 310 1.78 -41.86 25.99
CA PHE A 310 0.68 -41.01 26.43
C PHE A 310 -0.48 -41.01 25.42
N LEU A 311 -0.18 -41.27 24.14
CA LEU A 311 -1.23 -41.31 23.11
C LEU A 311 -2.29 -42.38 23.41
N THR A 312 -1.96 -43.36 24.24
CA THR A 312 -2.91 -44.40 24.57
C THR A 312 -3.82 -44.02 25.72
N MET A 313 -3.60 -42.86 26.36
CA MET A 313 -4.36 -42.48 27.59
C MET A 313 -5.47 -41.46 27.35
N LEU A 314 -5.82 -41.19 26.11
CA LEU A 314 -6.57 -39.99 25.80
C LEU A 314 -7.72 -40.28 24.82
N PRO A 315 -8.60 -41.22 25.16
CA PRO A 315 -9.67 -41.62 24.23
C PRO A 315 -10.76 -40.58 24.02
N ARG A 316 -10.88 -39.58 24.87
CA ARG A 316 -11.81 -38.51 24.63
C ARG A 316 -11.19 -37.21 24.11
N LEU A 317 -9.90 -37.23 23.77
CA LEU A 317 -9.27 -36.01 23.27
C LEU A 317 -9.82 -35.65 21.88
N GLU A 318 -10.12 -34.37 21.72
CA GLU A 318 -10.64 -33.81 20.51
C GLU A 318 -9.65 -32.90 19.80
N ILE A 319 -8.82 -32.18 20.54
CA ILE A 319 -7.87 -31.26 19.93
C ILE A 319 -6.49 -31.52 20.49
N LEU A 320 -5.56 -31.87 19.61
CA LEU A 320 -4.16 -32.02 19.94
C LEU A 320 -3.31 -31.02 19.13
N ASP A 321 -2.63 -30.12 19.84
CA ASP A 321 -1.69 -29.19 19.23
C ASP A 321 -0.22 -29.52 19.57
N LEU A 322 0.52 -30.01 18.58
CA LEU A 322 1.89 -30.37 18.74
C LEU A 322 2.74 -29.45 17.85
N SER A 323 2.33 -28.20 17.69
CA SER A 323 3.01 -27.33 16.75
C SER A 323 4.37 -26.90 17.26
N PHE A 324 5.29 -26.63 16.33
CA PHE A 324 6.64 -26.11 16.65
C PHE A 324 7.44 -27.00 17.61
N ASN A 325 7.45 -28.29 17.29
CA ASN A 325 8.28 -29.20 17.99
C ASN A 325 9.51 -29.61 17.22
N TYR A 326 9.84 -28.83 16.20
CA TYR A 326 11.02 -29.05 15.35
C TYR A 326 12.32 -29.13 16.12
N ILE A 327 13.20 -29.95 15.61
CA ILE A 327 14.54 -30.03 16.16
C ILE A 327 15.45 -29.10 15.34
N LYS A 328 16.09 -28.15 16.02
CA LYS A 328 17.07 -27.29 15.41
C LYS A 328 18.17 -28.09 14.71
N GLY A 329 18.41 -27.85 13.43
CA GLY A 329 19.38 -28.64 12.62
C GLY A 329 18.87 -29.89 11.93
N SER A 330 17.56 -30.04 11.85
CA SER A 330 17.01 -31.26 11.23
C SER A 330 15.86 -30.84 10.32
N TYR A 331 15.95 -31.34 9.09
CA TYR A 331 14.93 -31.25 8.08
C TYR A 331 14.68 -32.68 7.63
N PRO A 332 14.00 -33.49 8.45
CA PRO A 332 13.88 -34.89 8.07
C PRO A 332 13.08 -35.11 6.80
N GLN A 333 13.28 -36.27 6.17
CA GLN A 333 12.58 -36.61 4.95
C GLN A 333 11.05 -36.60 5.17
N HIS A 334 10.61 -37.30 6.21
CA HIS A 334 9.20 -37.59 6.46
C HIS A 334 8.88 -37.25 7.90
N ILE A 335 7.59 -37.05 8.16
CA ILE A 335 7.09 -36.95 9.49
C ILE A 335 6.89 -38.37 10.02
N ASN A 336 7.17 -38.57 11.32
CA ASN A 336 7.14 -39.89 11.93
C ASN A 336 6.09 -39.95 13.05
N ILE A 337 4.90 -40.42 12.69
CA ILE A 337 3.72 -40.47 13.58
C ILE A 337 3.59 -41.85 14.25
N SER A 338 3.54 -41.93 15.58
CA SER A 338 3.34 -43.23 16.26
C SER A 338 2.04 -43.88 15.82
N ARG A 339 2.06 -45.21 15.69
CA ARG A 339 0.85 -45.98 15.45
C ARG A 339 -0.18 -45.73 16.53
N ASN A 340 0.25 -45.36 17.72
CA ASN A 340 -0.70 -45.06 18.81
C ASN A 340 -1.57 -43.84 18.58
N PHE A 341 -1.25 -43.03 17.56
CA PHE A 341 -2.22 -41.99 17.15
C PHE A 341 -3.62 -42.59 16.86
N SER A 342 -3.65 -43.85 16.42
CA SER A 342 -4.90 -44.54 16.09
C SER A 342 -5.82 -44.75 17.29
N LYS A 343 -5.31 -44.54 18.50
CA LYS A 343 -6.12 -44.67 19.73
C LYS A 343 -6.79 -43.37 20.14
N LEU A 344 -6.49 -42.27 19.44
CA LEU A 344 -7.21 -41.01 19.71
C LEU A 344 -8.57 -40.98 19.02
N LEU A 345 -9.49 -41.79 19.54
CA LEU A 345 -10.76 -42.06 18.88
C LEU A 345 -11.63 -40.82 18.76
N SER A 346 -11.55 -39.90 19.69
CA SER A 346 -12.39 -38.72 19.62
C SER A 346 -11.78 -37.56 18.85
N LEU A 347 -10.56 -37.74 18.32
CA LEU A 347 -9.78 -36.62 17.80
C LEU A 347 -10.50 -35.94 16.66
N ARG A 348 -10.59 -34.62 16.70
CA ARG A 348 -11.19 -33.78 15.62
C ARG A 348 -10.24 -32.86 14.87
N ALA A 349 -9.24 -32.32 15.58
CA ALA A 349 -8.24 -31.42 14.98
C ALA A 349 -6.88 -31.84 15.50
N LEU A 350 -5.92 -31.90 14.57
CA LEU A 350 -4.52 -32.18 14.86
C LEU A 350 -3.70 -31.11 14.23
N HIS A 351 -2.96 -30.40 15.07
CA HIS A 351 -2.10 -29.34 14.65
C HIS A 351 -0.65 -29.75 14.72
N LEU A 352 0.00 -29.71 13.56
CA LEU A 352 1.38 -30.14 13.41
C LEU A 352 2.11 -29.15 12.55
N ARG A 353 1.89 -27.88 12.83
CA ARG A 353 2.71 -26.84 12.21
C ARG A 353 4.12 -26.91 12.72
N GLY A 354 5.08 -26.43 11.92
CA GLY A 354 6.46 -26.35 12.43
C GLY A 354 7.06 -27.60 13.02
N TYR A 355 6.75 -28.76 12.48
CA TYR A 355 7.55 -29.97 12.79
C TYR A 355 8.78 -29.93 11.92
N VAL A 356 8.58 -29.48 10.68
CA VAL A 356 9.61 -29.32 9.65
C VAL A 356 10.03 -30.65 8.99
N PHE A 357 9.52 -30.94 7.79
CA PHE A 357 9.90 -32.16 7.07
C PHE A 357 9.67 -31.93 5.59
N GLN A 358 10.24 -32.78 4.75
CA GLN A 358 10.41 -32.48 3.32
C GLN A 358 9.28 -33.02 2.48
N GLU A 359 8.66 -34.09 2.94
CA GLU A 359 7.83 -34.86 2.08
C GLU A 359 6.76 -35.61 2.90
N LEU A 360 5.48 -35.46 2.51
CA LEU A 360 4.36 -36.22 3.10
C LEU A 360 3.98 -37.47 2.26
N ARG A 361 4.25 -38.68 2.76
CA ARG A 361 3.87 -39.90 2.05
C ARG A 361 2.58 -40.47 2.60
N GLU A 362 1.87 -41.24 1.79
CA GLU A 362 0.67 -41.92 2.27
C GLU A 362 0.91 -42.76 3.56
N ASP A 363 2.00 -43.51 3.63
CA ASP A 363 2.21 -44.41 4.78
C ASP A 363 2.43 -43.66 6.08
N ASP A 364 2.95 -42.44 5.98
CA ASP A 364 3.28 -41.66 7.14
C ASP A 364 2.04 -41.32 7.96
N PHE A 365 0.90 -41.15 7.32
CA PHE A 365 -0.29 -40.77 8.05
C PHE A 365 -1.30 -41.90 8.26
N GLN A 366 -0.89 -43.14 8.03
CA GLN A 366 -1.76 -44.31 8.16
C GLN A 366 -2.43 -44.38 9.51
N PRO A 367 -1.69 -44.04 10.58
CA PRO A 367 -2.31 -44.11 11.89
C PRO A 367 -3.45 -43.13 12.11
N LEU A 368 -3.59 -42.14 11.24
CA LEU A 368 -4.66 -41.16 11.38
C LEU A 368 -5.91 -41.58 10.60
N MET A 369 -5.80 -42.63 9.79
CA MET A 369 -6.73 -42.78 8.69
C MET A 369 -8.08 -43.38 9.10
N GLN A 370 -8.12 -44.09 10.21
CA GLN A 370 -9.38 -44.65 10.64
C GLN A 370 -10.00 -43.89 11.79
N LEU A 371 -9.44 -42.76 12.19
CA LEU A 371 -10.11 -41.93 13.20
C LEU A 371 -11.35 -41.31 12.61
N PRO A 372 -12.53 -41.62 13.16
CA PRO A 372 -13.76 -41.27 12.49
C PRO A 372 -14.05 -39.77 12.51
N ASN A 373 -13.59 -39.06 13.53
CA ASN A 373 -13.91 -37.63 13.63
C ASN A 373 -12.84 -36.62 13.24
N LEU A 374 -11.73 -37.10 12.69
CA LEU A 374 -10.62 -36.18 12.38
C LEU A 374 -10.98 -35.37 11.11
N SER A 375 -11.39 -34.13 11.34
CA SER A 375 -11.81 -33.25 10.29
C SER A 375 -10.83 -32.12 9.98
N THR A 376 -9.90 -31.83 10.88
CA THR A 376 -8.90 -30.84 10.59
C THR A 376 -7.52 -31.41 10.71
N ILE A 377 -6.74 -31.30 9.65
CA ILE A 377 -5.30 -31.56 9.74
C ILE A 377 -4.56 -30.29 9.36
N ASN A 378 -3.63 -29.87 10.21
CA ASN A 378 -2.94 -28.60 10.04
C ASN A 378 -1.44 -28.83 9.87
N LEU A 379 -0.90 -28.55 8.68
CA LEU A 379 0.51 -28.76 8.36
C LEU A 379 1.17 -27.46 7.93
N GLY A 380 0.67 -26.35 8.47
CA GLY A 380 1.21 -25.07 8.17
C GLY A 380 2.66 -25.00 8.60
N ILE A 381 3.43 -24.29 7.80
CA ILE A 381 4.80 -23.95 8.14
C ILE A 381 5.64 -25.14 8.46
N ASN A 382 5.72 -26.07 7.54
CA ASN A 382 6.65 -27.18 7.67
C ASN A 382 7.81 -27.29 6.64
N PHE A 383 7.98 -26.29 5.76
CA PHE A 383 8.93 -26.35 4.66
C PHE A 383 8.78 -27.64 3.87
N ILE A 384 7.53 -28.09 3.71
CA ILE A 384 7.22 -29.30 2.95
C ILE A 384 7.39 -29.07 1.46
N LYS A 385 8.01 -30.02 0.79
CA LYS A 385 8.28 -29.86 -0.62
C LYS A 385 7.32 -30.66 -1.47
N GLN A 386 7.05 -31.89 -1.09
CA GLN A 386 6.15 -32.71 -1.89
C GLN A 386 5.12 -33.36 -1.01
N ILE A 387 3.94 -33.53 -1.58
CA ILE A 387 2.88 -34.23 -0.92
C ILE A 387 2.29 -35.25 -1.87
N ASP A 388 2.16 -36.44 -1.34
CA ASP A 388 1.38 -37.47 -2.00
C ASP A 388 -0.13 -37.23 -1.76
N PHE A 389 -0.76 -36.37 -2.57
CA PHE A 389 -2.12 -35.87 -2.30
C PHE A 389 -3.22 -36.93 -2.15
N LYS A 390 -3.03 -38.08 -2.79
CA LYS A 390 -4.06 -39.11 -2.79
C LYS A 390 -4.35 -39.67 -1.38
N LEU A 391 -3.42 -39.49 -0.45
CA LEU A 391 -3.60 -39.95 0.92
C LEU A 391 -4.78 -39.30 1.62
N PHE A 392 -5.15 -38.07 1.24
CA PHE A 392 -6.22 -37.39 1.95
C PHE A 392 -7.58 -38.06 1.70
N GLN A 393 -7.79 -38.55 0.49
CA GLN A 393 -8.96 -39.40 0.23
C GLN A 393 -9.14 -40.53 1.19
N ASN A 394 -8.05 -41.14 1.65
CA ASN A 394 -8.19 -42.33 2.48
C ASN A 394 -8.50 -42.06 3.96
N PHE A 395 -8.71 -40.81 4.31
CA PHE A 395 -9.16 -40.50 5.66
C PHE A 395 -10.64 -40.68 5.67
N SER A 396 -11.22 -40.82 6.85
CA SER A 396 -12.66 -41.01 6.97
C SER A 396 -13.43 -39.77 6.56
N ASN A 397 -13.02 -38.61 7.08
CA ASN A 397 -13.94 -37.49 7.25
C ASN A 397 -13.27 -36.11 7.25
N LEU A 398 -12.22 -35.94 6.46
CA LEU A 398 -11.47 -34.66 6.43
C LEU A 398 -12.30 -33.48 5.84
N GLU A 399 -12.52 -32.41 6.61
CA GLU A 399 -13.17 -31.21 6.13
C GLU A 399 -12.17 -30.09 5.80
N ILE A 400 -11.02 -30.09 6.50
CA ILE A 400 -10.06 -28.98 6.40
C ILE A 400 -8.69 -29.57 6.22
N ILE A 401 -8.10 -29.36 5.05
CA ILE A 401 -6.74 -29.79 4.79
C ILE A 401 -5.88 -28.57 4.62
N TYR A 402 -5.06 -28.30 5.62
CA TYR A 402 -4.44 -27.02 5.69
C TYR A 402 -2.93 -27.12 5.55
N LEU A 403 -2.44 -26.67 4.38
CA LEU A 403 -1.06 -26.78 3.95
C LEU A 403 -0.43 -25.45 3.64
N SER A 404 -0.98 -24.39 4.16
CA SER A 404 -0.49 -23.06 3.85
C SER A 404 0.95 -22.91 4.37
N GLU A 405 1.74 -22.11 3.66
CA GLU A 405 3.10 -21.69 4.13
C GLU A 405 4.04 -22.86 4.21
N ASN A 406 4.25 -23.48 3.05
CA ASN A 406 5.16 -24.57 2.85
C ASN A 406 5.99 -24.32 1.57
N ARG A 407 6.48 -25.38 0.93
CA ARG A 407 7.31 -25.19 -0.27
C ARG A 407 6.87 -26.16 -1.35
N ILE A 408 5.57 -26.36 -1.45
CA ILE A 408 5.02 -27.21 -2.42
C ILE A 408 5.16 -26.51 -3.78
N SER A 409 5.50 -27.30 -4.78
CA SER A 409 5.62 -26.78 -6.12
C SER A 409 5.02 -27.81 -7.06
N PRO A 410 5.00 -27.54 -8.36
CA PRO A 410 4.52 -28.53 -9.34
C PRO A 410 5.31 -29.85 -9.30
N LEU A 411 4.74 -31.02 -9.61
CA LEU A 411 3.30 -31.29 -9.68
C LEU A 411 3.13 -32.81 -9.59
N PHE A 437 1.86 -2.37 24.90
CA PHE A 437 2.15 -3.80 24.90
C PHE A 437 1.72 -4.58 23.60
N GLU A 438 2.59 -5.49 23.19
CA GLU A 438 2.54 -6.14 21.88
C GLU A 438 1.61 -7.36 21.86
N PHE A 439 1.48 -8.04 23.00
CA PHE A 439 0.68 -9.26 23.02
C PHE A 439 -0.62 -9.00 23.73
N ASP A 440 -1.70 -9.44 23.12
CA ASP A 440 -3.03 -9.20 23.64
C ASP A 440 -3.26 -10.11 24.83
N PRO A 441 -3.55 -9.52 25.99
CA PRO A 441 -3.63 -10.38 27.14
C PRO A 441 -4.84 -11.24 27.12
N HIS A 442 -5.80 -10.96 26.26
CA HIS A 442 -6.99 -11.73 26.29
C HIS A 442 -7.04 -12.74 25.19
N SER A 443 -5.89 -13.07 24.62
CA SER A 443 -5.83 -14.00 23.50
C SER A 443 -4.81 -15.13 23.74
N ASN A 444 -4.91 -16.23 23.01
CA ASN A 444 -3.87 -17.27 23.06
C ASN A 444 -2.49 -16.73 22.75
N PHE A 445 -1.51 -17.01 23.59
CA PHE A 445 -0.18 -16.41 23.39
C PHE A 445 0.61 -17.17 22.32
N TYR A 446 0.36 -18.46 22.19
CA TYR A 446 1.24 -19.32 21.40
C TYR A 446 0.87 -19.50 19.91
N HIS A 447 -0.34 -19.06 19.56
CA HIS A 447 -0.82 -19.09 18.17
C HIS A 447 -2.06 -18.22 18.04
N PHE A 448 -2.36 -17.85 16.79
CA PHE A 448 -3.58 -17.14 16.43
C PHE A 448 -4.77 -18.07 16.60
N THR A 449 -5.93 -17.51 16.80
CA THR A 449 -7.15 -18.29 17.02
C THR A 449 -8.24 -18.04 15.98
N ARG A 450 -7.91 -17.23 14.98
CA ARG A 450 -8.75 -17.01 13.82
C ARG A 450 -8.95 -18.33 13.08
N PRO A 451 -10.13 -18.55 12.47
CA PRO A 451 -10.24 -19.88 11.87
C PRO A 451 -9.12 -20.10 10.84
N LEU A 452 -8.76 -21.35 10.61
CA LEU A 452 -7.75 -21.67 9.61
C LEU A 452 -8.15 -21.19 8.24
N ILE A 453 -9.44 -21.28 7.94
CA ILE A 453 -10.01 -21.01 6.63
C ILE A 453 -11.07 -19.91 6.84
N LYS A 454 -11.29 -19.02 5.89
CA LYS A 454 -12.42 -18.09 6.06
C LYS A 454 -13.70 -18.93 6.16
N PRO A 455 -14.59 -18.59 7.12
CA PRO A 455 -15.90 -19.29 7.26
C PRO A 455 -16.74 -19.21 5.98
N GLN A 456 -16.70 -18.07 5.29
CA GLN A 456 -17.41 -17.91 3.99
C GLN A 456 -16.99 -18.94 2.96
N CYS A 457 -15.72 -19.33 2.96
CA CYS A 457 -15.23 -20.36 2.06
C CYS A 457 -15.49 -21.74 2.70
N ALA A 458 -15.20 -21.88 3.99
CA ALA A 458 -15.35 -23.19 4.61
C ALA A 458 -16.79 -23.64 4.59
N ALA A 459 -17.71 -22.68 4.63
CA ALA A 459 -19.13 -23.01 4.64
C ALA A 459 -19.55 -23.91 3.48
N TYR A 460 -18.82 -23.89 2.37
CA TYR A 460 -19.24 -24.58 1.17
C TYR A 460 -18.91 -26.02 1.18
N GLY A 461 -17.98 -26.42 2.03
CA GLY A 461 -17.64 -27.84 2.16
C GLY A 461 -16.17 -28.05 2.47
N LYS A 462 -15.68 -29.19 2.00
CA LYS A 462 -14.29 -29.57 2.11
C LYS A 462 -13.36 -28.48 1.59
N ALA A 463 -12.35 -28.15 2.39
CA ALA A 463 -11.47 -27.06 2.05
C ALA A 463 -10.04 -27.54 1.99
N LEU A 464 -9.31 -27.08 0.98
CA LEU A 464 -7.89 -27.38 0.81
C LEU A 464 -7.18 -26.01 0.70
N ASP A 465 -6.29 -25.70 1.62
CA ASP A 465 -5.59 -24.42 1.60
C ASP A 465 -4.12 -24.66 1.23
N LEU A 466 -3.72 -24.24 0.04
CA LEU A 466 -2.36 -24.35 -0.43
C LEU A 466 -1.80 -22.97 -0.62
N SER A 467 -2.32 -21.99 0.12
CA SER A 467 -1.78 -20.66 -0.01
C SER A 467 -0.31 -20.60 0.41
N LEU A 468 0.39 -19.60 -0.12
CA LEU A 468 1.77 -19.30 0.29
C LEU A 468 2.66 -20.50 0.07
N ASN A 469 2.49 -21.15 -1.07
CA ASN A 469 3.43 -22.16 -1.58
C ASN A 469 4.10 -21.68 -2.89
N SER A 470 4.61 -22.59 -3.69
CA SER A 470 5.31 -22.22 -4.90
C SER A 470 4.73 -23.05 -6.08
N ILE A 471 3.42 -23.22 -6.10
CA ILE A 471 2.76 -23.91 -7.21
C ILE A 471 2.54 -22.88 -8.30
N PHE A 472 3.58 -22.66 -9.08
CA PHE A 472 3.64 -21.48 -9.96
C PHE A 472 3.03 -21.83 -11.29
N PHE A 473 2.76 -23.11 -11.48
CA PHE A 473 1.84 -23.49 -12.50
C PHE A 473 1.22 -24.85 -12.22
N ILE A 474 -0.05 -24.98 -12.60
CA ILE A 474 -0.84 -26.18 -12.35
C ILE A 474 -0.76 -27.05 -13.58
N GLY A 475 -0.18 -28.24 -13.42
CA GLY A 475 -0.08 -29.17 -14.52
C GLY A 475 -1.29 -30.04 -14.51
N PRO A 476 -1.41 -30.91 -15.53
CA PRO A 476 -2.56 -31.75 -15.78
C PRO A 476 -2.88 -32.70 -14.66
N ASN A 477 -1.91 -33.03 -13.82
CA ASN A 477 -2.19 -33.97 -12.77
C ASN A 477 -2.26 -33.39 -11.38
N GLN A 478 -2.05 -32.09 -11.28
CA GLN A 478 -1.83 -31.48 -9.99
C GLN A 478 -2.86 -31.91 -8.95
N PHE A 479 -4.13 -32.05 -9.35
CA PHE A 479 -5.19 -32.28 -8.37
C PHE A 479 -5.79 -33.65 -8.47
N GLU A 480 -5.14 -34.55 -9.18
CA GLU A 480 -5.64 -35.91 -9.28
C GLU A 480 -5.85 -36.52 -7.89
N ASN A 481 -6.95 -37.24 -7.70
CA ASN A 481 -7.22 -38.04 -6.49
C ASN A 481 -7.50 -37.27 -5.20
N LEU A 482 -7.82 -36.00 -5.31
CA LEU A 482 -8.25 -35.25 -4.18
C LEU A 482 -9.69 -35.61 -3.91
N PRO A 483 -10.15 -35.36 -2.68
CA PRO A 483 -11.60 -35.41 -2.44
C PRO A 483 -12.37 -34.30 -3.18
N ASP A 484 -13.67 -34.27 -3.01
CA ASP A 484 -14.53 -33.29 -3.66
C ASP A 484 -14.32 -31.98 -2.94
N ILE A 485 -13.33 -31.24 -3.41
CA ILE A 485 -13.01 -29.94 -2.86
C ILE A 485 -14.04 -28.87 -3.25
N ALA A 486 -14.56 -28.19 -2.24
CA ALA A 486 -15.51 -27.13 -2.40
C ALA A 486 -14.88 -25.77 -2.22
N CYS A 487 -13.81 -25.72 -1.44
CA CYS A 487 -13.16 -24.46 -1.10
C CYS A 487 -11.66 -24.65 -1.31
N LEU A 488 -11.09 -23.85 -2.21
CA LEU A 488 -9.69 -23.98 -2.58
C LEU A 488 -8.98 -22.67 -2.49
N ASN A 489 -7.87 -22.64 -1.73
CA ASN A 489 -7.06 -21.44 -1.61
C ASN A 489 -5.71 -21.65 -2.27
N LEU A 490 -5.47 -20.91 -3.36
CA LEU A 490 -4.19 -20.92 -4.08
C LEU A 490 -3.52 -19.57 -4.01
N SER A 491 -3.86 -18.77 -3.02
CA SER A 491 -3.28 -17.45 -2.88
C SER A 491 -1.75 -17.51 -2.73
N ALA A 492 -1.07 -16.47 -3.23
CA ALA A 492 0.36 -16.28 -3.01
C ALA A 492 1.15 -17.55 -3.37
N ASN A 493 0.93 -18.06 -4.55
CA ASN A 493 1.75 -19.14 -5.11
C ASN A 493 2.63 -18.68 -6.30
N SER A 494 2.72 -17.37 -6.48
CA SER A 494 3.33 -16.74 -7.64
C SER A 494 3.00 -17.47 -8.94
N ASN A 495 1.73 -17.79 -9.15
CA ASN A 495 1.26 -18.44 -10.35
C ASN A 495 1.19 -17.45 -11.53
N ALA A 496 1.87 -17.77 -12.62
CA ALA A 496 1.95 -16.92 -13.80
C ALA A 496 1.37 -17.58 -15.03
N GLN A 497 0.60 -18.61 -14.85
CA GLN A 497 0.15 -19.34 -16.00
C GLN A 497 -1.08 -18.76 -16.64
N VAL A 498 -1.27 -19.20 -17.87
CA VAL A 498 -2.48 -18.93 -18.66
C VAL A 498 -3.50 -20.02 -18.30
N LEU A 499 -4.42 -19.68 -17.40
CA LEU A 499 -5.52 -20.59 -17.09
C LEU A 499 -6.34 -20.81 -18.34
N SER A 500 -6.63 -22.05 -18.67
CA SER A 500 -7.12 -22.40 -19.99
C SER A 500 -8.43 -23.18 -20.06
N GLY A 501 -9.00 -23.51 -18.91
CA GLY A 501 -10.25 -24.26 -18.82
C GLY A 501 -10.09 -25.75 -18.47
N THR A 502 -8.88 -26.21 -18.16
CA THR A 502 -8.68 -27.67 -17.91
C THR A 502 -8.00 -27.99 -16.58
N GLU A 503 -7.43 -26.95 -15.96
CA GLU A 503 -6.58 -27.10 -14.80
C GLU A 503 -7.31 -27.63 -13.59
N PHE A 504 -8.57 -27.27 -13.40
CA PHE A 504 -9.35 -27.79 -12.27
C PHE A 504 -10.29 -28.89 -12.66
N SER A 505 -9.98 -29.60 -13.74
CA SER A 505 -10.86 -30.68 -14.22
C SER A 505 -11.11 -31.79 -13.18
N ALA A 506 -10.15 -32.06 -12.29
CA ALA A 506 -10.30 -33.16 -11.32
C ALA A 506 -10.97 -32.77 -10.02
N ILE A 507 -11.16 -31.46 -9.81
CA ILE A 507 -11.92 -30.96 -8.68
C ILE A 507 -12.90 -29.95 -9.26
N PRO A 508 -13.80 -30.43 -10.11
CA PRO A 508 -14.66 -29.53 -10.88
C PRO A 508 -15.81 -28.92 -10.11
N HIS A 509 -15.99 -29.30 -8.85
CA HIS A 509 -17.05 -28.73 -8.00
C HIS A 509 -16.62 -27.71 -6.97
N VAL A 510 -15.51 -27.01 -7.23
CA VAL A 510 -15.10 -25.93 -6.35
C VAL A 510 -16.12 -24.83 -6.42
N LYS A 511 -16.51 -24.33 -5.26
CA LYS A 511 -17.50 -23.28 -5.16
C LYS A 511 -16.87 -21.97 -4.78
N TYR A 512 -15.74 -22.03 -4.07
CA TYR A 512 -15.07 -20.83 -3.62
C TYR A 512 -13.59 -21.01 -3.90
N LEU A 513 -13.08 -20.11 -4.75
CA LEU A 513 -11.73 -20.19 -5.28
C LEU A 513 -11.02 -18.89 -5.01
N ASP A 514 -9.97 -18.98 -4.19
CA ASP A 514 -9.08 -17.86 -3.86
C ASP A 514 -7.77 -18.02 -4.67
N LEU A 515 -7.55 -17.08 -5.57
CA LEU A 515 -6.36 -17.00 -6.41
C LEU A 515 -5.71 -15.64 -6.22
N THR A 516 -5.84 -15.08 -5.04
CA THR A 516 -5.28 -13.79 -4.81
C THR A 516 -3.75 -13.82 -4.78
N ASN A 517 -3.18 -12.68 -5.13
CA ASN A 517 -1.73 -12.41 -4.97
C ASN A 517 -0.96 -13.43 -5.76
N ASN A 518 -1.29 -13.59 -7.04
CA ASN A 518 -0.47 -14.38 -7.93
C ASN A 518 -0.04 -13.49 -9.03
N ARG A 519 0.37 -14.03 -10.16
CA ARG A 519 0.62 -13.16 -11.34
C ARG A 519 0.01 -13.79 -12.57
N LEU A 520 -1.29 -14.05 -12.48
CA LEU A 520 -1.97 -14.85 -13.50
C LEU A 520 -1.96 -14.09 -14.81
N ASP A 521 -1.72 -14.85 -15.88
CA ASP A 521 -1.77 -14.32 -17.24
C ASP A 521 -3.12 -14.65 -17.88
N PHE A 522 -3.98 -13.68 -18.02
CA PHE A 522 -5.31 -13.93 -18.57
C PHE A 522 -5.33 -13.84 -20.11
N ASP A 523 -4.66 -14.76 -20.78
CA ASP A 523 -4.56 -14.73 -22.23
C ASP A 523 -5.61 -15.62 -22.85
N ASN A 524 -6.29 -16.43 -22.04
CA ASN A 524 -7.23 -17.39 -22.59
C ASN A 524 -8.65 -17.19 -22.10
N ALA A 525 -9.59 -16.97 -23.04
CA ALA A 525 -10.98 -16.65 -22.69
C ALA A 525 -11.78 -17.79 -22.06
N SER A 526 -11.23 -19.01 -22.02
CA SER A 526 -11.83 -20.18 -21.38
C SER A 526 -11.40 -20.45 -19.91
N ALA A 527 -10.55 -19.58 -19.38
CA ALA A 527 -10.01 -19.74 -18.05
C ALA A 527 -11.11 -20.02 -17.04
N LEU A 528 -10.88 -21.01 -16.18
CA LEU A 528 -11.74 -21.34 -15.05
C LEU A 528 -13.16 -21.86 -15.38
N THR A 529 -13.50 -21.94 -16.67
CA THR A 529 -14.83 -22.33 -17.09
C THR A 529 -15.19 -23.77 -16.81
N GLU A 530 -14.24 -24.61 -16.40
CA GLU A 530 -14.53 -25.98 -16.00
C GLU A 530 -15.21 -26.04 -14.64
N LEU A 531 -15.23 -24.90 -13.94
CA LEU A 531 -15.80 -24.84 -12.58
C LEU A 531 -17.22 -24.33 -12.62
N SER A 532 -18.12 -25.23 -13.06
CA SER A 532 -19.52 -24.87 -13.30
C SER A 532 -20.24 -24.38 -12.10
N ASP A 533 -19.93 -24.94 -10.92
CA ASP A 533 -20.58 -24.57 -9.67
C ASP A 533 -19.94 -23.38 -8.94
N LEU A 534 -18.98 -22.72 -9.59
CA LEU A 534 -18.30 -21.62 -8.97
C LEU A 534 -19.27 -20.52 -8.57
N GLU A 535 -19.16 -20.08 -7.33
CA GLU A 535 -19.98 -19.03 -6.74
C GLU A 535 -19.21 -17.82 -6.31
N VAL A 536 -18.01 -18.02 -5.76
CA VAL A 536 -17.15 -16.90 -5.35
C VAL A 536 -15.81 -17.07 -6.02
N LEU A 537 -15.36 -16.05 -6.74
CA LEU A 537 -14.00 -16.00 -7.30
C LEU A 537 -13.26 -14.74 -6.82
N ASP A 538 -12.07 -14.96 -6.23
CA ASP A 538 -11.21 -13.88 -5.74
C ASP A 538 -9.93 -13.87 -6.55
N LEU A 539 -9.81 -12.87 -7.43
CA LEU A 539 -8.65 -12.63 -8.26
C LEU A 539 -7.90 -11.36 -7.81
N SER A 540 -8.08 -10.92 -6.58
CA SER A 540 -7.40 -9.73 -6.10
C SER A 540 -5.86 -9.89 -6.19
N TYR A 541 -5.18 -8.77 -6.38
CA TYR A 541 -3.72 -8.69 -6.36
C TYR A 541 -3.10 -9.57 -7.40
N ASN A 542 -3.61 -9.49 -8.62
CA ASN A 542 -2.95 -10.10 -9.74
C ASN A 542 -2.54 -9.08 -10.78
N SER A 543 -1.82 -8.04 -10.35
CA SER A 543 -1.45 -6.89 -11.19
C SER A 543 -0.49 -7.16 -12.30
N HIS A 544 0.37 -8.12 -12.08
CA HIS A 544 1.56 -8.30 -12.89
C HIS A 544 1.34 -8.01 -14.38
N TYR A 545 0.42 -8.75 -15.00
CA TYR A 545 0.26 -8.70 -16.46
C TYR A 545 -0.74 -7.69 -16.88
N PHE A 546 -1.69 -7.42 -16.01
CA PHE A 546 -2.65 -6.33 -16.23
C PHE A 546 -1.96 -4.99 -16.45
N ARG A 547 -0.82 -4.77 -15.81
CA ARG A 547 -0.13 -3.47 -15.92
C ARG A 547 0.49 -3.28 -17.29
N ILE A 548 0.75 -4.35 -18.01
CA ILE A 548 1.51 -4.26 -19.23
C ILE A 548 0.54 -4.14 -20.38
N ALA A 549 0.55 -2.97 -21.01
CA ALA A 549 -0.33 -2.67 -22.17
C ALA A 549 -0.16 -3.66 -23.31
N GLY A 550 1.08 -4.03 -23.57
CA GLY A 550 1.46 -4.82 -24.70
C GLY A 550 1.04 -6.27 -24.69
N VAL A 551 0.57 -6.77 -23.56
CA VAL A 551 0.20 -8.17 -23.51
C VAL A 551 -1.31 -8.24 -23.52
N THR A 552 -1.86 -9.40 -23.88
CA THR A 552 -3.31 -9.51 -23.92
C THR A 552 -3.89 -9.69 -22.55
N HIS A 553 -5.15 -9.24 -22.43
CA HIS A 553 -5.94 -9.42 -21.22
C HIS A 553 -7.41 -9.76 -21.55
N HIS A 554 -7.86 -10.93 -21.16
CA HIS A 554 -9.17 -11.47 -21.53
C HIS A 554 -9.95 -11.83 -20.28
N LEU A 555 -11.01 -11.06 -20.01
CA LEU A 555 -11.96 -11.32 -18.91
C LEU A 555 -13.36 -11.91 -19.37
N GLU A 556 -13.40 -12.49 -20.58
CA GLU A 556 -14.63 -13.05 -21.16
C GLU A 556 -15.18 -14.23 -20.38
N PHE A 557 -14.29 -14.99 -19.72
CA PHE A 557 -14.67 -16.20 -19.00
C PHE A 557 -15.75 -15.94 -17.93
N ILE A 558 -15.82 -14.70 -17.45
CA ILE A 558 -16.74 -14.33 -16.38
C ILE A 558 -18.18 -14.69 -16.76
N GLN A 559 -18.54 -14.51 -18.02
CA GLN A 559 -19.91 -14.78 -18.42
C GLN A 559 -20.30 -16.24 -18.47
N ASN A 560 -19.37 -17.18 -18.64
CA ASN A 560 -19.74 -18.56 -18.77
C ASN A 560 -20.37 -19.18 -17.49
N PHE A 561 -20.15 -18.58 -16.32
CA PHE A 561 -20.60 -19.17 -15.05
C PHE A 561 -22.08 -18.92 -14.83
N THR A 562 -22.83 -19.96 -14.48
CA THR A 562 -24.25 -19.81 -14.27
C THR A 562 -24.58 -19.55 -12.82
N ASN A 563 -23.62 -19.77 -11.91
CA ASN A 563 -23.85 -19.70 -10.45
C ASN A 563 -22.99 -18.65 -9.75
N LEU A 564 -22.24 -17.87 -10.51
CA LEU A 564 -21.26 -16.98 -9.94
C LEU A 564 -21.97 -15.81 -9.30
N LYS A 565 -21.72 -15.60 -8.01
CA LYS A 565 -22.35 -14.50 -7.25
C LYS A 565 -21.40 -13.35 -6.85
N VAL A 566 -20.15 -13.68 -6.53
CA VAL A 566 -19.19 -12.70 -6.00
C VAL A 566 -17.88 -12.78 -6.73
N LEU A 567 -17.45 -11.64 -7.25
CA LEU A 567 -16.18 -11.59 -7.98
C LEU A 567 -15.39 -10.43 -7.47
N ASN A 568 -14.18 -10.71 -7.04
CA ASN A 568 -13.28 -9.65 -6.59
C ASN A 568 -12.10 -9.46 -7.57
N LEU A 569 -12.03 -8.29 -8.22
CA LEU A 569 -10.96 -8.01 -9.19
C LEU A 569 -10.11 -6.86 -8.67
N SER A 570 -10.09 -6.70 -7.34
CA SER A 570 -9.49 -5.53 -6.72
C SER A 570 -7.95 -5.52 -6.87
N HIS A 571 -7.37 -4.31 -6.83
CA HIS A 571 -5.91 -4.13 -6.91
C HIS A 571 -5.28 -4.93 -8.05
N ASN A 572 -5.91 -4.88 -9.21
CA ASN A 572 -5.35 -5.48 -10.38
C ASN A 572 -4.82 -4.44 -11.38
N ASN A 573 -5.01 -3.16 -11.13
CA ASN A 573 -4.50 -2.13 -12.02
C ASN A 573 -5.03 -2.33 -13.45
N ILE A 574 -6.30 -2.70 -13.57
CA ILE A 574 -6.91 -2.93 -14.87
C ILE A 574 -7.14 -1.61 -15.58
N TYR A 575 -6.66 -1.54 -16.81
CA TYR A 575 -6.85 -0.37 -17.63
C TYR A 575 -7.00 -0.61 -19.10
N THR A 576 -6.77 -1.83 -19.58
CA THR A 576 -7.00 -2.19 -20.97
C THR A 576 -7.42 -3.64 -21.01
N LEU A 577 -8.42 -3.96 -21.83
CA LEU A 577 -8.71 -5.36 -22.20
C LEU A 577 -8.58 -5.60 -23.66
N THR A 578 -8.50 -6.87 -24.04
CA THR A 578 -8.37 -7.22 -25.43
C THR A 578 -9.71 -7.61 -26.01
N ASP A 579 -10.04 -7.11 -27.21
CA ASP A 579 -11.23 -7.58 -27.97
C ASP A 579 -12.56 -7.29 -27.28
N LYS A 580 -12.83 -7.91 -26.13
CA LYS A 580 -14.10 -7.63 -25.45
C LYS A 580 -13.93 -6.67 -24.28
N TYR A 581 -14.57 -5.53 -24.37
CA TYR A 581 -14.37 -4.45 -23.42
C TYR A 581 -15.37 -4.48 -22.26
N ASN A 582 -16.34 -5.39 -22.33
CA ASN A 582 -17.45 -5.39 -21.35
C ASN A 582 -17.42 -6.61 -20.44
N LEU A 583 -17.67 -6.40 -19.14
CA LEU A 583 -17.92 -7.52 -18.26
C LEU A 583 -19.42 -7.93 -18.31
N GLU A 584 -19.65 -9.24 -18.45
CA GLU A 584 -20.99 -9.78 -18.65
C GLU A 584 -21.24 -11.01 -17.77
N SER A 585 -22.41 -11.03 -17.12
CA SER A 585 -22.90 -12.15 -16.27
C SER A 585 -24.40 -12.01 -15.93
N LYS A 586 -25.16 -13.07 -16.15
CA LYS A 586 -26.59 -13.04 -15.74
C LYS A 586 -26.73 -13.31 -14.24
N SER A 587 -25.69 -13.88 -13.65
CA SER A 587 -25.65 -14.29 -12.25
C SER A 587 -25.12 -13.25 -11.28
N LEU A 588 -24.02 -12.61 -11.64
CA LEU A 588 -23.24 -11.92 -10.63
C LEU A 588 -24.05 -10.88 -9.84
N VAL A 589 -23.87 -10.90 -8.52
CA VAL A 589 -24.55 -10.04 -7.58
C VAL A 589 -23.60 -9.00 -6.98
N GLU A 590 -22.31 -9.36 -6.85
CA GLU A 590 -21.31 -8.46 -6.25
C GLU A 590 -19.99 -8.41 -7.03
N LEU A 591 -19.57 -7.19 -7.40
CA LEU A 591 -18.32 -7.01 -8.11
C LEU A 591 -17.54 -5.98 -7.34
N VAL A 592 -16.39 -6.41 -6.85
CA VAL A 592 -15.38 -5.52 -6.28
C VAL A 592 -14.35 -5.14 -7.35
N PHE A 593 -14.28 -3.84 -7.69
CA PHE A 593 -13.38 -3.37 -8.77
C PHE A 593 -12.44 -2.26 -8.28
N SER A 594 -12.27 -2.18 -6.98
CA SER A 594 -11.40 -1.21 -6.35
C SER A 594 -9.95 -1.43 -6.76
N GLY A 595 -9.16 -0.36 -6.70
CA GLY A 595 -7.75 -0.40 -7.03
C GLY A 595 -7.47 -0.76 -8.48
N ASN A 596 -8.30 -0.28 -9.38
CA ASN A 596 -8.07 -0.46 -10.81
C ASN A 596 -7.98 0.91 -11.41
N ARG A 597 -8.09 1.01 -12.73
CA ARG A 597 -7.93 2.31 -13.39
C ARG A 597 -9.12 2.75 -14.25
N LEU A 598 -10.31 2.78 -13.68
CA LEU A 598 -11.44 3.33 -14.36
C LEU A 598 -11.18 4.73 -14.86
N ASP A 599 -10.24 5.45 -14.24
CA ASP A 599 -9.90 6.79 -14.74
C ASP A 599 -9.38 6.77 -16.20
N ILE A 600 -8.68 5.70 -16.56
CA ILE A 600 -8.19 5.52 -17.91
C ILE A 600 -9.28 4.85 -18.75
N LEU A 601 -9.91 3.83 -18.19
CA LEU A 601 -10.97 3.11 -18.91
C LEU A 601 -12.07 4.05 -19.37
N TRP A 602 -12.43 5.01 -18.51
CA TRP A 602 -13.46 5.97 -18.80
C TRP A 602 -12.93 7.32 -19.22
N ASN A 603 -11.73 7.32 -19.78
CA ASN A 603 -11.11 8.53 -20.27
C ASN A 603 -12.01 9.17 -21.34
N ASP A 604 -12.09 10.49 -21.33
CA ASP A 604 -12.95 11.24 -22.25
C ASP A 604 -12.81 10.95 -23.75
N ASP A 605 -11.66 10.49 -24.20
CA ASP A 605 -11.39 10.26 -25.64
C ASP A 605 -11.57 8.79 -26.04
N ASP A 606 -12.11 7.98 -25.13
CA ASP A 606 -12.26 6.56 -25.35
C ASP A 606 -13.70 6.17 -25.08
N ASN A 607 -14.36 5.61 -26.07
CA ASN A 607 -15.74 5.18 -25.89
C ASN A 607 -15.84 3.70 -25.60
N ARG A 608 -14.72 2.99 -25.58
CA ARG A 608 -14.79 1.54 -25.65
C ARG A 608 -15.36 0.90 -24.37
N TYR A 609 -15.11 1.52 -23.22
CA TYR A 609 -15.40 0.91 -21.91
C TYR A 609 -16.60 1.57 -21.23
N ILE A 610 -17.45 2.15 -22.04
CA ILE A 610 -18.48 3.06 -21.58
C ILE A 610 -19.63 2.26 -20.94
N SER A 611 -19.74 0.99 -21.35
CA SER A 611 -20.77 0.06 -20.88
C SER A 611 -20.12 -1.13 -20.16
N ILE A 612 -18.96 -0.90 -19.55
CA ILE A 612 -18.18 -1.99 -19.01
C ILE A 612 -18.89 -2.90 -17.97
N PHE A 613 -19.77 -2.33 -17.16
CA PHE A 613 -20.46 -3.12 -16.13
C PHE A 613 -21.95 -3.33 -16.43
N LYS A 614 -22.45 -2.77 -17.54
CA LYS A 614 -23.88 -2.87 -17.89
C LYS A 614 -24.37 -4.32 -18.05
N GLY A 615 -23.57 -5.15 -18.71
CA GLY A 615 -23.88 -6.56 -18.87
C GLY A 615 -23.92 -7.38 -17.58
N LEU A 616 -23.66 -6.77 -16.43
CA LEU A 616 -23.81 -7.50 -15.18
C LEU A 616 -25.25 -7.28 -14.74
N LYS A 617 -26.12 -8.06 -15.36
CA LYS A 617 -27.57 -7.85 -15.28
C LYS A 617 -28.14 -8.04 -13.88
N ASN A 618 -27.47 -8.80 -13.03
CA ASN A 618 -27.98 -9.10 -11.69
C ASN A 618 -27.30 -8.31 -10.58
N LEU A 619 -26.41 -7.41 -10.93
CA LEU A 619 -25.54 -6.82 -9.93
C LEU A 619 -26.32 -5.98 -8.92
N THR A 620 -26.12 -6.22 -7.62
CA THR A 620 -26.69 -5.32 -6.61
C THR A 620 -25.62 -4.54 -5.88
N ARG A 621 -24.39 -5.03 -5.93
CA ARG A 621 -23.31 -4.45 -5.14
C ARG A 621 -22.09 -4.20 -6.01
N LEU A 622 -21.71 -2.94 -6.13
CA LEU A 622 -20.56 -2.53 -6.94
C LEU A 622 -19.58 -1.67 -6.17
N ASP A 623 -18.32 -2.07 -6.24
CA ASP A 623 -17.28 -1.34 -5.54
C ASP A 623 -16.25 -0.73 -6.53
N LEU A 624 -16.28 0.60 -6.65
CA LEU A 624 -15.40 1.36 -7.55
C LEU A 624 -14.46 2.29 -6.80
N SER A 625 -14.20 1.97 -5.54
CA SER A 625 -13.27 2.77 -4.76
C SER A 625 -11.85 2.66 -5.29
N LEU A 626 -11.05 3.67 -5.00
CA LEU A 626 -9.62 3.61 -5.33
C LEU A 626 -9.32 3.40 -6.80
N ASN A 627 -10.09 4.07 -7.65
CA ASN A 627 -9.88 4.09 -9.12
C ASN A 627 -9.39 5.44 -9.75
N ARG A 628 -8.87 6.31 -8.90
CA ARG A 628 -8.35 7.64 -9.29
C ARG A 628 -9.29 8.40 -10.14
N LEU A 629 -10.56 8.32 -9.80
CA LEU A 629 -11.56 8.99 -10.58
C LEU A 629 -11.59 10.45 -10.20
N LYS A 630 -11.42 11.32 -11.20
CA LYS A 630 -11.64 12.76 -11.01
C LYS A 630 -13.03 13.15 -11.44
N HIS A 631 -13.57 12.46 -12.45
CA HIS A 631 -15.02 12.50 -12.72
C HIS A 631 -15.47 11.22 -13.41
N ILE A 632 -16.77 10.95 -13.37
CA ILE A 632 -17.32 9.88 -14.16
C ILE A 632 -18.14 10.50 -15.25
N PRO A 633 -17.92 10.09 -16.51
CA PRO A 633 -18.78 10.61 -17.57
C PRO A 633 -20.24 10.21 -17.37
N ASN A 634 -21.19 11.09 -17.69
CA ASN A 634 -22.59 10.81 -17.40
C ASN A 634 -23.03 9.51 -18.05
N GLU A 635 -22.64 9.31 -19.30
CA GLU A 635 -22.96 8.09 -20.01
C GLU A 635 -22.37 6.83 -19.35
N ALA A 636 -21.18 6.93 -18.78
CA ALA A 636 -20.61 5.77 -18.09
C ALA A 636 -21.42 5.49 -16.84
N PHE A 637 -21.82 6.54 -16.14
CA PHE A 637 -22.59 6.37 -14.94
C PHE A 637 -23.94 5.76 -15.25
N LEU A 638 -24.55 6.25 -16.32
CA LEU A 638 -25.89 5.83 -16.65
C LEU A 638 -25.88 4.39 -17.13
N ASN A 639 -24.70 3.85 -17.50
CA ASN A 639 -24.64 2.43 -17.93
C ASN A 639 -24.27 1.48 -16.78
N LEU A 640 -24.24 1.99 -15.56
CA LEU A 640 -24.13 1.10 -14.41
C LEU A 640 -25.44 0.33 -14.27
N PRO A 641 -25.37 -0.95 -13.88
CA PRO A 641 -26.56 -1.77 -13.88
C PRO A 641 -27.69 -1.18 -13.04
N ALA A 642 -28.92 -1.17 -13.56
CA ALA A 642 -30.03 -0.50 -12.87
C ALA A 642 -30.49 -1.27 -11.65
N SER A 643 -30.04 -2.53 -11.55
CA SER A 643 -30.29 -3.38 -10.38
C SER A 643 -29.58 -3.00 -9.07
N LEU A 644 -28.61 -2.07 -9.11
CA LEU A 644 -27.79 -1.82 -7.95
C LEU A 644 -28.59 -1.37 -6.75
N THR A 645 -28.27 -1.96 -5.60
CA THR A 645 -28.75 -1.51 -4.31
C THR A 645 -27.65 -0.86 -3.51
N GLU A 646 -26.39 -1.07 -3.91
CA GLU A 646 -25.26 -0.63 -3.11
C GLU A 646 -24.10 -0.23 -4.00
N LEU A 647 -23.73 1.05 -3.93
CA LEU A 647 -22.67 1.57 -4.81
C LEU A 647 -21.63 2.34 -4.00
N HIS A 648 -20.36 1.92 -4.10
CA HIS A 648 -19.23 2.62 -3.41
C HIS A 648 -18.35 3.25 -4.47
N ILE A 649 -18.17 4.56 -4.35
CA ILE A 649 -17.16 5.28 -5.16
C ILE A 649 -16.23 6.08 -4.25
N ASN A 650 -15.98 5.53 -3.07
CA ASN A 650 -15.21 6.20 -2.04
C ASN A 650 -13.73 6.15 -2.38
N ASP A 651 -13.01 7.17 -1.89
CA ASP A 651 -11.55 7.26 -2.00
C ASP A 651 -11.14 7.33 -3.43
N ASN A 652 -11.81 8.21 -4.14
CA ASN A 652 -11.37 8.63 -5.46
C ASN A 652 -11.02 10.09 -5.35
N MET A 653 -11.22 10.87 -6.40
CA MET A 653 -10.83 12.26 -6.38
C MET A 653 -11.95 13.04 -7.06
N LEU A 654 -13.20 12.68 -6.76
CA LEU A 654 -14.35 13.28 -7.46
C LEU A 654 -14.56 14.71 -6.96
N LYS A 655 -14.56 15.68 -7.86
CA LYS A 655 -14.92 17.05 -7.52
C LYS A 655 -16.38 17.32 -7.78
N PHE A 656 -17.02 16.51 -8.62
CA PHE A 656 -18.44 16.68 -8.98
C PHE A 656 -19.16 15.33 -9.09
N PHE A 657 -20.40 15.28 -8.67
CA PHE A 657 -21.23 14.10 -8.83
C PHE A 657 -22.59 14.53 -9.38
N ASN A 658 -23.02 13.88 -10.46
CA ASN A 658 -24.28 14.21 -11.08
C ASN A 658 -25.45 13.54 -10.41
N TRP A 659 -26.02 14.24 -9.46
CA TRP A 659 -27.02 13.67 -8.60
C TRP A 659 -28.25 13.23 -9.37
N THR A 660 -28.51 13.91 -10.49
CA THR A 660 -29.75 13.70 -11.21
C THR A 660 -29.73 12.29 -11.81
N LEU A 661 -28.54 11.70 -11.95
CA LEU A 661 -28.44 10.38 -12.59
C LEU A 661 -29.02 9.28 -11.73
N LEU A 662 -29.17 9.55 -10.45
CA LEU A 662 -29.72 8.56 -9.54
C LEU A 662 -31.14 8.16 -9.92
N GLN A 663 -31.78 8.93 -10.79
CA GLN A 663 -33.08 8.57 -11.31
C GLN A 663 -33.11 7.24 -12.01
N GLN A 664 -31.97 6.81 -12.52
CA GLN A 664 -31.94 5.58 -13.28
C GLN A 664 -31.61 4.41 -12.38
N PHE A 665 -31.54 4.65 -11.09
CA PHE A 665 -31.28 3.58 -10.14
C PHE A 665 -32.34 3.54 -9.04
N PRO A 666 -33.54 3.02 -9.38
CA PRO A 666 -34.69 2.98 -8.48
C PRO A 666 -34.54 2.01 -7.28
N ARG A 667 -33.58 1.07 -7.34
CA ARG A 667 -33.36 0.14 -6.23
C ARG A 667 -32.25 0.62 -5.28
N LEU A 668 -31.59 1.73 -5.59
CA LEU A 668 -30.37 2.07 -4.86
C LEU A 668 -30.63 2.50 -3.42
N GLU A 669 -30.07 1.73 -2.48
CA GLU A 669 -30.24 2.00 -1.05
C GLU A 669 -29.04 2.63 -0.41
N LEU A 670 -27.87 2.24 -0.83
CA LEU A 670 -26.65 2.80 -0.22
C LEU A 670 -25.74 3.38 -1.28
N LEU A 671 -25.41 4.65 -1.07
CA LEU A 671 -24.47 5.34 -1.91
C LEU A 671 -23.35 5.88 -1.06
N ASP A 672 -22.15 5.40 -1.38
CA ASP A 672 -20.95 5.74 -0.63
C ASP A 672 -19.98 6.55 -1.46
N LEU A 673 -19.79 7.79 -1.01
CA LEU A 673 -18.95 8.78 -1.68
C LEU A 673 -17.85 9.36 -0.81
N ARG A 674 -17.56 8.69 0.30
CA ARG A 674 -16.55 9.17 1.24
C ARG A 674 -15.16 9.31 0.61
N GLY A 675 -14.42 10.33 1.04
CA GLY A 675 -13.03 10.47 0.70
C GLY A 675 -12.84 10.91 -0.72
N ASN A 676 -13.62 11.89 -1.14
CA ASN A 676 -13.45 12.50 -2.45
C ASN A 676 -13.21 13.99 -2.21
N LYS A 677 -13.48 14.83 -3.21
CA LYS A 677 -13.29 16.26 -3.09
C LYS A 677 -14.57 17.02 -3.43
N LEU A 678 -15.71 16.47 -3.03
CA LEU A 678 -16.99 17.01 -3.47
C LEU A 678 -17.29 18.35 -2.80
N LEU A 679 -17.80 19.27 -3.60
CA LEU A 679 -18.08 20.63 -3.14
C LEU A 679 -19.56 20.85 -2.95
N PHE A 680 -20.37 20.19 -3.77
CA PHE A 680 -21.74 20.54 -3.96
C PHE A 680 -22.69 19.36 -3.76
N LEU A 681 -23.66 19.58 -2.89
CA LEU A 681 -24.86 18.74 -2.85
C LEU A 681 -25.92 19.33 -3.76
N THR A 682 -27.05 18.66 -3.90
CA THR A 682 -28.17 19.15 -4.71
C THR A 682 -29.30 19.49 -3.76
N ASP A 683 -30.11 20.51 -4.07
CA ASP A 683 -31.30 20.81 -3.26
C ASP A 683 -32.52 19.91 -3.56
N SER A 684 -32.41 19.04 -4.56
CA SER A 684 -33.55 18.24 -5.05
C SER A 684 -33.34 16.73 -5.04
N LEU A 685 -32.65 16.23 -4.03
CA LEU A 685 -32.44 14.81 -3.96
C LEU A 685 -33.74 14.01 -4.15
N SER A 686 -34.84 14.47 -3.55
CA SER A 686 -36.07 13.69 -3.57
C SER A 686 -36.65 13.46 -4.96
N ASP A 687 -36.25 14.26 -5.95
CA ASP A 687 -36.61 13.98 -7.34
C ASP A 687 -35.80 12.89 -7.97
N PHE A 688 -34.67 12.57 -7.36
CA PHE A 688 -33.69 11.73 -8.00
C PHE A 688 -33.69 10.34 -7.41
N THR A 689 -34.25 10.21 -6.21
CA THR A 689 -34.39 8.91 -5.58
C THR A 689 -35.52 8.92 -4.59
N SER A 690 -36.12 7.74 -4.44
CA SER A 690 -37.06 7.49 -3.35
C SER A 690 -36.72 6.14 -2.70
N SER A 691 -35.46 5.70 -2.87
CA SER A 691 -34.96 4.41 -2.34
C SER A 691 -33.79 4.61 -1.38
N LEU A 692 -33.05 5.70 -1.54
CA LEU A 692 -31.80 5.89 -0.84
C LEU A 692 -31.98 5.96 0.66
N ARG A 693 -31.34 5.03 1.33
CA ARG A 693 -31.43 4.84 2.77
C ARG A 693 -30.20 5.42 3.47
N THR A 694 -29.03 5.19 2.88
CA THR A 694 -27.77 5.61 3.46
C THR A 694 -26.98 6.39 2.46
N LEU A 695 -26.53 7.57 2.87
CA LEU A 695 -25.71 8.41 2.01
C LEU A 695 -24.49 8.84 2.78
N LEU A 696 -23.32 8.35 2.34
CA LEU A 696 -22.09 8.57 3.09
C LEU A 696 -21.19 9.55 2.41
N LEU A 697 -20.94 10.66 3.09
CA LEU A 697 -20.20 11.76 2.47
C LEU A 697 -18.97 12.28 3.23
N SER A 698 -18.49 11.53 4.21
CA SER A 698 -17.32 11.94 5.00
C SER A 698 -16.18 12.24 4.10
N HIS A 699 -15.32 13.14 4.56
CA HIS A 699 -14.04 13.43 3.89
C HIS A 699 -14.23 13.95 2.46
N ASN A 700 -14.99 15.04 2.41
CA ASN A 700 -15.24 15.80 1.21
C ASN A 700 -15.15 17.28 1.60
N ARG A 701 -15.48 18.15 0.66
CA ARG A 701 -15.26 19.58 0.84
C ARG A 701 -16.56 20.32 0.81
N ILE A 702 -17.60 19.71 1.38
CA ILE A 702 -18.93 20.30 1.43
C ILE A 702 -18.91 21.42 2.47
N SER A 703 -19.28 22.64 2.06
CA SER A 703 -19.41 23.72 3.02
C SER A 703 -20.84 24.17 3.23
N HIS A 704 -21.76 23.88 2.31
CA HIS A 704 -23.17 24.21 2.58
C HIS A 704 -24.15 23.07 2.39
N LEU A 705 -25.10 22.97 3.32
CA LEU A 705 -26.28 22.15 3.16
C LEU A 705 -27.36 23.01 2.52
N PRO A 706 -27.95 22.56 1.41
CA PRO A 706 -29.02 23.37 0.86
C PRO A 706 -30.32 23.26 1.65
N SER A 707 -31.05 24.39 1.73
CA SER A 707 -32.41 24.42 2.26
C SER A 707 -33.19 23.26 1.65
N GLY A 708 -33.71 22.38 2.49
CA GLY A 708 -34.48 21.24 1.98
C GLY A 708 -33.68 20.29 1.10
N PHE A 709 -32.39 20.20 1.38
CA PHE A 709 -31.56 19.13 0.85
C PHE A 709 -32.21 17.82 1.23
N LEU A 710 -32.44 17.73 2.53
CA LEU A 710 -32.65 16.49 3.24
C LEU A 710 -34.14 16.18 3.32
N SER A 711 -34.90 17.14 3.85
CA SER A 711 -36.23 16.90 4.47
C SER A 711 -37.29 16.20 3.60
N GLU A 712 -36.99 15.95 2.32
CA GLU A 712 -38.01 15.50 1.37
C GLU A 712 -37.88 14.03 1.03
N VAL A 713 -36.70 13.46 1.30
CA VAL A 713 -36.40 12.11 0.85
C VAL A 713 -36.57 11.18 2.04
N SER A 714 -37.78 10.65 2.16
CA SER A 714 -38.22 10.07 3.41
C SER A 714 -37.73 8.64 3.56
N SER A 715 -37.08 8.11 2.50
CA SER A 715 -36.41 6.82 2.61
C SER A 715 -35.12 6.95 3.41
N LEU A 716 -34.54 8.15 3.45
CA LEU A 716 -33.19 8.38 3.97
C LEU A 716 -33.11 8.36 5.49
N LYS A 717 -32.45 7.32 6.03
CA LYS A 717 -32.36 7.12 7.47
C LYS A 717 -30.98 7.47 8.02
N HIS A 718 -29.93 7.31 7.22
CA HIS A 718 -28.57 7.54 7.69
C HIS A 718 -27.85 8.53 6.77
N LEU A 719 -27.47 9.67 7.30
CA LEU A 719 -26.73 10.65 6.53
C LEU A 719 -25.42 10.91 7.24
N ASP A 720 -24.30 10.82 6.52
CA ASP A 720 -22.98 11.02 7.14
C ASP A 720 -22.32 12.17 6.45
N LEU A 721 -22.20 13.27 7.19
CA LEU A 721 -21.56 14.47 6.69
C LEU A 721 -20.28 14.82 7.44
N SER A 722 -19.74 13.84 8.16
CA SER A 722 -18.55 14.07 9.00
C SER A 722 -17.37 14.50 8.16
N SER A 723 -16.37 15.10 8.81
CA SER A 723 -15.14 15.58 8.16
C SER A 723 -15.40 16.26 6.82
N ASN A 724 -16.22 17.30 6.88
CA ASN A 724 -16.43 18.21 5.75
C ASN A 724 -16.12 19.62 6.22
N LEU A 725 -16.46 20.64 5.42
CA LEU A 725 -16.15 22.04 5.75
C LEU A 725 -17.41 22.83 6.19
N LEU A 726 -18.32 22.18 6.92
CA LEU A 726 -19.56 22.87 7.34
C LEU A 726 -19.37 23.80 8.55
N LYS A 727 -19.64 25.09 8.33
CA LYS A 727 -19.68 26.14 9.39
C LYS A 727 -20.93 26.04 10.23
N THR A 728 -22.04 25.66 9.58
CA THR A 728 -23.34 25.73 10.22
C THR A 728 -24.37 24.80 9.57
N ILE A 729 -25.50 24.61 10.23
CA ILE A 729 -26.60 23.86 9.66
C ILE A 729 -27.85 24.71 9.81
N ASN A 730 -28.34 25.21 8.67
CA ASN A 730 -29.52 26.07 8.65
C ASN A 730 -30.76 25.32 9.03
N LYS A 731 -31.64 26.04 9.73
CA LYS A 731 -33.00 25.61 9.94
C LYS A 731 -33.49 24.73 8.76
N SER A 732 -33.54 25.31 7.57
CA SER A 732 -34.22 24.69 6.45
C SER A 732 -33.64 23.31 6.13
N ALA A 733 -32.35 23.26 5.87
CA ALA A 733 -31.68 22.02 5.51
C ALA A 733 -32.31 20.80 6.15
N THR A 740 -38.96 15.19 9.10
CA THR A 740 -37.75 14.48 9.53
C THR A 740 -37.93 12.96 9.59
N LYS A 741 -37.34 12.25 8.65
CA LYS A 741 -37.42 10.80 8.64
C LYS A 741 -36.04 10.13 8.85
N LEU A 742 -35.12 10.97 9.33
CA LEU A 742 -33.71 10.66 9.51
C LEU A 742 -33.49 9.93 10.83
N SER A 743 -32.68 8.89 10.82
CA SER A 743 -32.48 8.09 12.02
C SER A 743 -31.08 8.34 12.62
N MET A 744 -30.07 8.57 11.77
CA MET A 744 -28.71 8.92 12.21
C MET A 744 -28.08 10.00 11.32
N LEU A 745 -27.38 10.94 11.96
CA LEU A 745 -26.75 12.07 11.30
C LEU A 745 -25.39 12.26 11.96
N GLU A 746 -24.32 12.19 11.18
CA GLU A 746 -22.94 12.35 11.69
C GLU A 746 -22.37 13.64 11.19
N LEU A 747 -21.78 14.39 12.11
CA LEU A 747 -21.36 15.75 11.86
C LEU A 747 -19.98 16.07 12.41
N HIS A 748 -19.31 15.09 13.00
CA HIS A 748 -18.04 15.33 13.67
C HIS A 748 -16.95 15.76 12.71
N GLY A 749 -16.09 16.63 13.20
CA GLY A 749 -14.93 17.07 12.44
C GLY A 749 -15.25 18.08 11.37
N ASN A 750 -16.38 18.75 11.49
CA ASN A 750 -16.68 19.92 10.64
C ASN A 750 -16.27 21.18 11.42
N PRO A 751 -15.72 22.21 10.72
CA PRO A 751 -15.24 23.43 11.40
C PRO A 751 -16.35 24.39 11.83
N PHE A 752 -17.18 23.95 12.77
CA PHE A 752 -18.33 24.73 13.16
C PHE A 752 -18.04 26.12 13.70
N GLU A 753 -18.96 27.04 13.40
CA GLU A 753 -18.97 28.36 14.02
C GLU A 753 -19.90 28.37 15.20
N CYS A 754 -19.34 28.72 16.35
CA CYS A 754 -20.10 28.83 17.56
C CYS A 754 -20.24 30.29 17.92
N THR A 755 -20.99 30.99 17.06
CA THR A 755 -21.67 32.22 17.40
C THR A 755 -23.09 31.79 17.69
N CYS A 756 -24.01 32.75 17.78
CA CYS A 756 -25.40 32.47 18.14
C CYS A 756 -26.24 31.88 16.99
N ASP A 757 -25.72 31.90 15.77
CA ASP A 757 -26.44 31.32 14.64
C ASP A 757 -26.40 29.78 14.61
N ILE A 758 -25.69 29.19 15.56
CA ILE A 758 -25.67 27.74 15.72
C ILE A 758 -26.90 27.27 16.54
N GLY A 759 -27.55 28.23 17.20
CA GLY A 759 -28.67 27.92 18.08
C GLY A 759 -29.86 27.37 17.34
N ASP A 760 -29.98 27.73 16.06
CA ASP A 760 -30.94 27.10 15.16
C ASP A 760 -30.82 25.59 15.35
N PHE A 761 -29.60 25.13 15.12
CA PHE A 761 -29.33 23.73 15.03
C PHE A 761 -29.55 23.06 16.38
N ARG A 762 -28.97 23.63 17.41
CA ARG A 762 -29.09 23.11 18.74
C ARG A 762 -30.53 22.79 19.10
N ARG A 763 -31.45 23.69 18.76
CA ARG A 763 -32.82 23.53 19.19
C ARG A 763 -33.50 22.49 18.34
N TRP A 764 -33.01 22.31 17.12
CA TRP A 764 -33.44 21.15 16.32
C TRP A 764 -33.03 19.85 17.02
N MET A 765 -31.76 19.78 17.40
CA MET A 765 -31.20 18.61 18.07
C MET A 765 -32.04 18.28 19.29
N ASP A 766 -32.35 19.32 20.06
CA ASP A 766 -33.21 19.19 21.23
C ASP A 766 -34.56 18.55 20.90
N GLU A 767 -35.12 18.89 19.74
CA GLU A 767 -36.46 18.42 19.31
C GLU A 767 -36.53 17.00 18.78
N HIS A 768 -35.52 16.61 18.00
CA HIS A 768 -35.46 15.30 17.40
C HIS A 768 -34.42 14.46 18.11
N LEU A 769 -34.83 14.00 19.30
CA LEU A 769 -33.96 13.27 20.21
C LEU A 769 -33.77 11.84 19.76
N ASN A 770 -34.59 11.35 18.84
CA ASN A 770 -34.37 10.02 18.28
C ASN A 770 -33.60 10.04 16.93
N VAL A 771 -32.96 11.16 16.63
CA VAL A 771 -31.93 11.19 15.59
C VAL A 771 -30.55 11.09 16.25
N LYS A 772 -30.01 9.87 16.27
CA LYS A 772 -28.67 9.60 16.78
C LYS A 772 -27.64 10.49 16.12
N ILE A 773 -27.01 11.34 16.93
CA ILE A 773 -25.80 12.06 16.55
C ILE A 773 -24.58 11.56 17.34
N PRO A 774 -23.77 10.70 16.74
CA PRO A 774 -22.63 10.13 17.43
C PRO A 774 -21.53 11.13 17.75
N ARG A 775 -20.68 10.79 18.71
CA ARG A 775 -19.41 11.47 18.83
C ARG A 775 -19.61 12.98 18.99
N LEU A 776 -20.54 13.39 19.84
CA LEU A 776 -20.79 14.82 20.10
C LEU A 776 -19.55 15.52 20.60
N VAL A 777 -18.72 14.76 21.31
CA VAL A 777 -17.40 15.23 21.78
C VAL A 777 -16.48 15.66 20.64
N ASP A 778 -16.73 15.19 19.43
CA ASP A 778 -15.92 15.59 18.26
C ASP A 778 -16.65 16.55 17.28
N VAL A 779 -17.87 16.96 17.63
CA VAL A 779 -18.60 18.03 16.93
C VAL A 779 -18.23 19.33 17.63
N ILE A 780 -17.19 19.97 17.12
CA ILE A 780 -16.44 20.97 17.84
C ILE A 780 -16.49 22.28 17.08
N CYS A 781 -16.46 23.39 17.81
CA CYS A 781 -16.32 24.72 17.24
C CYS A 781 -14.90 25.00 16.82
N ALA A 782 -14.71 25.41 15.57
CA ALA A 782 -13.43 25.99 15.16
C ALA A 782 -13.45 27.50 15.43
N SER A 783 -14.63 28.05 15.68
CA SER A 783 -14.86 29.50 15.63
C SER A 783 -15.80 29.90 16.75
N PRO A 784 -15.60 31.07 17.36
CA PRO A 784 -14.49 32.02 17.12
C PRO A 784 -13.18 31.66 17.89
N GLY A 785 -12.62 32.59 18.69
CA GLY A 785 -11.54 32.27 19.64
C GLY A 785 -12.05 31.52 20.86
N ASP A 786 -12.99 32.12 21.58
CA ASP A 786 -13.99 31.36 22.32
C ASP A 786 -15.00 30.94 21.25
N GLN A 787 -16.20 30.46 21.59
CA GLN A 787 -16.45 29.59 22.74
C GLN A 787 -15.95 28.25 22.21
N ARG A 788 -14.67 28.25 21.87
CA ARG A 788 -14.13 27.46 20.78
C ARG A 788 -13.79 26.09 21.31
N GLY A 789 -13.23 25.24 20.46
CA GLY A 789 -12.60 23.99 20.89
C GLY A 789 -13.53 23.05 21.64
N LYS A 790 -14.69 23.53 22.05
CA LYS A 790 -15.53 22.77 22.95
C LYS A 790 -16.68 22.27 22.11
N SER A 791 -17.36 21.22 22.55
CA SER A 791 -18.49 20.70 21.80
C SER A 791 -19.55 21.79 21.65
N ILE A 792 -20.07 21.91 20.44
CA ILE A 792 -21.18 22.79 20.15
C ILE A 792 -22.32 22.55 21.14
N VAL A 793 -22.39 21.34 21.68
CA VAL A 793 -23.51 20.96 22.52
C VAL A 793 -23.43 21.59 23.91
N SER A 794 -22.26 22.12 24.28
CA SER A 794 -22.10 22.91 25.49
C SER A 794 -21.84 24.38 25.16
N LEU A 795 -22.93 25.12 24.95
CA LEU A 795 -22.89 26.56 24.66
C LEU A 795 -24.12 27.18 25.32
N GLU A 796 -23.94 28.31 26.00
CA GLU A 796 -25.02 28.97 26.79
C GLU A 796 -26.20 28.03 27.13
N SER B 9 8.16 45.32 -0.18
CA SER B 9 7.66 44.06 0.44
C SER B 9 7.92 42.84 -0.48
N ARG B 10 7.10 41.81 -0.31
CA ARG B 10 7.42 40.45 -0.76
C ARG B 10 6.65 40.10 -2.05
N SER B 11 7.32 39.42 -2.98
CA SER B 11 6.70 39.01 -4.24
C SER B 11 5.42 38.17 -4.05
N TYR B 12 4.40 38.45 -4.84
CA TYR B 12 3.09 37.79 -4.71
C TYR B 12 2.32 37.95 -6.03
N PRO B 13 1.46 37.00 -6.37
CA PRO B 13 1.52 35.65 -5.80
C PRO B 13 2.61 34.81 -6.43
N CYS B 14 3.41 35.36 -7.33
CA CYS B 14 4.43 34.56 -7.99
C CYS B 14 5.70 34.45 -7.18
N ASP B 15 6.54 33.48 -7.54
CA ASP B 15 7.79 33.22 -6.84
C ASP B 15 8.92 33.37 -7.81
N GLU B 16 9.84 34.28 -7.53
CA GLU B 16 10.90 34.60 -8.47
C GLU B 16 12.22 33.92 -8.16
N LYS B 17 13.07 33.84 -9.17
CA LYS B 17 14.37 33.19 -9.04
C LYS B 17 15.31 33.74 -10.10
N LYS B 18 16.60 33.49 -9.94
CA LYS B 18 17.63 34.13 -10.76
C LYS B 18 17.84 33.48 -12.14
N GLN B 19 18.08 32.17 -12.12
CA GLN B 19 18.76 31.47 -13.22
C GLN B 19 18.34 30.01 -13.23
N VAL B 23 15.15 35.64 -15.29
CA VAL B 23 14.35 35.70 -14.05
C VAL B 23 12.94 35.13 -14.26
N ILE B 24 12.75 33.91 -13.74
CA ILE B 24 11.49 33.18 -13.87
C ILE B 24 10.56 33.56 -12.72
N ALA B 25 9.29 33.80 -13.05
CA ALA B 25 8.24 34.02 -12.06
C ALA B 25 7.35 32.79 -12.01
N GLU B 26 7.80 31.79 -11.26
CA GLU B 26 7.04 30.56 -11.08
C GLU B 26 5.70 30.92 -10.46
N CYS B 27 4.67 31.01 -11.30
CA CYS B 27 3.33 31.41 -10.84
C CYS B 27 2.28 30.36 -11.15
N SER B 28 2.70 29.12 -11.35
CA SER B 28 1.78 28.05 -11.74
C SER B 28 0.95 27.54 -10.58
N ASN B 29 -0.18 26.92 -10.90
CA ASN B 29 -0.96 26.14 -9.95
C ASN B 29 -1.24 26.88 -8.63
N ARG B 30 -2.24 27.76 -8.64
CA ARG B 30 -2.49 28.68 -7.51
C ARG B 30 -3.93 29.08 -7.30
N ARG B 31 -4.85 28.45 -8.01
CA ARG B 31 -6.26 28.86 -8.05
C ARG B 31 -6.48 30.32 -8.55
N LEU B 32 -5.55 30.85 -9.33
CA LEU B 32 -5.65 32.21 -9.90
C LEU B 32 -6.75 32.29 -10.95
N GLN B 33 -7.64 33.28 -10.82
CA GLN B 33 -8.80 33.43 -11.71
C GLN B 33 -8.55 34.40 -12.86
N GLU B 34 -7.42 35.08 -12.83
CA GLU B 34 -7.06 36.01 -13.86
C GLU B 34 -5.59 36.27 -13.68
N VAL B 35 -4.94 36.79 -14.73
CA VAL B 35 -3.54 37.16 -14.65
C VAL B 35 -3.39 38.18 -13.51
N PRO B 36 -2.41 37.97 -12.61
CA PRO B 36 -2.22 38.91 -11.50
C PRO B 36 -1.43 40.16 -11.93
N GLN B 37 -1.86 41.35 -11.52
CA GLN B 37 -1.24 42.60 -12.01
C GLN B 37 0.12 42.89 -11.33
N THR B 38 0.34 42.31 -10.16
CA THR B 38 1.49 42.63 -9.32
C THR B 38 2.78 41.89 -9.71
N VAL B 39 3.43 42.26 -10.81
CA VAL B 39 4.58 41.46 -11.33
C VAL B 39 5.66 42.29 -12.06
N GLY B 40 6.94 42.04 -11.73
CA GLY B 40 7.99 43.04 -11.91
C GLY B 40 8.77 43.03 -13.22
N LYS B 41 9.22 44.23 -13.63
CA LYS B 41 9.84 44.50 -14.95
C LYS B 41 11.00 43.58 -15.23
N TYR B 42 11.78 43.32 -14.20
CA TYR B 42 12.84 42.33 -14.30
C TYR B 42 12.33 40.94 -14.78
N VAL B 43 11.07 40.58 -14.49
CA VAL B 43 10.56 39.25 -14.89
C VAL B 43 10.52 39.06 -16.41
N THR B 44 11.08 37.92 -16.84
CA THR B 44 11.11 37.57 -18.25
C THR B 44 10.19 36.38 -18.55
N GLU B 45 10.25 35.34 -17.71
CA GLU B 45 9.50 34.11 -17.96
C GLU B 45 8.37 33.92 -16.97
N LEU B 46 7.15 34.12 -17.43
CA LEU B 46 5.96 33.97 -16.59
C LEU B 46 5.30 32.60 -16.84
N ASP B 47 5.11 31.83 -15.78
CA ASP B 47 4.51 30.51 -15.90
C ASP B 47 3.28 30.53 -15.05
N LEU B 48 2.13 30.70 -15.71
CA LEU B 48 0.83 30.67 -15.07
C LEU B 48 0.05 29.38 -15.34
N SER B 49 0.74 28.28 -15.66
CA SER B 49 0.07 27.02 -16.01
C SER B 49 -0.72 26.47 -14.85
N ASP B 50 -1.81 25.78 -15.15
CA ASP B 50 -2.65 25.13 -14.16
C ASP B 50 -3.21 26.13 -13.21
N ASN B 51 -4.01 27.06 -13.73
CA ASN B 51 -4.70 28.02 -12.89
C ASN B 51 -6.16 28.07 -13.34
N PHE B 52 -6.96 28.97 -12.78
CA PHE B 52 -8.38 29.00 -13.12
C PHE B 52 -8.70 30.10 -14.12
N ILE B 53 -7.65 30.73 -14.66
CA ILE B 53 -7.75 31.83 -15.64
C ILE B 53 -8.58 31.49 -16.86
N THR B 54 -9.55 32.33 -17.19
CA THR B 54 -10.45 32.09 -18.34
C THR B 54 -10.49 33.17 -19.46
N HIS B 55 -9.73 34.26 -19.31
CA HIS B 55 -9.83 35.44 -20.21
C HIS B 55 -8.47 36.09 -20.29
N ILE B 56 -7.95 36.25 -21.50
CA ILE B 56 -6.73 37.02 -21.75
C ILE B 56 -7.04 38.20 -22.69
N THR B 57 -6.46 39.36 -22.38
CA THR B 57 -6.63 40.57 -23.18
C THR B 57 -5.30 41.29 -23.25
N ASN B 58 -5.25 42.37 -24.02
CA ASN B 58 -4.05 43.22 -24.07
C ASN B 58 -3.76 43.88 -22.70
N GLU B 59 -4.79 43.99 -21.87
CA GLU B 59 -4.62 44.47 -20.50
C GLU B 59 -3.74 43.50 -19.73
N SER B 60 -4.14 42.23 -19.75
CA SER B 60 -3.48 41.18 -18.98
C SER B 60 -1.95 41.36 -18.83
N PHE B 61 -1.25 41.66 -19.92
CA PHE B 61 0.20 41.73 -19.86
C PHE B 61 0.70 43.16 -20.01
N GLN B 62 -0.18 44.11 -19.68
CA GLN B 62 0.11 45.54 -19.78
C GLN B 62 1.31 45.87 -18.91
N GLY B 63 2.34 46.44 -19.52
CA GLY B 63 3.52 46.90 -18.79
C GLY B 63 4.50 45.84 -18.33
N LEU B 64 4.27 44.58 -18.69
CA LEU B 64 5.20 43.50 -18.36
C LEU B 64 6.35 43.43 -19.36
N GLN B 65 6.08 43.89 -20.58
CA GLN B 65 7.14 44.26 -21.52
C GLN B 65 8.11 43.13 -21.86
N ASN B 66 8.91 42.75 -20.87
CA ASN B 66 10.23 42.14 -21.09
C ASN B 66 10.24 40.63 -21.24
N LEU B 67 9.04 40.05 -21.32
CA LEU B 67 8.88 38.61 -21.31
C LEU B 67 9.43 37.99 -22.61
N THR B 68 10.34 37.04 -22.44
CA THR B 68 10.81 36.17 -23.53
C THR B 68 9.97 34.88 -23.63
N LYS B 69 9.10 34.61 -22.66
CA LYS B 69 8.42 33.31 -22.57
C LYS B 69 7.18 33.33 -21.66
N ILE B 70 6.04 32.92 -22.21
CA ILE B 70 4.83 32.74 -21.40
C ILE B 70 4.26 31.32 -21.50
N ASN B 71 3.86 30.79 -20.35
CA ASN B 71 3.23 29.51 -20.26
C ASN B 71 1.88 29.64 -19.59
N LEU B 72 0.83 29.35 -20.36
CA LEU B 72 -0.55 29.35 -19.88
C LEU B 72 -1.18 27.97 -20.05
N ASN B 73 -0.37 26.93 -20.21
CA ASN B 73 -0.91 25.59 -20.36
C ASN B 73 -1.91 25.28 -19.25
N HIS B 74 -2.92 24.47 -19.57
CA HIS B 74 -3.88 23.94 -18.60
C HIS B 74 -4.67 25.06 -17.86
N ASN B 75 -5.34 25.91 -18.63
CA ASN B 75 -6.14 27.02 -18.09
C ASN B 75 -7.43 27.08 -18.90
N PRO B 76 -8.60 27.17 -18.27
CA PRO B 76 -8.76 27.07 -16.85
C PRO B 76 -8.68 25.62 -16.41
N ASN B 77 -8.13 25.36 -15.23
CA ASN B 77 -8.12 24.00 -14.69
C ASN B 77 -9.52 23.60 -14.20
N VAL B 78 -10.26 22.87 -15.03
CA VAL B 78 -11.72 22.76 -14.95
C VAL B 78 -12.29 23.66 -13.84
N GLY B 91 -13.21 26.91 -21.27
CA GLY B 91 -12.29 27.29 -22.33
C GLY B 91 -11.64 28.62 -22.04
N LEU B 92 -10.39 28.78 -22.49
CA LEU B 92 -9.64 30.03 -22.35
C LEU B 92 -9.99 30.96 -23.50
N ASN B 93 -10.49 32.15 -23.18
CA ASN B 93 -10.87 33.14 -24.18
C ASN B 93 -9.78 34.20 -24.38
N ILE B 94 -9.05 34.10 -25.50
CA ILE B 94 -7.94 35.01 -25.84
C ILE B 94 -8.36 36.00 -26.94
N THR B 95 -8.12 37.29 -26.70
CA THR B 95 -8.58 38.32 -27.63
C THR B 95 -7.57 38.62 -28.71
N ASP B 96 -8.08 39.25 -29.78
CA ASP B 96 -7.42 39.37 -31.06
C ASP B 96 -6.01 39.90 -31.07
N GLY B 97 -5.62 40.72 -30.11
CA GLY B 97 -4.26 41.24 -30.12
C GLY B 97 -3.53 41.13 -28.81
N ALA B 98 -4.01 40.24 -27.95
CA ALA B 98 -3.65 40.25 -26.54
C ALA B 98 -2.14 40.31 -26.31
N PHE B 99 -1.40 39.48 -27.03
CA PHE B 99 0.04 39.37 -26.82
C PHE B 99 0.82 40.31 -27.74
N LEU B 100 0.10 41.06 -28.58
CA LEU B 100 0.72 41.77 -29.69
C LEU B 100 1.85 42.73 -29.26
N ASN B 101 1.69 43.39 -28.12
CA ASN B 101 2.52 44.54 -27.79
C ASN B 101 3.92 44.20 -27.31
N LEU B 102 4.08 43.10 -26.58
CA LEU B 102 5.42 42.71 -26.12
C LEU B 102 6.13 41.92 -27.23
N LYS B 103 7.23 42.47 -27.72
CA LYS B 103 7.66 42.23 -29.09
C LYS B 103 9.07 41.70 -29.12
N ASN B 104 9.51 41.18 -27.98
CA ASN B 104 10.53 40.13 -27.94
C ASN B 104 9.99 38.91 -27.15
N LEU B 105 8.68 38.65 -27.25
CA LEU B 105 8.08 37.37 -26.83
C LEU B 105 8.43 36.31 -27.86
N ARG B 106 9.30 35.38 -27.47
CA ARG B 106 9.82 34.36 -28.38
C ARG B 106 9.05 33.04 -28.26
N GLU B 107 8.63 32.69 -27.04
CA GLU B 107 8.03 31.42 -26.75
C GLU B 107 6.69 31.57 -26.03
N LEU B 108 5.61 31.17 -26.70
CA LEU B 108 4.29 31.14 -26.10
C LEU B 108 3.72 29.68 -26.05
N LEU B 109 3.24 29.26 -24.87
CA LEU B 109 2.76 27.90 -24.63
C LEU B 109 1.30 27.91 -24.22
N LEU B 110 0.42 27.41 -25.09
CA LEU B 110 -1.04 27.48 -24.88
C LEU B 110 -1.73 26.11 -24.96
N GLU B 111 -1.24 25.15 -24.19
CA GLU B 111 -1.66 23.76 -24.33
C GLU B 111 -2.81 23.51 -23.41
N ASP B 112 -3.79 22.73 -23.87
CA ASP B 112 -4.81 22.20 -23.00
C ASP B 112 -5.70 23.32 -22.51
N ASN B 113 -6.09 24.21 -23.42
CA ASN B 113 -6.88 25.43 -23.11
C ASN B 113 -8.28 25.42 -23.78
N GLN B 114 -8.59 24.33 -24.49
CA GLN B 114 -9.76 24.20 -25.37
C GLN B 114 -9.96 25.38 -26.32
N LEU B 115 -8.87 25.80 -26.94
CA LEU B 115 -8.94 26.81 -27.95
C LEU B 115 -9.68 26.26 -29.16
N PRO B 116 -10.72 26.97 -29.62
CA PRO B 116 -11.40 26.59 -30.87
C PRO B 116 -10.67 27.16 -32.11
N GLN B 117 -9.72 28.07 -31.88
CA GLN B 117 -8.93 28.66 -32.96
C GLN B 117 -7.53 29.05 -32.52
N ILE B 118 -6.65 29.21 -33.50
CA ILE B 118 -5.37 29.85 -33.30
C ILE B 118 -5.66 31.28 -32.94
N PRO B 119 -5.00 31.81 -31.93
CA PRO B 119 -5.30 33.22 -31.61
C PRO B 119 -4.81 34.15 -32.72
N SER B 120 -5.67 35.06 -33.13
CA SER B 120 -5.30 36.10 -34.10
C SER B 120 -4.39 37.15 -33.48
N GLY B 121 -3.41 37.62 -34.22
CA GLY B 121 -2.68 38.81 -33.80
C GLY B 121 -1.58 38.51 -32.83
N LEU B 122 -0.92 37.38 -33.06
CA LEU B 122 0.20 37.00 -32.26
C LEU B 122 1.40 37.79 -32.75
N PRO B 123 2.28 38.22 -31.83
CA PRO B 123 3.46 39.00 -32.22
C PRO B 123 4.41 38.23 -33.14
N GLU B 124 5.07 38.94 -34.06
CA GLU B 124 5.94 38.33 -35.05
C GLU B 124 7.29 37.92 -34.44
N SER B 125 7.50 38.32 -33.20
CA SER B 125 8.65 37.87 -32.42
C SER B 125 8.70 36.36 -32.13
N LEU B 126 7.59 35.64 -32.30
CA LEU B 126 7.51 34.25 -31.85
C LEU B 126 8.49 33.37 -32.61
N THR B 127 9.34 32.67 -31.86
CA THR B 127 10.15 31.56 -32.39
C THR B 127 9.60 30.17 -31.98
N GLU B 128 8.77 30.15 -30.95
CA GLU B 128 8.14 28.92 -30.49
C GLU B 128 6.69 29.13 -30.11
N LEU B 129 5.82 28.35 -30.71
CA LEU B 129 4.38 28.35 -30.38
C LEU B 129 3.89 26.92 -30.17
N SER B 130 3.34 26.63 -28.99
CA SER B 130 2.75 25.34 -28.75
C SER B 130 1.26 25.44 -28.49
N LEU B 131 0.47 24.83 -29.38
CA LEU B 131 -0.98 24.75 -29.26
C LEU B 131 -1.49 23.30 -29.07
N ILE B 132 -0.71 22.48 -28.38
CA ILE B 132 -1.05 21.08 -28.18
C ILE B 132 -2.34 20.95 -27.35
N GLN B 133 -3.11 19.91 -27.61
CA GLN B 133 -4.28 19.56 -26.81
C GLN B 133 -5.33 20.69 -26.78
N ASN B 134 -5.67 21.21 -27.96
CA ASN B 134 -6.77 22.16 -28.05
C ASN B 134 -7.84 21.60 -28.97
N ASN B 135 -8.71 22.46 -29.48
CA ASN B 135 -9.77 22.08 -30.41
C ASN B 135 -9.67 22.86 -31.72
N ILE B 136 -8.46 22.92 -32.25
CA ILE B 136 -8.15 23.68 -33.45
C ILE B 136 -8.10 22.77 -34.66
N TYR B 137 -9.06 22.97 -35.55
CA TYR B 137 -9.27 22.12 -36.73
C TYR B 137 -9.05 22.88 -38.05
N ASN B 138 -8.65 24.14 -37.95
CA ASN B 138 -8.44 25.00 -39.09
C ASN B 138 -7.09 25.66 -38.86
N ILE B 139 -6.11 25.40 -39.71
CA ILE B 139 -4.80 26.05 -39.59
C ILE B 139 -4.66 27.07 -40.71
N THR B 140 -4.74 28.35 -40.37
CA THR B 140 -4.97 29.38 -41.40
C THR B 140 -3.75 30.22 -41.67
N LYS B 141 -3.71 30.82 -42.85
CA LYS B 141 -2.79 31.93 -43.12
C LYS B 141 -3.03 33.09 -42.15
N GLU B 142 -4.30 33.38 -41.87
CA GLU B 142 -4.56 34.52 -41.03
C GLU B 142 -3.93 34.34 -39.66
N GLY B 143 -3.87 33.11 -39.16
CA GLY B 143 -3.33 32.85 -37.82
C GLY B 143 -1.81 32.85 -37.75
N ILE B 144 -1.18 32.33 -38.79
CA ILE B 144 0.18 31.78 -38.72
C ILE B 144 1.16 32.55 -39.60
N SER B 145 0.76 32.91 -40.82
CA SER B 145 1.75 33.29 -41.84
C SER B 145 2.55 34.56 -41.49
N ARG B 146 2.00 35.40 -40.64
CA ARG B 146 2.74 36.53 -40.11
C ARG B 146 3.95 36.08 -39.30
N LEU B 147 3.86 34.91 -38.65
CA LEU B 147 4.87 34.49 -37.68
C LEU B 147 6.14 34.01 -38.36
N ILE B 148 6.85 34.97 -38.93
CA ILE B 148 7.95 34.77 -39.87
C ILE B 148 9.21 34.31 -39.15
N ASN B 149 9.20 34.40 -37.82
CA ASN B 149 10.34 33.94 -37.01
C ASN B 149 10.11 32.62 -36.27
N LEU B 150 8.99 31.94 -36.50
CA LEU B 150 8.75 30.64 -35.89
C LEU B 150 9.81 29.63 -36.29
N LYS B 151 10.39 28.98 -35.29
CA LYS B 151 11.29 27.87 -35.48
C LYS B 151 10.57 26.60 -35.15
N ASN B 152 9.85 26.62 -34.03
CA ASN B 152 9.10 25.48 -33.55
C ASN B 152 7.62 25.75 -33.43
N LEU B 153 6.84 24.94 -34.14
CA LEU B 153 5.37 25.00 -34.04
C LEU B 153 4.73 23.63 -33.73
N TYR B 154 4.06 23.55 -32.58
CA TYR B 154 3.39 22.36 -32.12
C TYR B 154 1.87 22.53 -32.24
N LEU B 155 1.24 21.75 -33.11
CA LEU B 155 -0.21 21.74 -33.26
C LEU B 155 -0.84 20.35 -33.02
N ALA B 156 -0.13 19.51 -32.27
CA ALA B 156 -0.45 18.10 -32.15
C ALA B 156 -1.63 17.84 -31.21
N TRP B 157 -2.24 16.67 -31.35
CA TRP B 157 -3.26 16.23 -30.41
C TRP B 157 -4.45 17.21 -30.32
N ASN B 158 -4.93 17.66 -31.47
CA ASN B 158 -6.18 18.40 -31.49
C ASN B 158 -7.35 17.54 -31.89
N CYS B 159 -7.09 16.42 -32.57
CA CYS B 159 -8.21 15.58 -32.98
C CYS B 159 -7.78 14.15 -33.17
N TYR B 160 -8.27 13.30 -32.27
CA TYR B 160 -7.70 11.97 -32.10
C TYR B 160 -8.69 11.06 -31.36
N PHE B 161 -8.52 9.76 -31.55
CA PHE B 161 -9.23 8.76 -30.77
C PHE B 161 -10.74 8.95 -30.98
N ASN B 162 -11.52 9.03 -29.92
CA ASN B 162 -12.97 9.13 -30.05
C ASN B 162 -13.37 10.53 -29.65
N LYS B 163 -12.42 11.44 -29.66
CA LYS B 163 -12.76 12.85 -29.47
C LYS B 163 -13.77 13.27 -30.51
N VAL B 164 -14.73 14.09 -30.08
CA VAL B 164 -15.63 14.75 -31.02
C VAL B 164 -14.84 15.95 -31.56
N CYS B 165 -14.46 15.89 -32.83
CA CYS B 165 -13.65 16.92 -33.48
C CYS B 165 -13.86 16.81 -34.97
N GLU B 166 -13.21 17.67 -35.77
CA GLU B 166 -13.30 17.65 -37.26
C GLU B 166 -11.96 17.36 -37.90
N LYS B 167 -12.03 16.83 -39.13
CA LYS B 167 -10.86 16.74 -39.97
C LYS B 167 -10.22 18.09 -39.95
N THR B 168 -8.90 18.08 -40.01
CA THR B 168 -8.11 19.26 -39.85
C THR B 168 -7.96 19.92 -41.21
N ASN B 169 -8.23 21.21 -41.27
CA ASN B 169 -8.11 21.94 -42.51
C ASN B 169 -6.85 22.76 -42.51
N ILE B 170 -5.91 22.43 -43.40
CA ILE B 170 -4.64 23.11 -43.47
C ILE B 170 -4.65 23.99 -44.70
N GLU B 171 -4.72 25.28 -44.49
CA GLU B 171 -4.90 26.21 -45.60
C GLU B 171 -3.69 26.09 -46.50
N ASP B 172 -3.91 25.87 -47.79
CA ASP B 172 -2.83 25.65 -48.74
C ASP B 172 -1.74 26.71 -48.58
N GLY B 173 -0.50 26.26 -48.32
CA GLY B 173 0.65 27.14 -48.29
C GLY B 173 0.81 27.93 -47.01
N VAL B 174 0.03 27.61 -45.99
CA VAL B 174 0.16 28.27 -44.69
C VAL B 174 1.59 28.19 -44.12
N PHE B 175 2.35 27.15 -44.47
CA PHE B 175 3.68 26.96 -43.86
C PHE B 175 4.82 27.49 -44.75
N GLU B 176 4.48 27.79 -46.01
CA GLU B 176 5.38 28.42 -46.98
C GLU B 176 6.07 29.68 -46.48
N THR B 177 5.35 30.56 -45.82
CA THR B 177 5.94 31.83 -45.41
C THR B 177 6.91 31.70 -44.24
N LEU B 178 6.90 30.54 -43.58
CA LEU B 178 7.73 30.31 -42.39
C LEU B 178 9.08 29.70 -42.79
N THR B 179 9.98 30.56 -43.27
CA THR B 179 11.22 30.11 -43.90
C THR B 179 12.28 29.80 -42.86
N ASN B 180 12.00 30.18 -41.60
CA ASN B 180 12.83 29.75 -40.48
C ASN B 180 12.26 28.59 -39.65
N LEU B 181 11.23 27.93 -40.15
CA LEU B 181 10.61 26.83 -39.43
C LEU B 181 11.48 25.57 -39.45
N GLU B 182 11.79 25.12 -38.26
CA GLU B 182 12.66 23.99 -38.09
C GLU B 182 11.93 22.74 -37.63
N LEU B 183 10.92 22.91 -36.79
CA LEU B 183 10.17 21.80 -36.23
C LEU B 183 8.68 22.05 -36.43
N LEU B 184 8.06 21.07 -37.08
CA LEU B 184 6.61 21.05 -37.24
C LEU B 184 6.02 19.74 -36.71
N SER B 185 5.15 19.90 -35.73
CA SER B 185 4.42 18.77 -35.19
C SER B 185 2.91 18.87 -35.38
N LEU B 186 2.37 17.94 -36.17
CA LEU B 186 0.91 17.85 -36.49
C LEU B 186 0.27 16.50 -36.09
N SER B 187 0.98 15.75 -35.26
CA SER B 187 0.56 14.41 -34.86
C SER B 187 -0.77 14.44 -34.12
N PHE B 188 -1.50 13.33 -34.19
CA PHE B 188 -2.79 13.22 -33.47
C PHE B 188 -3.77 14.30 -33.93
N ASN B 189 -3.86 14.40 -35.26
CA ASN B 189 -4.82 15.23 -35.96
C ASN B 189 -5.22 14.43 -37.18
N SER B 190 -6.48 14.48 -37.58
CA SER B 190 -6.88 13.86 -38.83
C SER B 190 -6.49 14.74 -40.06
N LEU B 191 -5.43 14.33 -40.76
CA LEU B 191 -4.90 15.05 -41.93
C LEU B 191 -5.16 14.38 -43.26
N SER B 192 -5.06 13.06 -43.34
CA SER B 192 -5.24 12.30 -44.60
C SER B 192 -4.13 12.48 -45.64
N HIS B 193 -3.59 13.68 -45.78
CA HIS B 193 -2.44 13.88 -46.67
C HIS B 193 -1.33 14.65 -45.97
N VAL B 194 -0.09 14.41 -46.37
CA VAL B 194 1.00 15.26 -45.91
C VAL B 194 0.67 16.63 -46.47
N PRO B 195 0.72 17.67 -45.67
CA PRO B 195 0.37 18.91 -46.33
C PRO B 195 1.43 19.31 -47.37
N PRO B 196 1.00 19.79 -48.55
CA PRO B 196 1.96 20.36 -49.50
C PRO B 196 2.53 21.72 -49.07
N LYS B 197 3.61 22.13 -49.73
CA LYS B 197 4.23 23.46 -49.53
C LYS B 197 4.78 23.70 -48.13
N LEU B 198 5.58 22.75 -47.68
CA LEU B 198 6.32 22.87 -46.44
C LEU B 198 7.64 23.59 -46.73
N PRO B 199 8.04 24.50 -45.84
CA PRO B 199 9.34 25.13 -45.98
C PRO B 199 10.49 24.11 -45.89
N SER B 200 11.45 24.27 -46.81
CA SER B 200 12.58 23.35 -46.90
C SER B 200 13.60 23.61 -45.79
N SER B 201 13.37 24.67 -44.99
CA SER B 201 14.09 24.86 -43.74
C SER B 201 13.88 23.75 -42.69
N LEU B 202 12.79 22.99 -42.81
CA LEU B 202 12.43 21.98 -41.79
C LEU B 202 13.52 20.95 -41.47
N ARG B 203 13.71 20.75 -40.17
CA ARG B 203 14.58 19.70 -39.63
C ARG B 203 13.79 18.49 -39.11
N LYS B 204 12.63 18.77 -38.51
CA LYS B 204 11.83 17.77 -37.80
C LYS B 204 10.36 17.88 -38.11
N LEU B 205 9.86 16.79 -38.70
CA LEU B 205 8.47 16.68 -39.13
C LEU B 205 7.80 15.50 -38.43
N PHE B 206 6.87 15.86 -37.56
CA PHE B 206 6.08 14.87 -36.85
C PHE B 206 4.64 14.76 -37.43
N LEU B 207 4.34 13.59 -38.01
CA LEU B 207 3.00 13.30 -38.60
C LEU B 207 2.45 11.97 -38.10
N SER B 208 2.65 11.70 -36.81
CA SER B 208 2.19 10.47 -36.21
C SER B 208 0.67 10.53 -36.08
N ASN B 209 0.04 9.40 -36.31
CA ASN B 209 -1.42 9.28 -36.08
C ASN B 209 -2.22 10.44 -36.74
N THR B 210 -2.02 10.57 -38.06
CA THR B 210 -2.65 11.62 -38.84
C THR B 210 -3.59 11.06 -39.90
N GLN B 211 -3.79 9.74 -39.90
CA GLN B 211 -4.57 9.05 -40.91
C GLN B 211 -4.11 9.23 -42.35
N ILE B 212 -2.80 9.27 -42.55
CA ILE B 212 -2.21 9.30 -43.90
C ILE B 212 -1.90 7.87 -44.35
N LYS B 213 -2.45 7.46 -45.48
CA LYS B 213 -2.35 6.06 -45.91
C LYS B 213 -1.28 5.95 -46.95
N TYR B 214 -0.85 7.10 -47.47
CA TYR B 214 -0.14 7.18 -48.74
C TYR B 214 0.95 8.26 -48.71
N ILE B 215 2.17 7.83 -48.99
CA ILE B 215 3.34 8.71 -48.99
C ILE B 215 3.99 8.61 -50.37
N SER B 216 3.98 9.72 -51.10
CA SER B 216 4.48 9.73 -52.48
C SER B 216 5.84 10.37 -52.57
N GLU B 217 6.46 10.32 -53.76
CA GLU B 217 7.73 11.04 -53.97
C GLU B 217 7.59 12.55 -53.68
N GLU B 218 6.42 13.09 -54.01
CA GLU B 218 6.20 14.54 -53.96
C GLU B 218 5.97 15.12 -52.58
N ASP B 219 5.67 14.30 -51.57
CA ASP B 219 5.36 14.81 -50.22
C ASP B 219 6.59 15.43 -49.51
N PHE B 220 7.74 14.81 -49.69
CA PHE B 220 9.00 15.27 -49.10
C PHE B 220 9.91 15.75 -50.22
N LYS B 221 9.92 17.07 -50.35
CA LYS B 221 10.36 17.67 -51.59
C LYS B 221 11.87 17.80 -51.49
N GLY B 222 12.27 18.21 -50.30
CA GLY B 222 13.59 18.71 -50.03
C GLY B 222 13.35 20.05 -49.34
N LEU B 223 13.13 20.08 -48.02
CA LEU B 223 13.22 18.96 -47.03
C LEU B 223 14.50 18.18 -47.14
N ILE B 224 15.50 18.84 -47.71
CA ILE B 224 16.81 18.26 -47.86
C ILE B 224 17.54 18.44 -46.55
N ASN B 225 17.03 19.32 -45.69
CA ASN B 225 17.56 19.47 -44.34
C ASN B 225 16.90 18.64 -43.24
N LEU B 226 15.92 17.82 -43.60
CA LEU B 226 15.21 17.02 -42.61
C LEU B 226 16.15 16.08 -41.89
N THR B 227 16.16 16.14 -40.56
CA THR B 227 16.86 15.13 -39.75
C THR B 227 15.93 14.15 -39.02
N LEU B 228 14.63 14.47 -38.94
CA LEU B 228 13.65 13.59 -38.30
C LEU B 228 12.33 13.58 -39.04
N LEU B 229 11.85 12.37 -39.28
CA LEU B 229 10.53 12.17 -39.83
C LEU B 229 9.76 11.10 -39.04
N ASP B 230 8.56 11.46 -38.60
CA ASP B 230 7.69 10.58 -37.81
C ASP B 230 6.38 10.33 -38.55
N LEU B 231 6.26 9.14 -39.13
CA LEU B 231 5.06 8.77 -39.79
C LEU B 231 4.34 7.64 -39.00
N SER B 232 4.67 7.48 -37.72
CA SER B 232 4.14 6.31 -36.98
C SER B 232 2.61 6.34 -36.89
N GLY B 233 2.00 5.18 -36.73
CA GLY B 233 0.57 5.15 -36.43
C GLY B 233 -0.34 5.55 -37.60
N ASN B 234 0.19 5.56 -38.82
CA ASN B 234 -0.60 5.75 -39.99
C ASN B 234 -0.75 4.39 -40.62
N CYS B 235 -1.98 3.95 -40.78
CA CYS B 235 -2.26 2.50 -40.99
C CYS B 235 -1.80 1.61 -39.81
N PRO B 236 -2.29 1.93 -38.61
CA PRO B 236 -1.90 1.21 -37.40
C PRO B 236 -2.22 -0.28 -37.36
N ARG B 237 -1.41 -0.97 -36.55
CA ARG B 237 -1.64 -2.35 -36.12
C ARG B 237 -2.48 -2.24 -34.88
N CYS B 238 -3.75 -2.62 -34.96
CA CYS B 238 -4.67 -2.26 -33.91
C CYS B 238 -4.94 -3.37 -32.94
N PHE B 239 -4.45 -4.57 -33.19
CA PHE B 239 -4.75 -5.63 -32.26
C PHE B 239 -4.25 -5.33 -30.86
N ASN B 240 -5.14 -5.46 -29.88
CA ASN B 240 -4.79 -5.21 -28.49
C ASN B 240 -4.33 -3.76 -28.21
N ALA B 241 -4.87 -2.81 -28.95
CA ALA B 241 -4.45 -1.43 -28.80
C ALA B 241 -5.01 -0.83 -27.50
N PRO B 242 -4.15 -0.09 -26.78
CA PRO B 242 -4.60 0.57 -25.55
C PRO B 242 -5.24 1.94 -25.77
N PHE B 243 -5.76 2.20 -26.96
CA PHE B 243 -6.48 3.43 -27.24
C PHE B 243 -7.41 3.04 -28.40
N PRO B 244 -8.45 3.86 -28.67
CA PRO B 244 -9.28 3.65 -29.85
C PRO B 244 -8.48 3.67 -31.16
N CYS B 245 -8.36 2.52 -31.80
CA CYS B 245 -7.48 2.36 -32.93
C CYS B 245 -8.29 2.04 -34.17
N VAL B 246 -8.03 2.80 -35.23
CA VAL B 246 -8.67 2.59 -36.54
C VAL B 246 -7.61 2.19 -37.60
N PRO B 247 -7.64 0.93 -38.06
CA PRO B 247 -6.69 0.45 -39.07
C PRO B 247 -7.04 0.91 -40.48
N CYS B 248 -6.11 0.77 -41.42
CA CYS B 248 -6.42 0.91 -42.83
C CYS B 248 -7.26 -0.32 -43.23
N ASP B 249 -7.99 -0.21 -44.34
CA ASP B 249 -8.89 -1.26 -44.78
C ASP B 249 -8.21 -2.65 -44.84
N GLY B 250 -8.81 -3.59 -44.11
CA GLY B 250 -8.30 -4.95 -44.03
C GLY B 250 -6.99 -4.99 -43.26
N GLY B 251 -6.76 -4.01 -42.38
CA GLY B 251 -5.49 -3.92 -41.64
C GLY B 251 -4.23 -3.73 -42.50
N ALA B 252 -4.41 -3.16 -43.69
CA ALA B 252 -3.32 -2.95 -44.64
C ALA B 252 -2.19 -1.98 -44.20
N SER B 253 -1.04 -2.22 -44.83
CA SER B 253 0.19 -1.47 -44.70
C SER B 253 0.10 -0.06 -45.20
N ILE B 254 0.80 0.88 -44.55
CA ILE B 254 0.94 2.22 -45.11
C ILE B 254 1.58 2.01 -46.49
N ASN B 255 1.40 2.95 -47.40
CA ASN B 255 1.94 2.83 -48.74
C ASN B 255 2.93 3.95 -49.01
N ILE B 256 4.22 3.60 -48.95
CA ILE B 256 5.30 4.54 -49.12
C ILE B 256 5.99 4.27 -50.44
N ASP B 257 5.85 5.19 -51.41
CA ASP B 257 6.52 5.03 -52.72
C ASP B 257 8.01 4.78 -52.53
N ARG B 258 8.52 3.81 -53.30
CA ARG B 258 9.92 3.41 -53.27
C ARG B 258 10.87 4.59 -53.27
N PHE B 259 10.48 5.71 -53.92
CA PHE B 259 11.37 6.90 -54.06
C PHE B 259 11.00 8.02 -53.09
N ALA B 260 10.16 7.74 -52.11
CA ALA B 260 9.64 8.84 -51.27
C ALA B 260 10.69 9.53 -50.41
N PHE B 261 11.74 8.84 -50.00
CA PHE B 261 12.72 9.44 -49.11
C PHE B 261 14.03 9.68 -49.83
N GLN B 262 13.97 9.81 -51.16
CA GLN B 262 15.18 9.75 -51.96
C GLN B 262 16.02 11.02 -51.81
N ASN B 263 15.41 12.08 -51.30
CA ASN B 263 16.09 13.35 -51.09
C ASN B 263 16.13 13.75 -49.62
N LEU B 264 15.98 12.77 -48.72
CA LEU B 264 16.04 13.02 -47.28
C LEU B 264 17.46 12.66 -46.73
N THR B 265 18.45 13.24 -47.40
CA THR B 265 19.86 12.85 -47.25
C THR B 265 20.37 13.09 -45.83
N GLN B 266 19.78 14.05 -45.15
CA GLN B 266 20.16 14.37 -43.80
C GLN B 266 19.42 13.60 -42.72
N LEU B 267 18.64 12.56 -43.07
CA LEU B 267 17.72 12.04 -42.07
C LEU B 267 18.53 11.22 -41.07
N ARG B 268 18.36 11.52 -39.78
CA ARG B 268 18.96 10.74 -38.67
C ARG B 268 17.93 9.87 -37.89
N TYR B 269 16.67 10.26 -37.88
CA TYR B 269 15.61 9.57 -37.11
C TYR B 269 14.43 9.30 -38.02
N LEU B 270 14.05 8.04 -38.15
CA LEU B 270 12.87 7.65 -38.92
C LEU B 270 11.96 6.79 -38.02
N ASN B 271 10.74 7.25 -37.80
CA ASN B 271 9.77 6.54 -36.98
C ASN B 271 8.61 6.08 -37.82
N LEU B 272 8.65 4.80 -38.22
CA LEU B 272 7.50 4.11 -38.86
C LEU B 272 6.82 3.06 -37.94
N SER B 273 6.74 3.32 -36.63
CA SER B 273 6.09 2.36 -35.75
C SER B 273 4.60 2.33 -36.09
N SER B 274 4.00 1.15 -36.01
CA SER B 274 2.56 0.99 -36.17
C SER B 274 2.06 1.62 -37.48
N THR B 275 2.66 1.16 -38.59
CA THR B 275 2.22 1.51 -39.93
C THR B 275 1.95 0.23 -40.73
N SER B 276 1.86 -0.89 -40.05
CA SER B 276 1.41 -2.18 -40.58
C SER B 276 2.30 -2.76 -41.65
N LEU B 277 3.58 -2.42 -41.57
CA LEU B 277 4.56 -2.83 -42.55
C LEU B 277 4.79 -4.32 -42.46
N ARG B 278 4.76 -4.98 -43.60
CA ARG B 278 5.23 -6.38 -43.71
C ARG B 278 6.56 -6.42 -44.45
N LYS B 279 6.87 -5.36 -45.18
CA LYS B 279 8.05 -5.26 -46.03
C LYS B 279 8.75 -3.95 -45.81
N ILE B 280 10.06 -3.96 -45.86
CA ILE B 280 10.79 -2.76 -45.81
C ILE B 280 11.66 -2.68 -47.06
N ASN B 281 11.47 -1.57 -47.79
CA ASN B 281 12.18 -1.35 -49.03
C ASN B 281 13.58 -0.79 -48.78
N ALA B 282 14.58 -1.59 -49.10
CA ALA B 282 15.99 -1.17 -49.01
C ALA B 282 16.30 0.19 -49.62
N ALA B 283 15.58 0.53 -50.69
CA ALA B 283 15.79 1.76 -51.43
C ALA B 283 15.44 2.94 -50.60
N TRP B 284 14.52 2.74 -49.66
CA TRP B 284 14.14 3.80 -48.74
C TRP B 284 15.37 4.40 -48.08
N PHE B 285 16.42 3.59 -47.96
CA PHE B 285 17.59 3.96 -47.15
C PHE B 285 18.85 4.28 -47.95
N LYS B 286 18.86 3.97 -49.26
CA LYS B 286 19.96 4.33 -50.14
C LYS B 286 20.42 5.75 -49.99
N ASN B 287 19.51 6.69 -49.81
CA ASN B 287 19.90 8.08 -49.72
C ASN B 287 19.77 8.67 -48.35
N MET B 288 19.81 7.81 -47.33
CA MET B 288 19.91 8.25 -45.95
C MET B 288 21.21 7.71 -45.41
N PRO B 289 22.36 8.19 -45.92
CA PRO B 289 23.61 7.61 -45.42
C PRO B 289 23.93 7.90 -43.92
N HIS B 290 23.26 8.88 -43.30
CA HIS B 290 23.47 9.24 -41.90
C HIS B 290 22.38 8.63 -40.93
N LEU B 291 21.53 7.70 -41.37
CA LEU B 291 20.39 7.31 -40.55
C LEU B 291 20.93 6.60 -39.32
N LYS B 292 20.43 7.03 -38.18
CA LYS B 292 20.98 6.66 -36.90
C LYS B 292 19.97 5.89 -35.98
N VAL B 293 18.72 6.33 -35.94
CA VAL B 293 17.67 5.71 -35.14
C VAL B 293 16.55 5.32 -36.09
N LEU B 294 16.23 4.04 -36.10
CA LEU B 294 15.12 3.50 -36.89
C LEU B 294 14.13 2.79 -35.97
N ASP B 295 12.92 3.32 -35.90
CA ASP B 295 11.85 2.79 -35.08
C ASP B 295 10.77 2.08 -35.93
N LEU B 296 10.71 0.76 -35.79
CA LEU B 296 9.86 -0.10 -36.59
C LEU B 296 8.96 -0.99 -35.70
N GLU B 297 8.43 -0.41 -34.63
CA GLU B 297 7.74 -1.23 -33.62
C GLU B 297 6.31 -1.48 -34.11
N PHE B 298 5.65 -2.54 -33.63
CA PHE B 298 4.22 -2.72 -33.84
C PHE B 298 3.91 -2.78 -35.35
N ASN B 299 4.72 -3.54 -36.04
CA ASN B 299 4.47 -3.77 -37.44
C ASN B 299 4.32 -5.27 -37.55
N TYR B 300 4.49 -5.83 -38.74
CA TYR B 300 4.40 -7.27 -38.93
C TYR B 300 5.64 -7.80 -39.55
N LEU B 301 6.79 -7.64 -38.87
CA LEU B 301 8.08 -7.77 -39.52
C LEU B 301 8.89 -9.07 -39.27
N VAL B 302 8.25 -10.11 -38.73
CA VAL B 302 8.98 -11.31 -38.41
C VAL B 302 9.71 -11.83 -39.63
N GLY B 303 9.04 -11.75 -40.78
CA GLY B 303 9.61 -12.22 -42.03
C GLY B 303 10.81 -11.42 -42.44
N GLU B 304 10.70 -10.09 -42.36
CA GLU B 304 11.80 -9.18 -42.68
C GLU B 304 12.98 -9.32 -41.70
N ILE B 305 12.67 -9.56 -40.43
CA ILE B 305 13.71 -9.78 -39.42
C ILE B 305 14.54 -10.99 -39.81
N ALA B 306 13.90 -12.02 -40.40
CA ALA B 306 14.61 -13.24 -40.81
C ALA B 306 15.38 -13.13 -42.13
N SER B 307 14.88 -12.32 -43.06
CA SER B 307 15.41 -12.29 -44.41
C SER B 307 16.10 -10.94 -44.64
N GLY B 308 15.40 -9.85 -44.37
CA GLY B 308 16.01 -8.51 -44.20
C GLY B 308 17.08 -7.97 -45.13
N ALA B 309 16.72 -7.64 -46.38
CA ALA B 309 17.67 -7.00 -47.29
C ALA B 309 17.89 -5.56 -46.91
N PHE B 310 16.92 -4.88 -46.34
CA PHE B 310 17.21 -3.52 -45.89
C PHE B 310 18.35 -3.39 -44.87
N LEU B 311 18.68 -4.48 -44.16
CA LEU B 311 19.67 -4.40 -43.07
C LEU B 311 21.04 -4.08 -43.65
N THR B 312 21.12 -4.20 -44.98
CA THR B 312 22.30 -3.99 -45.79
C THR B 312 22.55 -2.52 -46.03
N MET B 313 21.59 -1.67 -45.72
CA MET B 313 21.66 -0.28 -46.16
C MET B 313 21.82 0.69 -45.03
N LEU B 314 22.27 0.20 -43.88
CA LEU B 314 22.22 0.98 -42.66
C LEU B 314 23.51 0.84 -41.84
N PRO B 315 24.65 1.02 -42.52
CA PRO B 315 25.96 0.83 -41.89
C PRO B 315 26.27 1.84 -40.76
N ARG B 316 25.51 2.90 -40.68
CA ARG B 316 25.70 3.91 -39.67
C ARG B 316 24.60 3.89 -38.63
N LEU B 317 23.68 2.94 -38.71
CA LEU B 317 22.57 2.87 -37.73
C LEU B 317 23.10 2.48 -36.35
N GLU B 318 22.70 3.27 -35.36
CA GLU B 318 23.08 3.05 -33.98
C GLU B 318 21.97 2.41 -33.10
N ILE B 319 20.69 2.75 -33.33
CA ILE B 319 19.56 2.20 -32.55
C ILE B 319 18.49 1.67 -33.50
N LEU B 320 18.12 0.40 -33.32
CA LEU B 320 17.10 -0.24 -34.12
C LEU B 320 16.04 -0.84 -33.19
N ASP B 321 14.81 -0.39 -33.32
CA ASP B 321 13.75 -0.90 -32.46
C ASP B 321 12.77 -1.69 -33.29
N LEU B 322 12.77 -3.01 -33.09
CA LEU B 322 11.91 -3.91 -33.80
C LEU B 322 10.91 -4.53 -32.84
N SER B 323 10.53 -3.77 -31.81
CA SER B 323 9.68 -4.32 -30.76
C SER B 323 8.24 -4.57 -31.23
N PHE B 324 7.63 -5.60 -30.65
CA PHE B 324 6.22 -5.89 -30.82
C PHE B 324 5.87 -6.10 -32.25
N ASN B 325 6.60 -7.04 -32.87
CA ASN B 325 6.32 -7.49 -34.19
C ASN B 325 5.87 -8.92 -34.22
N TYR B 326 5.58 -9.45 -33.03
CA TYR B 326 5.00 -10.79 -32.94
C TYR B 326 3.90 -11.10 -33.95
N ILE B 327 3.88 -12.35 -34.39
CA ILE B 327 2.77 -12.88 -35.15
C ILE B 327 1.69 -13.36 -34.19
N LYS B 328 0.49 -12.80 -34.32
CA LYS B 328 -0.56 -13.06 -33.35
C LYS B 328 -0.87 -14.54 -33.32
N GLY B 329 -1.09 -15.06 -32.13
CA GLY B 329 -1.22 -16.48 -31.94
C GLY B 329 -0.06 -17.34 -32.32
N SER B 330 1.13 -16.78 -32.46
CA SER B 330 2.32 -17.61 -32.73
C SER B 330 3.39 -17.46 -31.67
N TYR B 331 3.87 -18.61 -31.19
CA TYR B 331 4.84 -18.76 -30.11
C TYR B 331 5.95 -19.68 -30.60
N PRO B 332 6.74 -19.27 -31.59
CA PRO B 332 7.74 -20.18 -32.13
C PRO B 332 8.80 -20.60 -31.08
N GLN B 333 9.47 -21.71 -31.38
CA GLN B 333 10.58 -22.15 -30.57
C GLN B 333 11.69 -21.12 -30.40
N HIS B 334 12.13 -20.56 -31.52
CA HIS B 334 13.32 -19.74 -31.56
C HIS B 334 13.06 -18.41 -32.27
N ILE B 335 13.95 -17.46 -32.04
CA ILE B 335 13.96 -16.23 -32.81
C ILE B 335 14.83 -16.42 -34.05
N ASN B 336 14.38 -15.84 -35.15
CA ASN B 336 15.03 -15.95 -36.45
C ASN B 336 15.57 -14.61 -36.95
N ILE B 337 16.88 -14.41 -36.79
CA ILE B 337 17.59 -13.16 -37.04
C ILE B 337 18.35 -13.30 -38.36
N SER B 338 18.13 -12.42 -39.33
CA SER B 338 18.87 -12.51 -40.55
C SER B 338 20.38 -12.39 -40.34
N ARG B 339 21.10 -13.23 -41.06
CA ARG B 339 22.54 -13.00 -41.27
C ARG B 339 22.93 -11.55 -41.59
N ASN B 340 22.05 -10.78 -42.20
CA ASN B 340 22.36 -9.41 -42.57
C ASN B 340 22.42 -8.42 -41.42
N PHE B 341 21.97 -8.84 -40.24
CA PHE B 341 22.21 -8.04 -39.05
C PHE B 341 23.70 -7.85 -38.86
N SER B 342 24.51 -8.79 -39.34
CA SER B 342 25.97 -8.61 -39.26
C SER B 342 26.46 -7.43 -40.05
N LYS B 343 25.62 -6.84 -40.88
CA LYS B 343 26.01 -5.64 -41.63
C LYS B 343 25.76 -4.31 -40.90
N LEU B 344 25.13 -4.37 -39.72
CA LEU B 344 24.80 -3.13 -38.97
C LEU B 344 25.96 -2.65 -38.08
N LEU B 345 27.03 -2.22 -38.73
CA LEU B 345 28.34 -2.17 -38.10
C LEU B 345 28.41 -1.12 -37.00
N SER B 346 27.56 -0.08 -37.06
CA SER B 346 27.57 0.96 -36.02
C SER B 346 26.54 0.71 -34.92
N LEU B 347 25.90 -0.45 -34.94
CA LEU B 347 24.73 -0.67 -34.05
C LEU B 347 25.20 -0.69 -32.60
N ARG B 348 24.54 0.11 -31.79
CA ARG B 348 24.74 0.16 -30.36
C ARG B 348 23.62 -0.44 -29.52
N ALA B 349 22.37 -0.32 -29.96
CA ALA B 349 21.23 -0.82 -29.19
C ALA B 349 20.22 -1.45 -30.12
N LEU B 350 19.80 -2.66 -29.76
CA LEU B 350 18.84 -3.44 -30.51
C LEU B 350 17.68 -3.88 -29.61
N HIS B 351 16.47 -3.44 -29.95
CA HIS B 351 15.31 -3.71 -29.14
C HIS B 351 14.41 -4.71 -29.84
N LEU B 352 14.29 -5.88 -29.25
CA LEU B 352 13.49 -6.93 -29.80
C LEU B 352 12.48 -7.39 -28.80
N ARG B 353 11.79 -6.47 -28.14
CA ARG B 353 10.73 -6.87 -27.22
C ARG B 353 9.56 -7.45 -28.01
N GLY B 354 8.79 -8.32 -27.43
CA GLY B 354 7.48 -8.68 -28.04
C GLY B 354 7.56 -9.32 -29.41
N TYR B 355 8.64 -10.02 -29.69
CA TYR B 355 8.69 -10.92 -30.84
C TYR B 355 7.96 -12.19 -30.54
N VAL B 356 8.20 -12.68 -29.30
CA VAL B 356 7.51 -13.77 -28.63
C VAL B 356 8.06 -15.11 -29.13
N PHE B 357 8.82 -15.81 -28.28
CA PHE B 357 9.50 -17.06 -28.67
C PHE B 357 9.92 -17.74 -27.41
N GLN B 358 10.18 -19.05 -27.47
CA GLN B 358 10.26 -19.90 -26.27
C GLN B 358 11.67 -20.00 -25.70
N GLU B 359 12.68 -19.95 -26.55
CA GLU B 359 14.01 -20.34 -26.17
C GLU B 359 15.04 -19.57 -26.98
N LEU B 360 16.10 -19.12 -26.33
CA LEU B 360 17.21 -18.46 -27.00
C LEU B 360 18.42 -19.36 -26.99
N ARG B 361 18.90 -19.73 -28.18
CA ARG B 361 20.07 -20.60 -28.30
C ARG B 361 21.21 -19.83 -28.86
N GLU B 362 22.40 -20.34 -28.62
CA GLU B 362 23.61 -19.65 -29.05
C GLU B 362 23.64 -19.40 -30.57
N ASP B 363 23.25 -20.38 -31.38
CA ASP B 363 23.20 -20.19 -32.83
C ASP B 363 22.39 -18.96 -33.20
N ASP B 364 21.34 -18.70 -32.42
CA ASP B 364 20.28 -17.85 -32.90
C ASP B 364 20.77 -16.44 -33.05
N PHE B 365 21.81 -16.08 -32.32
CA PHE B 365 22.26 -14.73 -32.28
C PHE B 365 23.65 -14.53 -32.90
N GLN B 366 24.16 -15.53 -33.62
CA GLN B 366 25.45 -15.45 -34.34
C GLN B 366 25.61 -14.18 -35.14
N PRO B 367 24.54 -13.70 -35.82
CA PRO B 367 24.76 -12.52 -36.65
C PRO B 367 25.04 -11.22 -35.87
N LEU B 368 24.83 -11.23 -34.55
CA LEU B 368 25.06 -9.98 -33.76
C LEU B 368 26.46 -9.98 -33.10
N MET B 369 27.18 -11.09 -33.21
CA MET B 369 28.28 -11.38 -32.32
C MET B 369 29.59 -10.70 -32.64
N GLN B 370 29.79 -10.30 -33.89
CA GLN B 370 30.95 -9.54 -34.23
C GLN B 370 30.68 -8.07 -34.31
N LEU B 371 29.46 -7.64 -34.02
CA LEU B 371 29.20 -6.18 -34.01
C LEU B 371 29.94 -5.50 -32.88
N PRO B 372 30.89 -4.58 -33.23
CA PRO B 372 31.85 -4.05 -32.27
C PRO B 372 31.22 -3.16 -31.25
N ASN B 373 30.18 -2.43 -31.62
CA ASN B 373 29.64 -1.49 -30.68
C ASN B 373 28.29 -1.85 -30.11
N LEU B 374 27.86 -3.06 -30.31
CA LEU B 374 26.54 -3.42 -29.77
C LEU B 374 26.61 -3.55 -28.24
N SER B 375 26.15 -2.55 -27.50
CA SER B 375 26.20 -2.66 -26.07
C SER B 375 24.86 -2.99 -25.40
N THR B 376 23.72 -2.66 -26.02
CA THR B 376 22.42 -2.97 -25.42
C THR B 376 21.63 -4.02 -26.21
N ILE B 377 21.21 -5.08 -25.56
CA ILE B 377 20.28 -6.01 -26.21
C ILE B 377 19.06 -6.10 -25.30
N ASN B 378 17.88 -5.84 -25.87
CA ASN B 378 16.64 -5.75 -25.11
C ASN B 378 15.67 -6.78 -25.56
N LEU B 379 15.50 -7.83 -24.74
CA LEU B 379 14.61 -8.95 -25.03
C LEU B 379 13.44 -9.02 -24.06
N GLY B 380 13.00 -7.86 -23.59
CA GLY B 380 11.92 -7.78 -22.67
C GLY B 380 10.62 -8.23 -23.28
N ILE B 381 9.77 -8.93 -22.52
CA ILE B 381 8.39 -9.26 -22.97
C ILE B 381 8.31 -10.17 -24.21
N ASN B 382 8.99 -11.29 -24.14
CA ASN B 382 8.98 -12.30 -25.19
C ASN B 382 8.44 -13.67 -24.73
N PHE B 383 8.02 -13.81 -23.47
CA PHE B 383 7.64 -15.14 -22.90
C PHE B 383 8.71 -16.19 -23.19
N ILE B 384 9.97 -15.76 -23.12
CA ILE B 384 11.10 -16.68 -23.19
C ILE B 384 11.14 -17.62 -21.96
N LYS B 385 11.28 -18.92 -22.21
CA LYS B 385 11.36 -19.92 -21.16
C LYS B 385 12.78 -20.40 -20.85
N GLN B 386 13.70 -20.31 -21.79
CA GLN B 386 15.06 -20.75 -21.53
C GLN B 386 16.01 -19.95 -22.33
N ILE B 387 17.12 -19.58 -21.72
CA ILE B 387 18.19 -18.95 -22.46
C ILE B 387 19.45 -19.74 -22.25
N ASP B 388 20.20 -19.88 -23.32
CA ASP B 388 21.56 -20.42 -23.27
C ASP B 388 22.55 -19.27 -22.95
N PHE B 389 22.75 -19.03 -21.66
CA PHE B 389 23.40 -17.81 -21.16
C PHE B 389 24.83 -17.59 -21.60
N LYS B 390 25.53 -18.66 -21.97
CA LYS B 390 26.91 -18.50 -22.39
C LYS B 390 27.05 -17.71 -23.68
N LEU B 391 25.96 -17.52 -24.43
CA LEU B 391 26.07 -16.81 -25.72
C LEU B 391 26.44 -15.33 -25.55
N PHE B 392 26.15 -14.78 -24.37
CA PHE B 392 26.34 -13.35 -24.15
C PHE B 392 27.82 -12.99 -24.08
N GLN B 393 28.60 -13.91 -23.51
CA GLN B 393 30.07 -13.83 -23.58
C GLN B 393 30.66 -13.65 -24.96
N ASN B 394 30.05 -14.28 -25.97
CA ASN B 394 30.66 -14.32 -27.31
C ASN B 394 30.35 -13.07 -28.12
N PHE B 395 29.56 -12.15 -27.57
CA PHE B 395 29.34 -10.83 -28.18
C PHE B 395 30.59 -10.05 -27.94
N SER B 396 30.86 -9.01 -28.72
CA SER B 396 32.06 -8.19 -28.51
C SER B 396 32.04 -7.54 -27.14
N ASN B 397 31.05 -6.69 -26.90
CA ASN B 397 31.04 -5.90 -25.69
C ASN B 397 29.65 -5.45 -25.20
N LEU B 398 28.81 -6.39 -24.81
CA LEU B 398 27.53 -6.04 -24.21
C LEU B 398 27.74 -5.40 -22.84
N GLU B 399 27.03 -4.31 -22.62
CA GLU B 399 26.97 -3.58 -21.37
C GLU B 399 25.62 -3.71 -20.66
N ILE B 400 24.54 -3.94 -21.42
CA ILE B 400 23.16 -4.02 -20.89
C ILE B 400 22.47 -5.21 -21.51
N ILE B 401 22.26 -6.23 -20.71
CA ILE B 401 21.59 -7.44 -21.18
C ILE B 401 20.24 -7.45 -20.49
N TYR B 402 19.18 -7.16 -21.25
CA TYR B 402 17.89 -6.84 -20.63
C TYR B 402 16.90 -7.93 -20.97
N LEU B 403 16.61 -8.75 -19.97
CA LEU B 403 15.72 -9.90 -20.12
C LEU B 403 14.51 -9.85 -19.19
N SER B 404 14.17 -8.66 -18.74
CA SER B 404 13.12 -8.48 -17.82
C SER B 404 11.78 -8.88 -18.45
N GLU B 405 10.89 -9.42 -17.62
CA GLU B 405 9.51 -9.74 -18.03
C GLU B 405 9.50 -10.81 -19.12
N ASN B 406 9.98 -11.98 -18.76
CA ASN B 406 9.93 -13.18 -19.57
C ASN B 406 9.44 -14.29 -18.67
N ARG B 407 9.68 -15.54 -19.03
CA ARG B 407 9.32 -16.66 -18.15
C ARG B 407 10.53 -17.49 -17.84
N ILE B 408 11.65 -16.85 -17.54
CA ILE B 408 12.83 -17.59 -17.27
C ILE B 408 12.68 -18.25 -15.88
N SER B 409 13.04 -19.52 -15.82
CA SER B 409 12.96 -20.30 -14.57
C SER B 409 14.33 -20.97 -14.35
N PRO B 410 14.53 -21.63 -13.19
CA PRO B 410 15.87 -22.15 -12.86
C PRO B 410 16.49 -23.09 -13.89
N LEU B 411 17.76 -22.85 -14.27
CA LEU B 411 18.46 -23.67 -15.25
C LEU B 411 19.36 -24.68 -14.54
N PHE B 437 -6.45 13.81 -20.05
CA PHE B 437 -5.81 12.99 -21.09
C PHE B 437 -4.70 12.04 -20.58
N GLU B 438 -4.75 10.82 -21.12
CA GLU B 438 -3.99 9.67 -20.66
C GLU B 438 -2.54 9.59 -21.18
N PHE B 439 -2.27 10.13 -22.35
CA PHE B 439 -0.93 10.00 -22.90
C PHE B 439 -0.24 11.36 -22.85
N ASP B 440 0.97 11.39 -22.31
CA ASP B 440 1.73 12.64 -22.23
C ASP B 440 2.12 13.04 -23.66
N PRO B 441 1.63 14.21 -24.12
CA PRO B 441 1.94 14.58 -25.50
C PRO B 441 3.42 14.86 -25.77
N HIS B 442 4.23 15.04 -24.72
CA HIS B 442 5.64 15.30 -24.90
C HIS B 442 6.57 14.09 -24.78
N SER B 443 6.03 12.87 -24.70
CA SER B 443 6.85 11.67 -24.62
C SER B 443 6.62 10.77 -25.79
N ASN B 444 7.49 9.77 -25.92
CA ASN B 444 7.25 8.76 -26.90
C ASN B 444 5.90 8.07 -26.70
N PHE B 445 5.13 7.92 -27.76
CA PHE B 445 3.84 7.26 -27.61
C PHE B 445 3.95 5.72 -27.58
N TYR B 446 4.98 5.14 -28.19
CA TYR B 446 5.01 3.67 -28.36
C TYR B 446 5.76 2.85 -27.28
N HIS B 447 6.53 3.53 -26.43
CA HIS B 447 7.33 2.87 -25.41
C HIS B 447 7.80 3.89 -24.38
N PHE B 448 8.15 3.41 -23.19
CA PHE B 448 8.63 4.27 -22.13
C PHE B 448 10.03 4.70 -22.54
N THR B 449 10.49 5.87 -22.10
CA THR B 449 11.84 6.33 -22.40
C THR B 449 12.78 6.42 -21.19
N ARG B 450 12.33 6.05 -20.00
CA ARG B 450 13.24 5.92 -18.86
C ARG B 450 14.38 4.93 -19.19
N PRO B 451 15.50 5.02 -18.50
CA PRO B 451 16.54 4.05 -18.86
C PRO B 451 16.08 2.59 -18.58
N LEU B 452 16.67 1.63 -19.28
CA LEU B 452 16.29 0.25 -19.06
C LEU B 452 16.68 -0.18 -17.68
N ILE B 453 17.85 0.31 -17.24
CA ILE B 453 18.55 -0.10 -16.03
C ILE B 453 18.66 1.20 -15.25
N LYS B 454 18.46 1.20 -13.93
CA LYS B 454 18.73 2.42 -13.15
C LYS B 454 20.17 2.82 -13.35
N PRO B 455 20.42 4.12 -13.58
CA PRO B 455 21.74 4.70 -13.84
C PRO B 455 22.71 4.44 -12.70
N GLN B 456 22.17 4.46 -11.49
CA GLN B 456 22.96 4.15 -10.30
C GLN B 456 23.57 2.74 -10.32
N CYS B 457 22.88 1.79 -10.95
CA CYS B 457 23.35 0.41 -11.10
C CYS B 457 24.21 0.23 -12.36
N ALA B 458 23.76 0.77 -13.48
CA ALA B 458 24.47 0.62 -14.77
C ALA B 458 25.85 1.27 -14.68
N ALA B 459 25.96 2.33 -13.87
CA ALA B 459 27.20 3.10 -13.68
C ALA B 459 28.35 2.26 -13.18
N TYR B 460 28.07 1.15 -12.51
CA TYR B 460 29.14 0.30 -12.05
C TYR B 460 29.71 -0.60 -13.15
N GLY B 461 29.08 -0.73 -14.29
CA GLY B 461 29.56 -1.68 -15.31
C GLY B 461 28.48 -2.53 -15.93
N LYS B 462 28.88 -3.71 -16.41
CA LYS B 462 28.00 -4.56 -17.20
C LYS B 462 26.76 -4.96 -16.40
N ALA B 463 25.60 -4.86 -17.02
CA ALA B 463 24.32 -5.10 -16.37
C ALA B 463 23.54 -6.28 -16.99
N LEU B 464 22.98 -7.08 -16.09
CA LEU B 464 22.11 -8.18 -16.43
C LEU B 464 20.81 -8.03 -15.62
N ASP B 465 19.72 -7.85 -16.34
CA ASP B 465 18.46 -7.59 -15.73
C ASP B 465 17.53 -8.74 -16.02
N LEU B 466 17.17 -9.45 -14.96
CA LEU B 466 16.34 -10.64 -15.07
C LEU B 466 15.09 -10.50 -14.23
N SER B 467 14.72 -9.26 -13.97
CA SER B 467 13.60 -8.99 -13.15
C SER B 467 12.35 -9.53 -13.81
N LEU B 468 11.33 -9.73 -12.97
CA LEU B 468 10.01 -10.21 -13.40
C LEU B 468 10.12 -11.50 -14.25
N ASN B 469 10.86 -12.45 -13.75
CA ASN B 469 10.91 -13.78 -14.33
C ASN B 469 10.50 -14.80 -13.26
N SER B 470 10.87 -16.05 -13.40
CA SER B 470 10.47 -17.04 -12.43
C SER B 470 11.65 -17.83 -11.93
N ILE B 471 12.73 -17.11 -11.65
CA ILE B 471 13.94 -17.73 -11.16
C ILE B 471 13.77 -17.84 -9.66
N PHE B 472 12.93 -18.81 -9.30
CA PHE B 472 12.47 -18.94 -7.92
C PHE B 472 13.57 -19.54 -7.03
N PHE B 473 14.60 -20.07 -7.66
CA PHE B 473 15.65 -20.69 -6.95
C PHE B 473 16.90 -20.61 -7.83
N ILE B 474 18.01 -20.18 -7.24
CA ILE B 474 19.27 -20.05 -7.96
C ILE B 474 20.11 -21.27 -7.63
N GLY B 475 20.37 -22.07 -8.65
CA GLY B 475 21.14 -23.30 -8.50
C GLY B 475 22.61 -23.02 -8.77
N PRO B 476 23.49 -23.94 -8.36
CA PRO B 476 24.93 -23.76 -8.47
C PRO B 476 25.39 -23.27 -9.85
N ASN B 477 24.70 -23.68 -10.91
CA ASN B 477 25.14 -23.34 -12.27
C ASN B 477 24.40 -22.19 -12.95
N GLN B 478 23.44 -21.57 -12.25
CA GLN B 478 22.63 -20.53 -12.88
C GLN B 478 23.43 -19.46 -13.61
N PHE B 479 24.58 -19.05 -13.05
CA PHE B 479 25.32 -17.92 -13.60
C PHE B 479 26.63 -18.28 -14.26
N GLU B 480 26.84 -19.55 -14.60
CA GLU B 480 28.06 -19.93 -15.32
C GLU B 480 28.20 -19.21 -16.65
N ASN B 481 29.42 -18.87 -17.03
CA ASN B 481 29.76 -18.41 -18.38
C ASN B 481 29.17 -17.09 -18.74
N LEU B 482 28.87 -16.31 -17.73
CA LEU B 482 28.40 -14.96 -17.94
C LEU B 482 29.59 -14.08 -18.04
N PRO B 483 29.40 -12.84 -18.54
CA PRO B 483 30.49 -11.88 -18.42
C PRO B 483 30.61 -11.36 -17.00
N ASP B 484 31.48 -10.38 -16.80
CA ASP B 484 31.80 -9.85 -15.51
C ASP B 484 30.73 -8.84 -15.18
N ILE B 485 29.61 -9.38 -14.67
CA ILE B 485 28.47 -8.57 -14.32
C ILE B 485 28.75 -7.70 -13.07
N ALA B 486 28.46 -6.41 -13.15
CA ALA B 486 28.59 -5.51 -12.02
C ALA B 486 27.26 -5.06 -11.50
N CYS B 487 26.20 -5.26 -12.28
CA CYS B 487 24.88 -4.74 -11.93
C CYS B 487 23.86 -5.84 -12.26
N LEU B 488 23.26 -6.45 -11.23
CA LEU B 488 22.38 -7.60 -11.37
C LEU B 488 21.02 -7.29 -10.77
N ASN B 489 19.98 -7.42 -11.60
CA ASN B 489 18.58 -7.25 -11.17
C ASN B 489 17.81 -8.58 -11.22
N LEU B 490 17.43 -9.04 -10.04
CA LEU B 490 16.66 -10.24 -9.92
C LEU B 490 15.37 -9.95 -9.19
N SER B 491 14.97 -8.70 -9.21
CA SER B 491 13.73 -8.33 -8.62
C SER B 491 12.54 -9.13 -9.15
N ALA B 492 11.57 -9.36 -8.26
CA ALA B 492 10.28 -9.95 -8.60
C ALA B 492 10.46 -11.27 -9.32
N ASN B 493 11.25 -12.20 -8.76
CA ASN B 493 11.43 -13.56 -9.32
C ASN B 493 10.81 -14.69 -8.46
N SER B 494 9.95 -14.29 -7.52
CA SER B 494 9.30 -15.21 -6.57
C SER B 494 10.31 -16.03 -5.86
N ASN B 495 11.49 -15.45 -5.58
CA ASN B 495 12.59 -16.25 -5.06
C ASN B 495 12.40 -16.46 -3.55
N ALA B 496 12.38 -17.72 -3.12
CA ALA B 496 12.14 -18.08 -1.72
C ALA B 496 13.29 -18.83 -1.11
N GLN B 497 14.42 -18.79 -1.77
CA GLN B 497 15.53 -19.61 -1.29
C GLN B 497 16.23 -18.96 -0.10
N VAL B 498 16.98 -19.84 0.57
CA VAL B 498 17.94 -19.42 1.57
C VAL B 498 19.27 -19.15 0.88
N LEU B 499 19.58 -17.90 0.63
CA LEU B 499 20.87 -17.55 0.06
C LEU B 499 21.97 -17.96 1.05
N SER B 500 23.08 -18.51 0.54
CA SER B 500 24.04 -19.20 1.40
C SER B 500 25.53 -18.86 1.21
N GLY B 501 25.86 -17.94 0.32
CA GLY B 501 27.22 -17.50 0.13
C GLY B 501 27.89 -18.18 -1.04
N THR B 502 27.16 -18.94 -1.85
CA THR B 502 27.73 -19.57 -3.05
C THR B 502 26.97 -19.29 -4.37
N GLU B 503 25.85 -18.60 -4.31
CA GLU B 503 24.96 -18.52 -5.49
C GLU B 503 25.52 -17.63 -6.62
N PHE B 504 26.23 -16.57 -6.25
CA PHE B 504 26.85 -15.65 -7.20
C PHE B 504 28.36 -15.84 -7.33
N SER B 505 28.86 -17.03 -6.96
CA SER B 505 30.29 -17.33 -7.06
C SER B 505 30.87 -17.15 -8.48
N ALA B 506 30.07 -17.37 -9.51
CA ALA B 506 30.55 -17.23 -10.91
C ALA B 506 30.55 -15.80 -11.39
N ILE B 507 29.82 -14.94 -10.69
CA ILE B 507 29.83 -13.50 -10.96
C ILE B 507 30.12 -12.76 -9.64
N PRO B 508 31.35 -12.92 -9.16
CA PRO B 508 31.65 -12.50 -7.83
C PRO B 508 31.91 -10.99 -7.71
N HIS B 509 31.87 -10.26 -8.82
CA HIS B 509 32.18 -8.83 -8.82
C HIS B 509 30.98 -7.91 -8.95
N VAL B 510 29.81 -8.45 -8.68
CA VAL B 510 28.59 -7.65 -8.62
C VAL B 510 28.76 -6.57 -7.55
N LYS B 511 28.48 -5.34 -7.93
CA LYS B 511 28.59 -4.16 -7.06
C LYS B 511 27.27 -3.59 -6.59
N TYR B 512 26.20 -3.90 -7.32
CA TYR B 512 24.86 -3.38 -7.11
C TYR B 512 23.89 -4.53 -7.41
N LEU B 513 23.20 -5.03 -6.39
CA LEU B 513 22.37 -6.21 -6.52
C LEU B 513 20.97 -5.81 -6.05
N ASP B 514 20.02 -5.98 -6.97
CA ASP B 514 18.61 -5.71 -6.71
C ASP B 514 17.89 -7.04 -6.53
N LEU B 515 17.46 -7.33 -5.28
CA LEU B 515 16.73 -8.57 -4.96
C LEU B 515 15.33 -8.28 -4.42
N THR B 516 14.84 -7.11 -4.83
CA THR B 516 13.61 -6.48 -4.35
C THR B 516 12.37 -7.34 -4.73
N ASN B 517 11.31 -7.32 -3.94
CA ASN B 517 10.06 -8.08 -4.30
C ASN B 517 10.26 -9.54 -4.58
N ASN B 518 10.99 -10.24 -3.73
CA ASN B 518 11.04 -11.71 -3.81
C ASN B 518 10.49 -12.24 -2.49
N ARG B 519 10.77 -13.47 -2.12
CA ARG B 519 10.25 -13.97 -0.82
C ARG B 519 11.36 -14.68 -0.09
N LEU B 520 12.45 -13.94 0.01
CA LEU B 520 13.69 -14.53 0.41
C LEU B 520 13.61 -14.99 1.85
N ASP B 521 14.09 -16.20 2.05
CA ASP B 521 14.23 -16.81 3.37
C ASP B 521 15.64 -16.53 3.90
N PHE B 522 15.75 -15.50 4.73
CA PHE B 522 17.05 -15.09 5.27
C PHE B 522 17.46 -15.94 6.43
N ASP B 523 18.02 -17.10 6.12
CA ASP B 523 18.33 -18.10 7.12
C ASP B 523 19.77 -18.57 7.03
N ASN B 524 20.70 -17.65 6.75
CA ASN B 524 22.12 -18.06 6.64
C ASN B 524 23.02 -16.87 6.75
N ALA B 525 23.85 -16.89 7.78
CA ALA B 525 24.72 -15.81 8.16
C ALA B 525 25.78 -15.48 7.13
N SER B 526 25.94 -16.31 6.10
CA SER B 526 26.95 -16.10 5.07
C SER B 526 26.36 -15.64 3.73
N ALA B 527 25.07 -15.38 3.73
CA ALA B 527 24.33 -15.09 2.52
C ALA B 527 24.97 -13.91 1.76
N LEU B 528 25.15 -14.05 0.45
CA LEU B 528 25.66 -12.96 -0.40
C LEU B 528 27.11 -12.57 -0.14
N THR B 529 27.75 -13.15 0.86
CA THR B 529 29.11 -12.75 1.18
C THR B 529 30.15 -13.12 0.14
N GLU B 530 29.84 -13.98 -0.82
CA GLU B 530 30.74 -14.26 -1.89
C GLU B 530 30.90 -13.03 -2.75
N LEU B 531 30.04 -12.01 -2.57
CA LEU B 531 30.19 -10.74 -3.32
C LEU B 531 30.99 -9.68 -2.55
N SER B 532 32.31 -9.88 -2.50
CA SER B 532 33.24 -9.02 -1.76
C SER B 532 33.18 -7.58 -2.12
N ASP B 533 32.90 -7.29 -3.39
CA ASP B 533 32.91 -5.90 -3.90
C ASP B 533 31.59 -5.17 -3.79
N LEU B 534 30.60 -5.81 -3.18
CA LEU B 534 29.23 -5.31 -3.20
C LEU B 534 29.15 -3.96 -2.48
N GLU B 535 28.46 -3.02 -3.11
CA GLU B 535 28.34 -1.65 -2.55
C GLU B 535 26.91 -1.25 -2.28
N VAL B 536 25.98 -1.77 -3.08
CA VAL B 536 24.57 -1.43 -2.99
C VAL B 536 23.79 -2.72 -3.02
N LEU B 537 23.02 -2.93 -1.94
CA LEU B 537 22.17 -4.10 -1.80
C LEU B 537 20.75 -3.64 -1.52
N ASP B 538 19.83 -4.08 -2.36
CA ASP B 538 18.40 -3.68 -2.25
C ASP B 538 17.61 -4.92 -1.94
N LEU B 539 17.09 -4.99 -0.70
CA LEU B 539 16.29 -6.12 -0.28
C LEU B 539 14.82 -5.74 0.07
N SER B 540 14.34 -4.64 -0.48
CA SER B 540 13.00 -4.15 -0.18
C SER B 540 11.99 -5.19 -0.60
N TYR B 541 10.86 -5.20 0.10
CA TYR B 541 9.69 -5.98 -0.25
C TYR B 541 10.02 -7.46 -0.30
N ASN B 542 10.72 -7.93 0.74
CA ASN B 542 10.91 -9.37 0.97
C ASN B 542 10.35 -9.74 2.34
N SER B 543 9.14 -9.25 2.59
CA SER B 543 8.28 -9.58 3.75
C SER B 543 7.99 -11.00 4.11
N HIS B 544 7.89 -11.85 3.10
CA HIS B 544 7.24 -13.16 3.24
C HIS B 544 7.60 -13.84 4.56
N TYR B 545 8.88 -14.12 4.74
CA TYR B 545 9.37 -14.87 5.90
C TYR B 545 9.57 -14.02 7.14
N PHE B 546 9.93 -12.75 6.97
CA PHE B 546 10.13 -11.88 8.13
C PHE B 546 8.87 -11.82 8.96
N ARG B 547 7.74 -11.75 8.28
CA ARG B 547 6.50 -11.50 9.00
C ARG B 547 6.05 -12.74 9.84
N ILE B 548 6.65 -13.91 9.63
CA ILE B 548 6.39 -15.11 10.41
C ILE B 548 7.32 -15.27 11.64
N ALA B 549 6.72 -15.22 12.82
CA ALA B 549 7.48 -15.13 14.06
C ALA B 549 8.30 -16.37 14.29
N GLY B 550 7.68 -17.52 14.03
CA GLY B 550 8.24 -18.80 14.35
C GLY B 550 9.26 -19.37 13.36
N VAL B 551 9.53 -18.70 12.25
CA VAL B 551 10.68 -19.12 11.46
C VAL B 551 11.88 -18.26 11.87
N THR B 552 13.08 -18.78 11.65
CA THR B 552 14.28 -17.99 11.94
C THR B 552 14.59 -16.95 10.91
N HIS B 553 15.25 -15.89 11.36
CA HIS B 553 15.64 -14.75 10.51
C HIS B 553 17.06 -14.27 10.85
N HIS B 554 17.91 -14.15 9.82
CA HIS B 554 19.36 -13.90 10.01
C HIS B 554 19.86 -12.79 9.09
N LEU B 555 20.10 -11.64 9.69
CA LEU B 555 20.65 -10.48 8.98
C LEU B 555 22.17 -10.22 9.30
N GLU B 556 22.86 -11.19 9.89
CA GLU B 556 24.28 -11.04 10.28
C GLU B 556 25.25 -10.90 9.08
N PHE B 557 24.92 -11.49 7.92
CA PHE B 557 25.74 -11.38 6.73
C PHE B 557 26.13 -9.92 6.40
N ILE B 558 25.34 -8.96 6.80
CA ILE B 558 25.63 -7.54 6.54
C ILE B 558 27.08 -7.15 6.91
N GLN B 559 27.56 -7.63 8.04
CA GLN B 559 28.79 -7.12 8.63
C GLN B 559 29.98 -7.63 7.88
N ASN B 560 29.77 -8.69 7.12
CA ASN B 560 30.83 -9.27 6.36
C ASN B 560 31.38 -8.35 5.23
N PHE B 561 30.55 -7.51 4.64
CA PHE B 561 30.95 -6.77 3.46
C PHE B 561 31.91 -5.65 3.84
N THR B 562 33.03 -5.50 3.14
CA THR B 562 33.97 -4.38 3.47
C THR B 562 33.75 -3.08 2.66
N ASN B 563 32.94 -3.16 1.58
CA ASN B 563 32.71 -2.02 0.65
C ASN B 563 31.24 -1.68 0.54
N LEU B 564 30.42 -2.26 1.41
CA LEU B 564 29.00 -2.07 1.27
C LEU B 564 28.68 -0.65 1.71
N LYS B 565 27.99 0.11 0.87
CA LYS B 565 27.67 1.50 1.22
C LYS B 565 26.19 1.78 1.54
N VAL B 566 25.31 1.17 0.73
CA VAL B 566 23.86 1.47 0.74
C VAL B 566 23.13 0.15 0.86
N LEU B 567 22.25 0.08 1.86
CA LEU B 567 21.43 -1.11 2.12
C LEU B 567 19.98 -0.72 2.31
N ASN B 568 19.10 -1.41 1.62
CA ASN B 568 17.71 -1.05 1.67
C ASN B 568 16.96 -2.25 2.17
N LEU B 569 16.42 -2.08 3.38
CA LEU B 569 15.64 -3.11 4.03
C LEU B 569 14.12 -2.78 4.12
N SER B 570 13.66 -1.87 3.25
CA SER B 570 12.35 -1.25 3.40
C SER B 570 11.23 -2.24 3.13
N HIS B 571 10.07 -2.02 3.75
CA HIS B 571 8.87 -2.84 3.52
C HIS B 571 9.09 -4.34 3.71
N ASN B 572 9.79 -4.68 4.77
CA ASN B 572 10.07 -6.05 5.10
C ASN B 572 9.33 -6.58 6.34
N ASN B 573 8.61 -5.70 7.05
CA ASN B 573 7.86 -6.06 8.24
C ASN B 573 8.76 -6.71 9.26
N ILE B 574 10.01 -6.25 9.33
CA ILE B 574 10.98 -6.79 10.25
C ILE B 574 10.53 -6.45 11.66
N TYR B 575 10.34 -7.48 12.47
CA TYR B 575 10.01 -7.33 13.89
C TYR B 575 10.68 -8.31 14.85
N THR B 576 11.30 -9.39 14.36
CA THR B 576 12.01 -10.33 15.20
C THR B 576 13.18 -10.96 14.36
N LEU B 577 14.37 -11.05 14.99
CA LEU B 577 15.55 -11.72 14.42
C LEU B 577 16.01 -12.80 15.36
N THR B 578 16.75 -13.77 14.83
CA THR B 578 17.23 -14.90 15.56
C THR B 578 18.66 -14.69 16.09
N ASP B 579 18.89 -14.80 17.40
CA ASP B 579 20.25 -14.80 17.98
C ASP B 579 20.92 -13.43 17.92
N LYS B 580 21.13 -12.89 16.73
CA LYS B 580 21.85 -11.65 16.59
C LYS B 580 20.84 -10.56 16.38
N TYR B 581 20.71 -9.65 17.32
CA TYR B 581 19.72 -8.64 17.25
C TYR B 581 20.19 -7.33 16.66
N ASN B 582 21.49 -7.24 16.40
CA ASN B 582 22.12 -5.99 16.02
C ASN B 582 22.59 -5.98 14.56
N LEU B 583 22.38 -4.85 13.86
CA LEU B 583 22.95 -4.66 12.54
C LEU B 583 24.34 -4.04 12.69
N GLU B 584 25.37 -4.69 12.11
CA GLU B 584 26.74 -4.23 12.20
C GLU B 584 27.44 -4.10 10.81
N SER B 585 28.20 -3.03 10.63
CA SER B 585 29.01 -2.78 9.44
C SER B 585 29.97 -1.61 9.74
N LYS B 586 31.22 -1.77 9.36
CA LYS B 586 32.16 -0.67 9.43
C LYS B 586 32.04 0.25 8.25
N SER B 587 31.52 -0.29 7.12
CA SER B 587 31.43 0.49 5.87
C SER B 587 30.13 1.26 5.61
N LEU B 588 28.97 0.71 5.96
CA LEU B 588 27.71 1.24 5.52
C LEU B 588 27.44 2.70 5.86
N VAL B 589 26.92 3.42 4.86
CA VAL B 589 26.69 4.86 4.92
C VAL B 589 25.20 5.18 4.97
N GLU B 590 24.41 4.32 4.34
CA GLU B 590 22.98 4.59 4.23
C GLU B 590 22.19 3.33 4.50
N LEU B 591 21.25 3.44 5.43
CA LEU B 591 20.31 2.37 5.74
C LEU B 591 18.88 2.87 5.61
N VAL B 592 18.09 2.21 4.75
CA VAL B 592 16.66 2.45 4.62
C VAL B 592 15.94 1.33 5.37
N PHE B 593 15.31 1.71 6.48
CA PHE B 593 14.60 0.74 7.33
C PHE B 593 13.11 1.06 7.39
N SER B 594 12.61 1.81 6.40
CA SER B 594 11.21 2.22 6.43
C SER B 594 10.29 1.02 6.21
N GLY B 595 9.10 1.08 6.76
CA GLY B 595 8.13 0.01 6.55
C GLY B 595 8.46 -1.27 7.24
N ASN B 596 9.10 -1.15 8.40
CA ASN B 596 9.33 -2.27 9.30
C ASN B 596 8.63 -2.07 10.65
N ARG B 597 8.94 -2.85 11.68
CA ARG B 597 8.14 -2.74 12.89
C ARG B 597 9.01 -2.39 14.06
N LEU B 598 9.66 -1.23 13.99
CA LEU B 598 10.44 -0.74 15.13
C LEU B 598 9.55 -0.52 16.34
N ASP B 599 8.27 -0.22 16.13
CA ASP B 599 7.33 -0.10 17.24
C ASP B 599 7.41 -1.36 18.13
N ILE B 600 7.57 -2.53 17.50
CA ILE B 600 7.70 -3.78 18.21
C ILE B 600 9.14 -4.03 18.67
N LEU B 601 10.12 -3.83 17.80
CA LEU B 601 11.52 -4.11 18.14
C LEU B 601 11.91 -3.32 19.37
N TRP B 602 11.44 -2.08 19.44
CA TRP B 602 11.73 -1.19 20.59
C TRP B 602 10.59 -1.12 21.63
N ASN B 603 9.73 -2.12 21.65
CA ASN B 603 8.67 -2.21 22.64
C ASN B 603 9.27 -2.05 24.04
N ASP B 604 8.59 -1.32 24.93
CA ASP B 604 9.12 -1.03 26.28
C ASP B 604 9.51 -2.22 27.14
N ASP B 605 8.94 -3.37 26.89
CA ASP B 605 9.21 -4.56 27.71
C ASP B 605 10.35 -5.39 27.16
N ASP B 606 11.01 -4.90 26.11
CA ASP B 606 12.03 -5.66 25.44
C ASP B 606 13.29 -4.81 25.25
N ASN B 607 14.40 -5.33 25.78
CA ASN B 607 15.66 -4.64 25.73
C ASN B 607 16.50 -5.14 24.56
N ARG B 608 16.13 -6.24 23.89
CA ARG B 608 17.08 -6.91 22.98
C ARG B 608 17.57 -6.11 21.73
N TYR B 609 16.77 -5.16 21.27
CA TYR B 609 16.99 -4.45 19.99
C TYR B 609 17.35 -2.98 20.23
N ILE B 610 17.75 -2.72 21.46
CA ILE B 610 17.95 -1.37 21.94
C ILE B 610 19.23 -0.74 21.31
N SER B 611 20.13 -1.57 20.78
CA SER B 611 21.34 -1.15 20.08
C SER B 611 21.39 -1.53 18.60
N ILE B 612 20.23 -1.68 17.97
CA ILE B 612 20.11 -2.41 16.71
C ILE B 612 20.90 -1.75 15.59
N PHE B 613 21.01 -0.42 15.63
CA PHE B 613 21.73 0.33 14.63
C PHE B 613 23.08 0.89 15.09
N LYS B 614 23.44 0.68 16.36
CA LYS B 614 24.66 1.30 16.96
C LYS B 614 25.95 0.88 16.26
N GLY B 615 26.01 -0.39 15.89
CA GLY B 615 27.15 -0.95 15.20
C GLY B 615 27.31 -0.55 13.74
N LEU B 616 26.37 0.17 13.19
CA LEU B 616 26.53 0.80 11.87
C LEU B 616 27.37 2.08 12.07
N LYS B 617 28.68 1.86 12.19
CA LYS B 617 29.62 2.83 12.73
C LYS B 617 29.93 3.97 11.80
N ASN B 618 29.63 3.77 10.52
CA ASN B 618 29.93 4.75 9.47
C ASN B 618 28.68 5.35 8.91
N LEU B 619 27.52 5.04 9.51
CA LEU B 619 26.27 5.55 9.00
C LEU B 619 26.10 7.05 9.09
N THR B 620 25.60 7.66 8.00
CA THR B 620 25.30 9.07 7.92
C THR B 620 23.85 9.32 7.48
N ARG B 621 23.23 8.35 6.80
CA ARG B 621 21.81 8.46 6.45
C ARG B 621 20.97 7.29 6.97
N LEU B 622 19.88 7.61 7.66
CA LEU B 622 19.04 6.58 8.27
C LEU B 622 17.59 6.97 8.08
N ASP B 623 16.83 6.01 7.54
CA ASP B 623 15.43 6.21 7.32
C ASP B 623 14.63 5.21 8.15
N LEU B 624 13.88 5.79 9.10
CA LEU B 624 13.07 5.04 10.07
C LEU B 624 11.60 5.37 9.90
N SER B 625 11.28 5.90 8.72
CA SER B 625 9.91 6.25 8.41
C SER B 625 9.04 5.00 8.33
N LEU B 626 7.74 5.20 8.53
CA LEU B 626 6.76 4.11 8.35
C LEU B 626 7.08 2.88 9.21
N ASN B 627 7.43 3.12 10.47
CA ASN B 627 7.68 2.03 11.43
C ASN B 627 6.64 1.99 12.58
N ARG B 628 5.48 2.62 12.34
CA ARG B 628 4.38 2.76 13.33
C ARG B 628 4.77 3.23 14.75
N LEU B 629 5.77 4.08 14.85
CA LEU B 629 6.34 4.47 16.13
C LEU B 629 5.49 5.49 16.85
N LYS B 630 5.22 5.24 18.13
CA LYS B 630 4.49 6.18 18.98
C LYS B 630 5.44 6.94 19.86
N HIS B 631 6.47 6.24 20.32
CA HIS B 631 7.58 6.85 20.99
C HIS B 631 8.81 6.01 20.78
N ILE B 632 9.96 6.63 20.96
CA ILE B 632 11.23 5.93 20.89
C ILE B 632 11.78 5.99 22.30
N PRO B 633 12.10 4.84 22.88
CA PRO B 633 12.76 4.85 24.19
C PRO B 633 14.05 5.62 24.13
N ASN B 634 14.22 6.56 25.06
CA ASN B 634 15.40 7.38 25.09
C ASN B 634 16.67 6.60 24.84
N GLU B 635 16.79 5.41 25.43
CA GLU B 635 18.04 4.66 25.28
C GLU B 635 18.24 4.19 23.82
N ALA B 636 17.13 3.96 23.13
CA ALA B 636 17.16 3.47 21.76
C ALA B 636 17.60 4.61 20.85
N PHE B 637 17.15 5.82 21.17
CA PHE B 637 17.53 6.98 20.41
C PHE B 637 19.00 7.31 20.62
N LEU B 638 19.45 7.17 21.86
CA LEU B 638 20.83 7.49 22.16
C LEU B 638 21.77 6.49 21.54
N ASN B 639 21.28 5.32 21.15
CA ASN B 639 22.14 4.31 20.52
C ASN B 639 22.18 4.40 18.99
N LEU B 640 21.52 5.40 18.40
CA LEU B 640 21.66 5.66 16.97
C LEU B 640 23.09 6.11 16.69
N PRO B 641 23.62 5.83 15.49
CA PRO B 641 25.03 6.19 15.25
C PRO B 641 25.26 7.70 15.35
N ALA B 642 26.32 8.08 16.05
CA ALA B 642 26.66 9.48 16.27
C ALA B 642 27.20 10.10 14.97
N SER B 643 27.58 9.25 14.03
CA SER B 643 28.01 9.71 12.71
C SER B 643 26.86 10.28 11.85
N LEU B 644 25.62 10.17 12.30
CA LEU B 644 24.51 10.60 11.46
C LEU B 644 24.54 12.08 11.04
N THR B 645 24.31 12.28 9.74
CA THR B 645 24.14 13.61 9.20
C THR B 645 22.71 13.83 8.75
N GLU B 646 21.99 12.73 8.52
CA GLU B 646 20.62 12.82 8.02
C GLU B 646 19.74 11.74 8.65
N LEU B 647 18.68 12.16 9.33
CA LEU B 647 17.79 11.22 10.02
C LEU B 647 16.32 11.45 9.66
N HIS B 648 15.65 10.41 9.17
CA HIS B 648 14.24 10.52 8.82
C HIS B 648 13.41 9.62 9.73
N ILE B 649 12.43 10.23 10.40
CA ILE B 649 11.46 9.49 11.21
C ILE B 649 10.05 9.94 10.82
N ASN B 650 9.91 10.38 9.57
CA ASN B 650 8.62 10.88 9.06
C ASN B 650 7.61 9.76 9.00
N ASP B 651 6.32 10.15 9.03
CA ASP B 651 5.17 9.23 8.88
C ASP B 651 5.24 8.07 9.84
N ASN B 652 5.50 8.40 11.09
CA ASN B 652 5.20 7.51 12.17
C ASN B 652 3.97 8.06 12.93
N MET B 653 3.84 7.77 14.23
CA MET B 653 2.75 8.33 15.03
C MET B 653 3.35 8.95 16.31
N LEU B 654 4.51 9.56 16.18
CA LEU B 654 5.17 10.12 17.32
C LEU B 654 4.35 11.24 17.99
N LYS B 655 4.13 11.06 19.30
CA LYS B 655 3.53 12.06 20.16
C LYS B 655 4.59 12.96 20.75
N PHE B 656 5.74 12.38 21.01
CA PHE B 656 6.81 13.12 21.66
C PHE B 656 8.19 12.85 21.05
N PHE B 657 8.99 13.89 21.07
CA PHE B 657 10.36 13.81 20.61
C PHE B 657 11.31 14.43 21.65
N ASN B 658 12.28 13.65 22.10
CA ASN B 658 13.22 14.16 23.09
C ASN B 658 14.34 15.01 22.50
N TRP B 659 14.07 16.31 22.42
CA TRP B 659 14.96 17.26 21.80
C TRP B 659 16.38 17.26 22.40
N THR B 660 16.50 16.97 23.69
CA THR B 660 17.80 17.10 24.34
C THR B 660 18.79 16.00 23.85
N LEU B 661 18.25 14.86 23.44
CA LEU B 661 19.05 13.76 22.89
C LEU B 661 19.82 14.15 21.63
N LEU B 662 19.43 15.24 20.96
CA LEU B 662 20.18 15.67 19.77
C LEU B 662 21.60 16.11 20.13
N GLN B 663 21.89 16.25 21.43
CA GLN B 663 23.24 16.51 21.91
C GLN B 663 24.22 15.43 21.53
N GLN B 664 23.74 14.21 21.32
CA GLN B 664 24.65 13.12 20.98
C GLN B 664 24.86 12.98 19.47
N PHE B 665 24.38 13.95 18.71
CA PHE B 665 24.53 13.90 17.28
C PHE B 665 25.12 15.18 16.73
N PRO B 666 26.43 15.38 16.95
CA PRO B 666 27.11 16.64 16.55
C PRO B 666 27.25 16.85 15.03
N ARG B 667 27.04 15.81 14.24
CA ARG B 667 27.18 15.86 12.79
C ARG B 667 25.81 16.06 12.14
N LEU B 668 24.75 16.03 12.94
CA LEU B 668 23.38 16.01 12.38
C LEU B 668 22.99 17.30 11.66
N GLU B 669 22.69 17.16 10.36
CA GLU B 669 22.26 18.33 9.58
C GLU B 669 20.80 18.29 9.14
N LEU B 670 20.21 17.11 8.98
CA LEU B 670 18.81 17.01 8.58
C LEU B 670 18.06 16.11 9.53
N LEU B 671 16.96 16.63 10.03
CA LEU B 671 16.08 15.89 10.85
C LEU B 671 14.71 16.05 10.29
N ASP B 672 14.12 14.92 9.95
CA ASP B 672 12.85 14.91 9.29
C ASP B 672 11.81 14.22 10.16
N LEU B 673 10.87 15.04 10.64
CA LEU B 673 9.85 14.60 11.58
C LEU B 673 8.45 14.82 11.03
N ARG B 674 8.34 15.00 9.73
CA ARG B 674 7.03 15.14 9.09
C ARG B 674 6.08 13.99 9.30
N GLY B 675 4.79 14.31 9.31
CA GLY B 675 3.75 13.30 9.35
C GLY B 675 3.69 12.52 10.66
N ASN B 676 3.83 13.21 11.78
CA ASN B 676 3.68 12.58 13.08
C ASN B 676 2.54 13.27 13.85
N LYS B 677 2.59 13.25 15.20
CA LYS B 677 1.52 13.85 16.02
C LYS B 677 2.13 14.69 17.13
N LEU B 678 3.29 15.27 16.85
CA LEU B 678 4.00 16.01 17.85
C LEU B 678 3.22 17.28 18.19
N LEU B 679 3.27 17.67 19.46
CA LEU B 679 2.49 18.80 19.99
C LEU B 679 3.37 19.99 20.39
N PHE B 680 4.62 19.72 20.75
CA PHE B 680 5.44 20.67 21.52
C PHE B 680 6.87 20.69 20.96
N LEU B 681 7.32 21.87 20.59
CA LEU B 681 8.71 22.07 20.29
C LEU B 681 9.41 22.50 21.57
N THR B 682 10.72 22.36 21.62
CA THR B 682 11.49 22.92 22.75
C THR B 682 11.91 24.38 22.52
N ASP B 683 12.15 25.09 23.62
CA ASP B 683 12.57 26.51 23.57
C ASP B 683 14.10 26.68 23.69
N SER B 684 14.82 25.58 23.86
CA SER B 684 16.28 25.62 23.95
C SER B 684 16.95 24.64 22.98
N LEU B 685 16.48 24.67 21.74
CA LEU B 685 17.09 23.89 20.69
C LEU B 685 18.58 24.15 20.59
N SER B 686 19.00 25.40 20.81
CA SER B 686 20.39 25.74 20.58
C SER B 686 21.29 25.05 21.60
N ASP B 687 20.70 24.60 22.70
CA ASP B 687 21.46 23.78 23.66
C ASP B 687 21.67 22.35 23.12
N PHE B 688 20.85 21.93 22.17
CA PHE B 688 20.85 20.51 21.81
C PHE B 688 21.50 20.22 20.48
N THR B 689 21.85 21.27 19.73
CA THR B 689 22.56 21.13 18.48
C THR B 689 23.09 22.47 18.00
N SER B 690 24.26 22.45 17.37
CA SER B 690 24.75 23.58 16.57
C SER B 690 25.01 23.18 15.11
N SER B 691 24.48 22.05 14.70
CA SER B 691 24.75 21.50 13.36
C SER B 691 23.52 21.52 12.47
N LEU B 692 22.37 21.28 13.08
CA LEU B 692 21.15 21.14 12.34
C LEU B 692 20.97 22.27 11.35
N ARG B 693 20.84 21.90 10.08
CA ARG B 693 20.55 22.84 8.99
C ARG B 693 19.09 22.80 8.55
N THR B 694 18.48 21.62 8.54
CA THR B 694 17.11 21.48 8.06
C THR B 694 16.30 20.75 9.10
N LEU B 695 15.18 21.37 9.47
CA LEU B 695 14.27 20.75 10.41
C LEU B 695 12.91 20.76 9.76
N LEU B 696 12.37 19.58 9.54
CA LEU B 696 11.13 19.40 8.83
C LEU B 696 10.09 18.89 9.80
N LEU B 697 9.02 19.66 9.97
CA LEU B 697 8.00 19.34 10.95
C LEU B 697 6.60 19.40 10.36
N SER B 698 6.48 19.38 9.04
CA SER B 698 5.17 19.42 8.39
C SER B 698 4.30 18.33 8.93
N HIS B 699 2.98 18.58 8.85
CA HIS B 699 1.96 17.64 9.23
C HIS B 699 2.20 17.06 10.60
N ASN B 700 2.25 17.95 11.59
CA ASN B 700 2.19 17.60 13.01
C ASN B 700 1.08 18.40 13.65
N ARG B 701 1.10 18.56 14.98
CA ARG B 701 0.00 19.19 15.71
C ARG B 701 0.50 20.37 16.53
N ILE B 702 1.64 20.89 16.15
CA ILE B 702 2.24 21.99 16.85
C ILE B 702 1.27 23.14 16.77
N SER B 703 1.02 23.79 17.90
CA SER B 703 0.17 24.95 17.90
C SER B 703 0.79 26.14 18.55
N HIS B 704 2.03 26.02 19.02
CA HIS B 704 2.72 27.20 19.51
C HIS B 704 4.19 27.06 19.30
N LEU B 705 4.79 28.12 18.76
CA LEU B 705 6.23 28.27 18.71
C LEU B 705 6.64 29.01 19.95
N PRO B 706 7.58 28.45 20.72
CA PRO B 706 8.14 29.15 21.86
C PRO B 706 9.13 30.25 21.46
N SER B 707 9.35 31.23 22.32
CA SER B 707 10.39 32.24 22.11
C SER B 707 11.76 31.59 22.32
N GLY B 708 12.81 32.05 21.62
CA GLY B 708 12.79 33.27 20.82
C GLY B 708 12.19 33.08 19.44
N PHE B 709 12.88 32.32 18.58
CA PHE B 709 12.23 31.81 17.37
C PHE B 709 11.65 30.42 17.59
N LEU B 710 12.49 29.39 17.65
CA LEU B 710 12.30 28.33 18.63
C LEU B 710 13.35 28.70 19.64
N SER B 711 14.59 28.57 19.18
CA SER B 711 15.74 29.21 19.76
C SER B 711 16.25 30.10 18.62
N GLU B 712 17.45 30.64 18.77
CA GLU B 712 18.24 30.98 17.60
C GLU B 712 19.37 29.94 17.45
N VAL B 713 19.06 28.93 16.64
CA VAL B 713 20.03 27.95 16.18
C VAL B 713 20.72 28.55 14.95
N SER B 714 21.98 28.92 15.12
CA SER B 714 22.70 29.65 14.07
C SER B 714 23.01 28.84 12.81
N SER B 715 23.01 27.51 12.93
CA SER B 715 23.22 26.60 11.78
C SER B 715 21.93 26.40 10.95
N LEU B 716 20.78 26.76 11.50
CA LEU B 716 19.51 26.43 10.88
C LEU B 716 19.10 27.37 9.74
N LYS B 717 19.11 26.82 8.53
CA LYS B 717 18.76 27.58 7.34
C LYS B 717 17.33 27.32 6.90
N HIS B 718 16.79 26.13 7.19
CA HIS B 718 15.47 25.73 6.67
C HIS B 718 14.56 25.10 7.72
N LEU B 719 13.47 25.79 8.01
CA LEU B 719 12.49 25.29 8.96
C LEU B 719 11.15 25.10 8.25
N ASP B 720 10.60 23.88 8.33
CA ASP B 720 9.29 23.61 7.75
C ASP B 720 8.29 23.39 8.86
N LEU B 721 7.26 24.25 8.86
CA LEU B 721 6.21 24.20 9.86
C LEU B 721 4.86 24.14 9.20
N SER B 722 4.85 23.88 7.90
CA SER B 722 3.61 23.80 7.16
C SER B 722 2.72 22.69 7.71
N SER B 723 1.41 22.84 7.51
CA SER B 723 0.40 21.91 7.98
C SER B 723 0.51 21.52 9.45
N ASN B 724 0.73 22.49 10.31
CA ASN B 724 0.49 22.30 11.74
C ASN B 724 -0.77 23.04 12.21
N LEU B 725 -0.97 23.15 13.52
CA LEU B 725 -2.12 23.86 14.08
C LEU B 725 -1.75 25.23 14.66
N LEU B 726 -0.96 26.02 13.94
CA LEU B 726 -0.54 27.34 14.42
C LEU B 726 -1.57 28.45 14.17
N LYS B 727 -1.96 29.12 15.25
CA LYS B 727 -2.84 30.31 15.22
C LYS B 727 -2.07 31.60 14.91
N THR B 728 -0.88 31.74 15.50
CA THR B 728 -0.10 33.00 15.41
C THR B 728 1.40 32.73 15.42
N ILE B 729 2.18 33.70 14.96
CA ILE B 729 3.54 33.84 15.43
C ILE B 729 3.65 35.24 16.00
N ASN B 730 3.90 35.31 17.29
CA ASN B 730 4.20 36.59 17.91
C ASN B 730 5.71 36.81 17.96
N LYS B 731 6.09 37.93 18.56
CA LYS B 731 7.48 38.21 18.87
C LYS B 731 8.04 37.13 19.82
N SER B 732 9.20 36.55 19.52
CA SER B 732 10.09 37.06 18.48
C SER B 732 11.02 35.96 17.97
N THR B 739 19.93 37.95 15.29
CA THR B 739 18.70 37.59 14.59
C THR B 739 18.82 36.19 13.95
N THR B 740 18.03 35.91 12.93
CA THR B 740 17.97 34.58 12.32
C THR B 740 19.11 34.35 11.33
N LYS B 741 19.26 33.10 10.89
CA LYS B 741 20.12 32.75 9.74
C LYS B 741 19.35 31.82 8.79
N LEU B 742 18.02 31.90 8.85
CA LEU B 742 17.11 31.17 7.99
C LEU B 742 17.14 31.65 6.53
N SER B 743 17.19 30.72 5.58
CA SER B 743 16.88 31.01 4.18
C SER B 743 15.41 30.78 3.86
N MET B 744 14.75 29.91 4.63
CA MET B 744 13.42 29.45 4.23
C MET B 744 12.53 29.00 5.38
N LEU B 745 11.32 29.54 5.40
CA LEU B 745 10.35 29.21 6.40
C LEU B 745 9.06 28.82 5.71
N GLU B 746 8.53 27.61 5.98
CA GLU B 746 7.32 27.15 5.32
C GLU B 746 6.22 27.10 6.34
N LEU B 747 5.09 27.67 5.96
CA LEU B 747 4.04 27.95 6.92
C LEU B 747 2.68 27.68 6.35
N HIS B 748 2.63 27.28 5.09
CA HIS B 748 1.35 27.08 4.44
C HIS B 748 0.50 26.05 5.17
N GLY B 749 -0.81 26.29 5.19
CA GLY B 749 -1.78 25.34 5.76
C GLY B 749 -1.90 25.28 7.27
N ASN B 750 -1.45 26.30 7.99
CA ASN B 750 -1.81 26.46 9.40
C ASN B 750 -3.05 27.34 9.58
N PRO B 751 -3.92 27.00 10.54
CA PRO B 751 -5.15 27.79 10.69
C PRO B 751 -4.86 29.12 11.39
N PHE B 752 -4.37 30.09 10.63
CA PHE B 752 -4.05 31.40 11.17
C PHE B 752 -5.28 32.22 11.57
N GLU B 753 -5.16 32.90 12.73
CA GLU B 753 -6.09 33.95 13.16
C GLU B 753 -5.68 35.27 12.55
N CYS B 754 -6.61 35.92 11.86
CA CYS B 754 -6.29 37.16 11.20
C CYS B 754 -7.02 38.32 11.87
N THR B 755 -6.70 38.50 13.14
CA THR B 755 -7.02 39.68 13.91
C THR B 755 -5.75 40.51 13.91
N CYS B 756 -5.73 41.55 14.72
CA CYS B 756 -4.61 42.50 14.75
C CYS B 756 -3.34 41.92 15.37
N ASP B 757 -3.43 40.74 15.99
CA ASP B 757 -2.28 40.11 16.67
C ASP B 757 -1.30 39.46 15.68
N ILE B 758 -1.77 39.22 14.47
CA ILE B 758 -0.94 38.68 13.40
C ILE B 758 -0.04 39.77 12.80
N GLY B 759 -0.20 40.99 13.29
CA GLY B 759 0.64 42.10 12.85
C GLY B 759 2.07 41.87 13.25
N ASP B 760 2.27 41.37 14.46
CA ASP B 760 3.59 40.98 14.90
C ASP B 760 4.32 40.38 13.72
N PHE B 761 3.84 39.22 13.29
CA PHE B 761 4.57 38.40 12.34
C PHE B 761 4.83 39.09 10.99
N ARG B 762 3.78 39.70 10.43
CA ARG B 762 3.89 40.47 9.19
C ARG B 762 5.08 41.43 9.13
N ARG B 763 5.26 42.20 10.19
CA ARG B 763 6.33 43.17 10.24
C ARG B 763 7.64 42.43 10.17
N TRP B 764 7.71 41.30 10.84
CA TRP B 764 8.87 40.43 10.76
C TRP B 764 9.13 40.03 9.30
N MET B 765 8.07 39.65 8.60
CA MET B 765 8.15 39.25 7.19
C MET B 765 8.66 40.39 6.32
N ASP B 766 8.10 41.57 6.55
CA ASP B 766 8.54 42.79 5.87
C ASP B 766 10.03 43.02 6.09
N GLU B 767 10.49 42.79 7.32
CA GLU B 767 11.88 43.02 7.66
C GLU B 767 12.83 42.02 7.03
N HIS B 768 12.46 40.74 7.04
CA HIS B 768 13.40 39.69 6.67
C HIS B 768 13.02 39.14 5.31
N LEU B 769 13.24 39.98 4.32
CA LEU B 769 12.73 39.74 3.00
C LEU B 769 13.51 38.63 2.36
N ASN B 770 14.75 38.39 2.79
CA ASN B 770 15.50 37.26 2.21
C ASN B 770 15.21 35.92 2.89
N VAL B 771 14.21 35.90 3.77
CA VAL B 771 13.72 34.65 4.30
C VAL B 771 12.55 34.18 3.44
N LYS B 772 12.83 33.26 2.53
CA LYS B 772 11.81 32.77 1.64
C LYS B 772 10.69 32.10 2.39
N ILE B 773 9.47 32.56 2.14
CA ILE B 773 8.28 31.89 2.58
C ILE B 773 7.46 31.47 1.36
N PRO B 774 7.59 30.19 0.95
CA PRO B 774 6.86 29.61 -0.17
C PRO B 774 5.34 29.60 -0.03
N ARG B 775 4.65 29.61 -1.17
CA ARG B 775 3.24 29.30 -1.23
C ARG B 775 2.41 30.20 -0.33
N LEU B 776 2.62 31.50 -0.48
CA LEU B 776 1.85 32.50 0.28
C LEU B 776 0.33 32.47 0.00
N VAL B 777 -0.04 32.09 -1.23
CA VAL B 777 -1.46 31.78 -1.52
C VAL B 777 -2.06 30.78 -0.55
N ASP B 778 -1.24 29.87 -0.02
CA ASP B 778 -1.73 28.79 0.85
C ASP B 778 -1.46 29.02 2.34
N VAL B 779 -0.87 30.16 2.66
CA VAL B 779 -0.77 30.58 4.05
C VAL B 779 -1.92 31.54 4.26
N ILE B 780 -3.04 30.97 4.71
CA ILE B 780 -4.31 31.65 4.73
C ILE B 780 -4.91 31.66 6.13
N CYS B 781 -5.83 32.60 6.33
CA CYS B 781 -6.51 32.76 7.61
C CYS B 781 -7.67 31.78 7.74
N ALA B 782 -7.84 31.17 8.90
CA ALA B 782 -9.04 30.40 9.20
C ALA B 782 -9.90 31.17 10.20
N SER B 783 -9.49 32.40 10.51
CA SER B 783 -10.16 33.26 11.49
C SER B 783 -9.78 34.73 11.24
N PRO B 784 -10.71 35.66 11.41
CA PRO B 784 -12.13 35.38 11.68
C PRO B 784 -12.91 35.35 10.37
N GLY B 785 -14.21 35.03 10.46
CA GLY B 785 -15.09 34.92 9.29
C GLY B 785 -14.77 35.80 8.08
N ASP B 786 -14.77 37.12 8.29
CA ASP B 786 -14.60 38.06 7.16
C ASP B 786 -13.21 38.00 6.51
N GLN B 787 -12.16 37.89 7.31
CA GLN B 787 -10.80 37.70 6.80
C GLN B 787 -10.57 36.28 6.30
N ARG B 788 -11.24 35.33 6.96
CA ARG B 788 -11.03 33.91 6.72
C ARG B 788 -11.21 33.50 5.25
N GLY B 789 -10.23 32.78 4.74
CA GLY B 789 -10.11 32.48 3.32
C GLY B 789 -8.88 33.12 2.72
N LYS B 790 -8.50 34.28 3.24
CA LYS B 790 -7.55 35.17 2.59
C LYS B 790 -6.09 34.83 2.93
N SER B 791 -5.17 35.28 2.09
CA SER B 791 -3.75 35.14 2.40
C SER B 791 -3.37 36.21 3.38
N ILE B 792 -3.00 35.79 4.58
CA ILE B 792 -2.56 36.73 5.61
C ILE B 792 -1.87 37.97 5.01
N VAL B 793 -1.04 37.76 3.99
CA VAL B 793 -0.10 38.79 3.52
C VAL B 793 -0.82 40.00 2.93
N SER B 794 -2.05 39.81 2.47
CA SER B 794 -2.86 40.94 2.10
C SER B 794 -3.80 41.22 3.30
#